data_6F05
#
_entry.id   6F05
#
_cell.length_a   61.430
_cell.length_b   93.970
_cell.length_c   107.710
_cell.angle_alpha   93.19
_cell.angle_beta   101.57
_cell.angle_gamma   101.97
#
_symmetry.space_group_name_H-M   'P 1'
#
loop_
_entity.id
_entity.type
_entity.pdbx_description
1 polymer 'Glutathione S-transferase F9'
2 non-polymer 'GLUTATHIONE SULFONIC ACID'
3 non-polymer GLYCEROL
4 non-polymer 'CHLORIDE ION'
5 water water
#
_entity_poly.entity_id   1
_entity_poly.type   'polypeptide(L)'
_entity_poly.pdbx_seq_one_letter_code
;MVLKVYGPHFASPKRALVTLIEKGVAFETIPVDLMKGEHKQPAYLALQPFGTVPAVVDGDYKIFESRAVMRYVAEKYRSQ
GPDLLGKTVEDRGQVEQWLDVEATTYHPPLLNLTLHIMFASVMGFPSDEKLIKESEEKLAGVLDVYEAHLSKSKYLAGDF
VSLADLAHLPFTDYLVGPIGKAYMIKDRKHVSAWWDDISSRPAWKETVAKYSFPA
;
_entity_poly.pdbx_strand_id   A,B,C,D,E,F,G,H,I,J
#
# COMPACT_ATOMS: atom_id res chain seq x y z
N VAL A 2 -20.14 42.59 -4.27
CA VAL A 2 -19.00 41.80 -3.79
C VAL A 2 -19.44 40.36 -3.46
N LEU A 3 -18.55 39.41 -3.68
CA LEU A 3 -18.82 38.00 -3.39
C LEU A 3 -19.24 37.78 -1.92
N LYS A 4 -20.32 37.03 -1.72
CA LYS A 4 -20.84 36.78 -0.37
C LYS A 4 -20.75 35.31 0.01
N VAL A 5 -20.28 35.05 1.24
CA VAL A 5 -20.19 33.68 1.74
C VAL A 5 -21.19 33.49 2.89
N TYR A 6 -22.10 32.53 2.73
CA TYR A 6 -23.10 32.28 3.77
C TYR A 6 -22.62 31.22 4.75
N GLY A 7 -22.75 31.54 6.03
CA GLY A 7 -22.44 30.63 7.12
C GLY A 7 -20.98 30.51 7.54
N PRO A 8 -20.27 31.65 7.64
CA PRO A 8 -18.81 31.61 7.86
C PRO A 8 -18.36 30.91 9.15
N HIS A 9 -19.24 30.87 10.16
CA HIS A 9 -18.87 30.33 11.47
C HIS A 9 -18.75 28.81 11.51
N PHE A 10 -19.23 28.12 10.49
CA PHE A 10 -19.21 26.66 10.46
C PHE A 10 -17.99 26.18 9.68
N ALA A 11 -17.73 24.87 9.70
CA ALA A 11 -16.46 24.33 9.21
C ALA A 11 -16.35 24.23 7.67
N SER A 12 -17.31 23.60 7.01
CA SER A 12 -17.25 23.53 5.54
C SER A 12 -17.11 24.90 4.86
N PRO A 13 -17.86 25.93 5.33
CA PRO A 13 -17.61 27.23 4.69
C PRO A 13 -16.18 27.73 4.80
N LYS A 14 -15.42 27.30 5.81
CA LYS A 14 -14.03 27.78 5.94
C LYS A 14 -13.13 27.24 4.85
N ARG A 15 -13.52 26.15 4.18
CA ARG A 15 -12.79 25.69 3.01
C ARG A 15 -12.82 26.81 1.95
N ALA A 16 -13.97 27.43 1.77
CA ALA A 16 -14.14 28.53 0.82
C ALA A 16 -13.41 29.79 1.30
N LEU A 17 -13.58 30.09 2.58
CA LEU A 17 -13.00 31.32 3.16
C LEU A 17 -11.50 31.32 3.05
N VAL A 18 -10.87 30.20 3.41
CA VAL A 18 -9.40 30.15 3.37
C VAL A 18 -8.92 30.31 1.93
N THR A 19 -9.67 29.76 0.97
CA THR A 19 -9.32 29.86 -0.45
C THR A 19 -9.44 31.32 -0.93
N LEU A 20 -10.53 31.97 -0.55
CA LEU A 20 -10.72 33.39 -0.85
C LEU A 20 -9.58 34.27 -0.30
N ILE A 21 -9.17 34.00 0.94
CA ILE A 21 -8.13 34.79 1.56
C ILE A 21 -6.79 34.47 0.89
N GLU A 22 -6.51 33.18 0.60
CA GLU A 22 -5.29 32.82 -0.13
C GLU A 22 -5.19 33.59 -1.46
N LYS A 23 -6.32 33.72 -2.17
CA LYS A 23 -6.30 34.33 -3.50
C LYS A 23 -6.42 35.87 -3.46
N GLY A 24 -6.56 36.43 -2.27
CA GLY A 24 -6.68 37.87 -2.10
C GLY A 24 -7.98 38.42 -2.67
N VAL A 25 -9.06 37.64 -2.57
CA VAL A 25 -10.34 38.09 -3.11
C VAL A 25 -11.16 38.82 -2.04
N ALA A 26 -11.75 39.95 -2.39
CA ALA A 26 -12.66 40.65 -1.48
C ALA A 26 -13.97 39.87 -1.33
N PHE A 27 -14.48 39.81 -0.11
CA PHE A 27 -15.74 39.10 0.10
C PHE A 27 -16.38 39.62 1.37
N GLU A 28 -17.68 39.35 1.49
CA GLU A 28 -18.41 39.60 2.73
C GLU A 28 -19.00 38.29 3.22
N THR A 29 -19.31 38.23 4.50
CA THR A 29 -19.91 37.01 5.03
C THR A 29 -21.28 37.29 5.58
N ILE A 30 -22.15 36.30 5.53
CA ILE A 30 -23.51 36.45 6.06
C ILE A 30 -23.83 35.27 6.96
N PRO A 31 -24.10 35.55 8.23
CA PRO A 31 -24.37 34.43 9.14
C PRO A 31 -25.67 33.68 8.80
N VAL A 32 -25.67 32.38 9.09
CA VAL A 32 -26.86 31.56 8.98
C VAL A 32 -27.03 30.84 10.30
N ASP A 33 -28.18 31.05 10.95
CA ASP A 33 -28.44 30.48 12.26
C ASP A 33 -28.87 29.04 12.18
N LEU A 34 -27.91 28.12 12.09
CA LEU A 34 -28.24 26.70 11.99
C LEU A 34 -28.99 26.21 13.22
N MET A 35 -28.62 26.70 14.41
CA MET A 35 -29.20 26.19 15.63
C MET A 35 -30.70 26.48 15.70
N LYS A 36 -31.12 27.59 15.08
CA LYS A 36 -32.53 27.94 15.00
C LYS A 36 -33.16 27.49 13.67
N GLY A 37 -32.41 26.72 12.87
CA GLY A 37 -32.92 26.13 11.64
C GLY A 37 -33.16 27.05 10.46
N GLU A 38 -32.44 28.17 10.43
CA GLU A 38 -32.60 29.15 9.36
C GLU A 38 -32.27 28.55 7.99
N HIS A 39 -31.36 27.58 7.98
CA HIS A 39 -30.91 26.95 6.76
C HIS A 39 -31.95 26.01 6.12
N LYS A 40 -33.02 25.70 6.86
CA LYS A 40 -34.09 24.85 6.35
C LYS A 40 -35.37 25.64 6.00
N GLN A 41 -35.27 26.96 6.06
CA GLN A 41 -36.39 27.84 5.76
C GLN A 41 -36.31 28.28 4.30
N PRO A 42 -37.45 28.66 3.70
CA PRO A 42 -37.51 28.92 2.25
C PRO A 42 -36.47 29.91 1.70
N ALA A 43 -36.15 30.95 2.46
CA ALA A 43 -35.23 31.96 1.96
C ALA A 43 -33.85 31.38 1.70
N TYR A 44 -33.35 30.57 2.63
CA TYR A 44 -32.01 30.01 2.44
C TYR A 44 -32.05 28.84 1.46
N LEU A 45 -33.15 28.09 1.45
CA LEU A 45 -33.28 26.96 0.53
C LEU A 45 -33.24 27.43 -0.92
N ALA A 46 -33.62 28.68 -1.15
CA ALA A 46 -33.51 29.32 -2.47
C ALA A 46 -32.06 29.52 -2.89
N LEU A 47 -31.15 29.59 -1.91
CA LEU A 47 -29.71 29.71 -2.21
C LEU A 47 -29.03 28.34 -2.27
N GLN A 48 -29.43 27.47 -1.35
CA GLN A 48 -28.85 26.14 -1.23
C GLN A 48 -30.02 25.17 -1.03
N PRO A 49 -30.47 24.52 -2.11
CA PRO A 49 -31.70 23.72 -2.01
C PRO A 49 -31.54 22.49 -1.09
N PHE A 50 -30.31 22.10 -0.78
CA PHE A 50 -30.09 20.96 0.13
C PHE A 50 -30.07 21.40 1.59
N GLY A 51 -30.20 22.71 1.82
CA GLY A 51 -30.23 23.25 3.16
C GLY A 51 -28.97 23.07 3.99
N THR A 52 -27.82 23.33 3.38
CA THR A 52 -26.57 23.29 4.11
C THR A 52 -25.69 24.50 3.81
N VAL A 53 -24.70 24.75 4.66
CA VAL A 53 -23.77 25.84 4.40
C VAL A 53 -22.44 25.23 4.00
N PRO A 54 -21.69 25.91 3.10
CA PRO A 54 -21.91 27.25 2.58
C PRO A 54 -22.76 27.34 1.31
N ALA A 55 -23.26 28.54 1.05
CA ALA A 55 -23.69 28.93 -0.28
C ALA A 55 -22.88 30.18 -0.56
N VAL A 56 -22.52 30.39 -1.82
CA VAL A 56 -21.79 31.58 -2.21
C VAL A 56 -22.54 32.25 -3.35
N VAL A 57 -22.66 33.57 -3.23
CA VAL A 57 -23.26 34.39 -4.28
C VAL A 57 -22.21 35.37 -4.80
N ASP A 58 -21.96 35.31 -6.10
CA ASP A 58 -20.96 36.17 -6.73
C ASP A 58 -21.66 37.02 -7.81
N GLY A 59 -22.19 38.17 -7.40
CA GLY A 59 -23.02 38.98 -8.28
C GLY A 59 -24.31 38.21 -8.61
N ASP A 60 -24.52 37.95 -9.90
CA ASP A 60 -25.68 37.15 -10.33
C ASP A 60 -25.42 35.66 -10.31
N TYR A 61 -24.18 35.29 -10.03
CA TYR A 61 -23.79 33.90 -10.05
C TYR A 61 -23.91 33.26 -8.66
N LYS A 62 -24.44 32.06 -8.60
CA LYS A 62 -24.62 31.35 -7.34
C LYS A 62 -23.98 29.96 -7.38
N ILE A 63 -23.24 29.59 -6.33
CA ILE A 63 -22.61 28.28 -6.32
C ILE A 63 -22.56 27.73 -4.89
N PHE A 64 -22.80 26.43 -4.75
CA PHE A 64 -22.66 25.80 -3.43
C PHE A 64 -21.81 24.53 -3.53
N GLU A 65 -21.70 23.79 -2.42
CA GLU A 65 -20.71 22.72 -2.21
C GLU A 65 -19.35 23.37 -1.98
N SER A 66 -18.86 23.22 -0.76
CA SER A 66 -17.67 23.93 -0.29
C SER A 66 -16.46 23.72 -1.22
N ARG A 67 -16.24 22.50 -1.70
CA ARG A 67 -15.07 22.24 -2.51
C ARG A 67 -15.29 22.72 -3.96
N ALA A 68 -16.54 22.79 -4.40
CA ALA A 68 -16.83 23.37 -5.71
C ALA A 68 -16.55 24.88 -5.66
N VAL A 69 -16.92 25.49 -4.54
CA VAL A 69 -16.65 26.91 -4.36
C VAL A 69 -15.15 27.15 -4.39
N MET A 70 -14.36 26.29 -3.74
CA MET A 70 -12.89 26.42 -3.78
C MET A 70 -12.39 26.42 -5.20
N ARG A 71 -12.85 25.44 -5.99
CA ARG A 71 -12.40 25.28 -7.36
C ARG A 71 -12.77 26.48 -8.22
N TYR A 72 -14.00 26.95 -8.06
CA TYR A 72 -14.47 28.12 -8.79
C TYR A 72 -13.63 29.37 -8.48
N VAL A 73 -13.38 29.58 -7.20
CA VAL A 73 -12.55 30.72 -6.79
C VAL A 73 -11.14 30.58 -7.34
N ALA A 74 -10.56 29.37 -7.23
CA ALA A 74 -9.17 29.13 -7.66
C ALA A 74 -8.98 29.30 -9.17
N GLU A 75 -10.01 28.98 -9.93
CA GLU A 75 -9.94 29.15 -11.37
C GLU A 75 -10.27 30.60 -11.80
N LYS A 76 -11.30 31.20 -11.21
CA LYS A 76 -11.66 32.56 -11.57
C LYS A 76 -10.55 33.56 -11.28
N TYR A 77 -9.85 33.35 -10.18
CA TYR A 77 -8.81 34.29 -9.78
C TYR A 77 -7.46 33.61 -9.91
N ARG A 78 -7.33 32.73 -10.91
CA ARG A 78 -6.16 31.84 -11.02
C ARG A 78 -4.83 32.58 -11.03
N SER A 79 -4.76 33.72 -11.70
CA SER A 79 -3.47 34.40 -11.85
C SER A 79 -3.02 35.10 -10.59
N GLN A 80 -3.89 35.27 -9.61
CA GLN A 80 -3.47 36.00 -8.43
C GLN A 80 -3.27 35.11 -7.21
N GLY A 81 -2.28 35.46 -6.38
CA GLY A 81 -1.92 34.62 -5.26
C GLY A 81 -1.25 33.36 -5.76
N PRO A 82 -1.05 32.38 -4.87
CA PRO A 82 -0.50 31.11 -5.32
C PRO A 82 -1.48 30.38 -6.22
N ASP A 83 -1.00 29.59 -7.17
CA ASP A 83 -1.93 28.84 -8.00
C ASP A 83 -2.29 27.54 -7.30
N LEU A 84 -3.44 27.55 -6.65
CA LEU A 84 -3.90 26.43 -5.84
C LEU A 84 -4.43 25.26 -6.69
N LEU A 85 -4.36 25.41 -8.01
CA LEU A 85 -4.74 24.35 -8.94
C LEU A 85 -3.50 23.69 -9.57
N GLY A 86 -2.31 24.18 -9.24
CA GLY A 86 -1.09 23.72 -9.89
C GLY A 86 -0.99 24.36 -11.27
N LYS A 87 0.05 24.05 -12.03
CA LYS A 87 0.23 24.68 -13.34
C LYS A 87 -0.31 23.84 -14.53
N THR A 88 -0.09 22.52 -14.50
CA THR A 88 -0.45 21.66 -15.63
C THR A 88 -1.73 20.85 -15.43
N VAL A 89 -2.20 20.23 -16.50
CA VAL A 89 -3.37 19.36 -16.45
C VAL A 89 -3.08 18.18 -15.51
N GLU A 90 -1.86 17.63 -15.59
CA GLU A 90 -1.44 16.60 -14.64
C GLU A 90 -1.42 17.09 -13.19
N ASP A 91 -0.91 18.31 -12.94
CA ASP A 91 -0.93 18.88 -11.59
C ASP A 91 -2.37 18.96 -11.11
N ARG A 92 -3.23 19.51 -11.96
CA ARG A 92 -4.61 19.67 -11.56
C ARG A 92 -5.28 18.33 -11.27
N GLY A 93 -4.95 17.31 -12.06
CA GLY A 93 -5.48 15.97 -11.80
C GLY A 93 -5.14 15.51 -10.38
N GLN A 94 -3.90 15.72 -9.96
CA GLN A 94 -3.50 15.30 -8.61
C GLN A 94 -4.25 16.11 -7.55
N VAL A 95 -4.49 17.39 -7.82
CA VAL A 95 -5.31 18.19 -6.90
C VAL A 95 -6.75 17.65 -6.80
N GLU A 96 -7.38 17.36 -7.95
CA GLU A 96 -8.75 16.84 -7.97
C GLU A 96 -8.82 15.51 -7.24
N GLN A 97 -7.78 14.70 -7.44
CA GLN A 97 -7.68 13.39 -6.83
C GLN A 97 -7.75 13.51 -5.31
N TRP A 98 -6.87 14.31 -4.73
CA TRP A 98 -6.81 14.36 -3.27
C TRP A 98 -7.99 15.12 -2.67
N LEU A 99 -8.54 16.07 -3.41
CA LEU A 99 -9.74 16.78 -2.99
C LEU A 99 -10.92 15.80 -2.89
N ASP A 100 -11.01 14.88 -3.86
CA ASP A 100 -12.04 13.85 -3.82
C ASP A 100 -11.74 12.82 -2.73
N VAL A 101 -10.45 12.55 -2.50
CA VAL A 101 -10.09 11.71 -1.33
C VAL A 101 -10.62 12.37 -0.06
N GLU A 102 -10.44 13.68 0.05
CA GLU A 102 -10.95 14.41 1.22
C GLU A 102 -12.48 14.32 1.32
N ALA A 103 -13.19 14.59 0.23
CA ALA A 103 -14.64 14.55 0.22
C ALA A 103 -15.21 13.14 0.51
N THR A 104 -14.57 12.10 -0.02
CA THR A 104 -15.23 10.80 -0.04
C THR A 104 -14.69 9.82 0.96
N THR A 105 -13.49 10.07 1.46
CA THR A 105 -12.76 9.08 2.23
C THR A 105 -12.32 9.59 3.62
N TYR A 106 -11.72 10.77 3.64
CA TYR A 106 -11.21 11.36 4.86
C TYR A 106 -12.32 12.02 5.68
N HIS A 107 -13.09 12.90 5.06
CA HIS A 107 -14.10 13.68 5.78
C HIS A 107 -15.26 12.86 6.39
N PRO A 108 -15.80 11.84 5.67
CA PRO A 108 -16.97 11.21 6.29
C PRO A 108 -16.69 10.59 7.68
N PRO A 109 -15.61 9.82 7.85
CA PRO A 109 -15.46 9.35 9.24
C PRO A 109 -15.12 10.50 10.19
N LEU A 110 -14.39 11.50 9.74
CA LEU A 110 -14.06 12.64 10.59
C LEU A 110 -15.31 13.43 10.97
N LEU A 111 -16.24 13.53 10.04
CA LEU A 111 -17.49 14.22 10.32
C LEU A 111 -18.24 13.51 11.45
N ASN A 112 -18.24 12.18 11.46
CA ASN A 112 -18.88 11.44 12.55
C ASN A 112 -18.28 11.79 13.92
N LEU A 113 -16.95 11.88 13.97
CA LEU A 113 -16.23 12.25 15.18
C LEU A 113 -16.64 13.68 15.60
N THR A 114 -16.74 14.55 14.62
CA THR A 114 -17.16 15.92 14.82
C THR A 114 -18.56 16.04 15.39
N LEU A 115 -19.51 15.33 14.80
CA LEU A 115 -20.90 15.39 15.22
C LEU A 115 -21.18 14.74 16.57
N HIS A 116 -20.69 13.51 16.75
CA HIS A 116 -21.05 12.72 17.92
C HIS A 116 -20.27 13.16 19.16
N ILE A 117 -19.25 13.98 18.95
CA ILE A 117 -18.56 14.61 20.08
C ILE A 117 -19.07 16.04 20.16
N MET A 118 -20.37 16.20 19.89
CA MET A 118 -21.07 17.48 19.97
C MET A 118 -20.46 18.53 19.04
N PHE A 119 -21.06 18.70 17.88
CA PHE A 119 -20.64 19.74 16.93
C PHE A 119 -21.51 20.99 17.07
N ASP A 128 -24.00 5.31 18.69
CA ASP A 128 -23.24 6.06 19.70
C ASP A 128 -21.76 5.74 19.60
N GLU A 129 -21.25 5.01 20.60
CA GLU A 129 -19.82 4.77 20.68
C GLU A 129 -19.35 3.67 19.74
N LYS A 130 -20.28 2.95 19.11
CA LYS A 130 -19.88 1.95 18.14
C LYS A 130 -19.42 2.69 16.89
N LEU A 131 -20.25 3.64 16.46
CA LEU A 131 -19.94 4.47 15.30
C LEU A 131 -18.65 5.27 15.53
N ILE A 132 -18.49 5.81 16.74
CA ILE A 132 -17.29 6.55 17.08
C ILE A 132 -16.03 5.69 16.97
N LYS A 133 -16.03 4.50 17.56
CA LYS A 133 -14.87 3.62 17.48
C LYS A 133 -14.59 3.25 16.03
N GLU A 134 -15.65 2.92 15.31
CA GLU A 134 -15.53 2.53 13.92
C GLU A 134 -15.00 3.69 13.08
N SER A 135 -15.51 4.89 13.33
CA SER A 135 -15.05 6.06 12.59
C SER A 135 -13.58 6.36 12.87
N GLU A 136 -13.16 6.21 14.13
CA GLU A 136 -11.78 6.51 14.49
C GLU A 136 -10.86 5.56 13.74
N GLU A 137 -11.21 4.27 13.76
CA GLU A 137 -10.45 3.24 13.06
C GLU A 137 -10.34 3.51 11.57
N LYS A 138 -11.47 3.88 10.96
CA LYS A 138 -11.48 4.21 9.55
C LYS A 138 -10.60 5.44 9.27
N LEU A 139 -10.73 6.48 10.08
CA LEU A 139 -9.91 7.68 9.87
C LEU A 139 -8.42 7.36 10.08
N ALA A 140 -8.13 6.50 11.06
CA ALA A 140 -6.75 6.11 11.29
C ALA A 140 -6.17 5.41 10.06
N GLY A 141 -6.98 4.57 9.42
CA GLY A 141 -6.53 3.91 8.19
C GLY A 141 -6.20 4.91 7.10
N VAL A 142 -7.07 5.88 6.91
CA VAL A 142 -6.81 6.91 5.90
C VAL A 142 -5.51 7.66 6.26
N LEU A 143 -5.33 8.01 7.52
CA LEU A 143 -4.14 8.76 7.91
C LEU A 143 -2.87 7.94 7.71
N ASP A 144 -2.96 6.61 7.82
CA ASP A 144 -1.83 5.74 7.51
C ASP A 144 -1.42 5.86 6.04
N VAL A 145 -2.41 5.94 5.14
CA VAL A 145 -2.09 6.16 3.73
C VAL A 145 -1.44 7.53 3.52
N TYR A 146 -2.01 8.55 4.14
CA TYR A 146 -1.47 9.92 4.09
C TYR A 146 -0.01 9.97 4.56
N GLU A 147 0.27 9.27 5.64
CA GLU A 147 1.61 9.24 6.22
C GLU A 147 2.62 8.69 5.22
N ALA A 148 2.30 7.56 4.60
CA ALA A 148 3.17 6.98 3.60
C ALA A 148 3.29 7.92 2.39
N HIS A 149 2.18 8.54 1.96
CA HIS A 149 2.22 9.46 0.80
C HIS A 149 3.06 10.71 1.15
N LEU A 150 2.79 11.29 2.31
CA LEU A 150 3.47 12.54 2.65
C LEU A 150 4.95 12.33 2.96
N SER A 151 5.40 11.09 3.11
CA SER A 151 6.83 10.84 3.34
C SER A 151 7.60 10.96 2.02
N LYS A 152 6.89 10.96 0.89
CA LYS A 152 7.50 11.11 -0.44
C LYS A 152 7.01 12.34 -1.23
N SER A 153 5.98 13.01 -0.74
CA SER A 153 5.43 14.17 -1.43
C SER A 153 5.24 15.30 -0.42
N LYS A 154 5.73 16.49 -0.77
CA LYS A 154 5.74 17.63 0.17
C LYS A 154 4.32 18.03 0.60
N TYR A 155 3.43 18.16 -0.38
CA TYR A 155 2.00 18.38 -0.14
C TYR A 155 1.25 17.20 -0.76
N LEU A 156 -0.06 17.15 -0.61
CA LEU A 156 -0.81 16.02 -1.12
C LEU A 156 -0.65 15.86 -2.64
N ALA A 157 -0.75 16.96 -3.38
CA ALA A 157 -0.80 16.87 -4.85
C ALA A 157 0.60 16.96 -5.49
N GLY A 158 1.62 17.17 -4.69
CA GLY A 158 2.95 17.26 -5.25
C GLY A 158 3.80 18.23 -4.44
N ASP A 159 4.69 18.96 -5.12
CA ASP A 159 5.62 19.85 -4.43
C ASP A 159 5.05 21.27 -4.23
N PHE A 160 3.74 21.44 -4.46
CA PHE A 160 3.07 22.73 -4.34
C PHE A 160 1.82 22.62 -3.47
N VAL A 161 1.55 23.64 -2.66
CA VAL A 161 0.33 23.67 -1.84
C VAL A 161 -0.89 23.86 -2.75
N SER A 162 -2.00 23.21 -2.39
CA SER A 162 -3.16 23.28 -3.28
C SER A 162 -4.46 23.24 -2.49
N LEU A 163 -5.58 23.32 -3.21
CA LEU A 163 -6.91 23.20 -2.62
C LEU A 163 -7.07 21.93 -1.81
N ALA A 164 -6.41 20.88 -2.30
CA ALA A 164 -6.50 19.56 -1.68
C ALA A 164 -5.99 19.66 -0.24
N ASP A 165 -4.89 20.37 -0.03
CA ASP A 165 -4.39 20.52 1.34
C ASP A 165 -5.36 21.36 2.15
N LEU A 166 -5.75 22.50 1.59
CA LEU A 166 -6.59 23.47 2.30
C LEU A 166 -7.93 22.88 2.71
N ALA A 167 -8.44 21.94 1.92
CA ALA A 167 -9.75 21.35 2.21
C ALA A 167 -9.75 20.59 3.52
N HIS A 168 -8.57 20.16 3.96
CA HIS A 168 -8.43 19.40 5.22
C HIS A 168 -8.38 20.27 6.49
N LEU A 169 -8.24 21.59 6.33
CA LEU A 169 -8.05 22.46 7.50
C LEU A 169 -9.23 22.51 8.50
N PRO A 170 -10.46 22.74 8.02
CA PRO A 170 -11.46 23.07 9.05
C PRO A 170 -11.84 21.92 10.00
N PHE A 171 -12.01 20.71 9.49
CA PHE A 171 -12.46 19.63 10.37
C PHE A 171 -11.28 18.96 11.11
N THR A 172 -10.09 19.02 10.52
CA THR A 172 -8.88 18.55 11.21
C THR A 172 -8.55 19.48 12.37
N ASP A 173 -8.88 20.76 12.20
CA ASP A 173 -8.68 21.73 13.29
C ASP A 173 -9.50 21.27 14.48
N TYR A 174 -10.71 20.77 14.22
CA TYR A 174 -11.55 20.21 15.27
C TYR A 174 -10.90 18.98 15.92
N LEU A 175 -10.40 18.07 15.07
CA LEU A 175 -9.82 16.81 15.53
C LEU A 175 -8.71 17.00 16.55
N VAL A 176 -7.82 17.94 16.27
CA VAL A 176 -6.66 18.13 17.10
C VAL A 176 -6.97 19.11 18.23
N GLY A 177 -8.13 19.75 18.13
CA GLY A 177 -8.56 20.69 19.14
C GLY A 177 -9.63 20.14 20.06
N PRO A 178 -10.86 20.67 19.94
CA PRO A 178 -11.97 20.33 20.83
C PRO A 178 -12.30 18.84 20.88
N ILE A 179 -12.08 18.10 19.79
CA ILE A 179 -12.37 16.67 19.81
C ILE A 179 -11.36 15.96 20.72
N GLY A 180 -10.19 16.54 20.85
CA GLY A 180 -9.15 16.07 21.74
C GLY A 180 -8.44 14.80 21.33
N LYS A 181 -8.30 14.61 20.01
CA LYS A 181 -7.62 13.44 19.46
C LYS A 181 -6.45 13.87 18.58
N ALA A 182 -5.67 14.84 19.04
CA ALA A 182 -4.53 15.35 18.28
C ALA A 182 -3.51 14.24 17.95
N TYR A 183 -3.44 13.19 18.77
CA TYR A 183 -2.47 12.11 18.52
C TYR A 183 -2.68 11.49 17.13
N MET A 184 -3.90 11.53 16.60
CA MET A 184 -4.14 10.93 15.27
C MET A 184 -3.29 11.67 14.23
N ILE A 185 -3.09 12.96 14.45
CA ILE A 185 -2.19 13.74 13.61
C ILE A 185 -0.75 13.64 14.17
N LYS A 186 -0.61 13.79 15.47
CA LYS A 186 0.71 13.92 16.11
C LYS A 186 1.57 12.66 16.01
N ASP A 187 0.94 11.49 16.07
CA ASP A 187 1.70 10.25 16.09
C ASP A 187 2.25 9.87 14.71
N ARG A 188 1.86 10.62 13.69
CA ARG A 188 2.34 10.36 12.33
C ARG A 188 3.23 11.50 11.85
N LYS A 189 4.54 11.26 11.82
CA LYS A 189 5.56 12.30 11.66
C LYS A 189 5.35 13.20 10.44
N HIS A 190 5.11 12.59 9.30
CA HIS A 190 5.00 13.37 8.09
C HIS A 190 3.67 14.07 8.01
N VAL A 191 2.62 13.41 8.48
CA VAL A 191 1.34 14.08 8.59
C VAL A 191 1.43 15.26 9.55
N SER A 192 2.12 15.07 10.69
CA SER A 192 2.20 16.14 11.69
C SER A 192 2.94 17.37 11.15
N ALA A 193 4.04 17.15 10.43
CA ALA A 193 4.80 18.26 9.84
C ALA A 193 4.00 18.97 8.74
N TRP A 194 3.24 18.19 7.97
CA TRP A 194 2.39 18.74 6.91
C TRP A 194 1.28 19.58 7.55
N TRP A 195 0.68 19.05 8.61
CA TRP A 195 -0.35 19.82 9.33
C TRP A 195 0.23 21.14 9.89
N ASP A 196 1.41 21.06 10.52
CA ASP A 196 2.06 22.27 11.06
C ASP A 196 2.22 23.37 10.01
N ASP A 197 2.61 22.94 8.81
CA ASP A 197 2.84 23.82 7.70
C ASP A 197 1.52 24.47 7.19
N ILE A 198 0.54 23.66 6.80
CA ILE A 198 -0.63 24.27 6.16
C ILE A 198 -1.45 25.06 7.18
N SER A 199 -1.47 24.62 8.43
CA SER A 199 -2.30 25.31 9.42
C SER A 199 -1.62 26.53 10.03
N SER A 200 -0.35 26.78 9.71
CA SER A 200 0.32 28.01 10.15
C SER A 200 0.37 29.04 9.02
N ARG A 201 -0.23 28.71 7.88
CA ARG A 201 -0.31 29.69 6.80
C ARG A 201 -1.17 30.87 7.26
N PRO A 202 -0.76 32.10 6.91
CA PRO A 202 -1.50 33.29 7.37
C PRO A 202 -2.99 33.27 6.93
N ALA A 203 -3.30 32.72 5.77
CA ALA A 203 -4.70 32.72 5.33
C ALA A 203 -5.53 31.87 6.27
N TRP A 204 -4.98 30.76 6.75
CA TRP A 204 -5.72 29.93 7.69
C TRP A 204 -5.79 30.62 9.06
N LYS A 205 -4.67 31.21 9.50
CA LYS A 205 -4.71 31.90 10.78
C LYS A 205 -5.77 33.01 10.74
N GLU A 206 -5.86 33.71 9.61
CA GLU A 206 -6.84 34.77 9.48
C GLU A 206 -8.28 34.21 9.48
N THR A 207 -8.49 33.08 8.79
CA THR A 207 -9.81 32.47 8.77
C THR A 207 -10.32 32.16 10.17
N VAL A 208 -9.46 31.58 10.99
CA VAL A 208 -9.85 31.21 12.34
C VAL A 208 -10.06 32.42 13.23
N ALA A 209 -9.17 33.41 13.11
CA ALA A 209 -9.27 34.61 13.92
C ALA A 209 -10.57 35.35 13.65
N LYS A 210 -11.02 35.39 12.40
CA LYS A 210 -12.20 36.22 12.09
C LYS A 210 -13.52 35.46 12.17
N TYR A 211 -13.47 34.14 11.95
CA TYR A 211 -14.71 33.40 11.70
C TYR A 211 -14.95 32.15 12.56
N SER A 212 -14.32 32.08 13.72
CA SER A 212 -14.55 30.99 14.67
C SER A 212 -15.88 31.06 15.45
N PHE A 213 -16.44 29.90 15.77
CA PHE A 213 -17.59 29.72 16.70
C PHE A 213 -18.95 29.89 16.05
N VAL B 2 -0.94 4.15 -24.32
CA VAL B 2 -2.40 4.05 -24.27
C VAL B 2 -2.89 4.00 -22.82
N LEU B 3 -3.75 4.95 -22.48
CA LEU B 3 -4.34 5.02 -21.16
C LEU B 3 -4.99 3.71 -20.69
N LYS B 4 -4.72 3.32 -19.44
CA LYS B 4 -5.27 2.10 -18.87
C LYS B 4 -6.20 2.37 -17.71
N VAL B 5 -7.36 1.71 -17.72
CA VAL B 5 -8.34 1.82 -16.66
C VAL B 5 -8.46 0.50 -15.89
N TYR B 6 -8.25 0.53 -14.57
CA TYR B 6 -8.32 -0.68 -13.76
C TYR B 6 -9.72 -0.92 -13.19
N GLY B 7 -10.20 -2.16 -13.35
CA GLY B 7 -11.47 -2.58 -12.78
C GLY B 7 -12.77 -2.22 -13.52
N PRO B 8 -12.81 -2.32 -14.87
CA PRO B 8 -13.99 -1.86 -15.64
C PRO B 8 -15.33 -2.55 -15.30
N HIS B 9 -15.29 -3.74 -14.73
CA HIS B 9 -16.54 -4.47 -14.48
C HIS B 9 -17.37 -3.86 -13.34
N PHE B 10 -16.77 -2.96 -12.57
CA PHE B 10 -17.43 -2.35 -11.43
C PHE B 10 -17.98 -0.97 -11.77
N ALA B 11 -18.77 -0.39 -10.85
CA ALA B 11 -19.53 0.83 -11.16
C ALA B 11 -18.73 2.14 -11.13
N SER B 12 -17.98 2.44 -10.06
CA SER B 12 -17.21 3.71 -10.05
C SER B 12 -16.29 3.84 -11.28
N PRO B 13 -15.60 2.76 -11.67
CA PRO B 13 -14.79 2.88 -12.88
C PRO B 13 -15.56 3.27 -14.13
N LYS B 14 -16.86 2.97 -14.20
CA LYS B 14 -17.64 3.36 -15.39
C LYS B 14 -17.83 4.89 -15.51
N ARG B 15 -17.67 5.64 -14.40
CA ARG B 15 -17.63 7.12 -14.51
C ARG B 15 -16.47 7.51 -15.43
N ALA B 16 -15.33 6.83 -15.28
CA ALA B 16 -14.16 7.08 -16.12
C ALA B 16 -14.40 6.58 -17.54
N LEU B 17 -14.91 5.36 -17.67
CA LEU B 17 -15.08 4.75 -18.99
C LEU B 17 -16.01 5.62 -19.85
N VAL B 18 -17.14 6.06 -19.29
CA VAL B 18 -18.11 6.80 -20.10
C VAL B 18 -17.56 8.16 -20.56
N THR B 19 -16.75 8.79 -19.72
CA THR B 19 -16.10 10.05 -20.07
C THR B 19 -15.06 9.86 -21.18
N LEU B 20 -14.23 8.81 -21.04
CA LEU B 20 -13.25 8.46 -22.07
C LEU B 20 -13.94 8.19 -23.42
N ILE B 21 -15.08 7.50 -23.38
CA ILE B 21 -15.74 7.17 -24.63
C ILE B 21 -16.34 8.44 -25.20
N GLU B 22 -16.98 9.26 -24.36
CA GLU B 22 -17.53 10.55 -24.83
C GLU B 22 -16.45 11.39 -25.51
N LYS B 23 -15.22 11.35 -24.96
CA LYS B 23 -14.16 12.21 -25.47
C LYS B 23 -13.38 11.61 -26.63
N GLY B 24 -13.72 10.38 -27.02
CA GLY B 24 -13.04 9.74 -28.12
C GLY B 24 -11.60 9.40 -27.81
N VAL B 25 -11.34 9.06 -26.56
CA VAL B 25 -10.00 8.71 -26.15
C VAL B 25 -9.78 7.19 -26.22
N ALA B 26 -8.67 6.76 -26.82
CA ALA B 26 -8.29 5.35 -26.84
C ALA B 26 -7.87 4.90 -25.45
N PHE B 27 -8.26 3.68 -25.06
CA PHE B 27 -7.85 3.15 -23.76
C PHE B 27 -7.89 1.60 -23.73
N GLU B 28 -7.23 1.03 -22.72
CA GLU B 28 -7.31 -0.40 -22.43
C GLU B 28 -7.85 -0.55 -21.03
N THR B 29 -8.40 -1.71 -20.72
CA THR B 29 -8.91 -1.95 -19.38
C THR B 29 -8.16 -3.11 -18.75
N ILE B 30 -8.04 -3.10 -17.43
CA ILE B 30 -7.36 -4.19 -16.75
C ILE B 30 -8.25 -4.66 -15.60
N PRO B 31 -8.61 -5.95 -15.60
CA PRO B 31 -9.52 -6.45 -14.57
C PRO B 31 -8.89 -6.44 -13.20
N VAL B 32 -9.70 -6.23 -12.17
CA VAL B 32 -9.22 -6.39 -10.81
C VAL B 32 -10.23 -7.27 -10.09
N ASP B 33 -9.78 -8.42 -9.60
CA ASP B 33 -10.69 -9.37 -8.99
C ASP B 33 -11.03 -9.01 -7.53
N LEU B 34 -12.01 -8.13 -7.35
CA LEU B 34 -12.40 -7.68 -6.02
C LEU B 34 -12.85 -8.85 -5.13
N MET B 35 -13.56 -9.79 -5.73
CA MET B 35 -14.09 -10.91 -4.98
C MET B 35 -12.94 -11.79 -4.48
N LYS B 36 -11.82 -11.75 -5.19
CA LYS B 36 -10.65 -12.51 -4.74
C LYS B 36 -9.66 -11.66 -3.95
N GLY B 37 -10.04 -10.40 -3.72
CA GLY B 37 -9.25 -9.47 -2.93
C GLY B 37 -8.00 -8.93 -3.61
N GLU B 38 -7.98 -8.95 -4.94
CA GLU B 38 -6.81 -8.50 -5.68
C GLU B 38 -6.50 -7.03 -5.41
N HIS B 39 -7.54 -6.24 -5.15
CA HIS B 39 -7.41 -4.81 -4.92
C HIS B 39 -6.77 -4.47 -3.57
N LYS B 40 -6.62 -5.47 -2.71
CA LYS B 40 -5.98 -5.25 -1.40
C LYS B 40 -4.59 -5.87 -1.32
N GLN B 41 -4.07 -6.32 -2.45
CA GLN B 41 -2.73 -6.92 -2.52
C GLN B 41 -1.74 -5.82 -2.91
N PRO B 42 -0.45 -6.01 -2.57
CA PRO B 42 0.59 -5.00 -2.78
C PRO B 42 0.65 -4.45 -4.20
N ALA B 43 0.42 -5.30 -5.19
CA ALA B 43 0.52 -4.88 -6.58
C ALA B 43 -0.46 -3.77 -6.91
N TYR B 44 -1.71 -3.97 -6.53
CA TYR B 44 -2.71 -2.98 -6.88
C TYR B 44 -2.64 -1.79 -5.90
N LEU B 45 -2.25 -2.03 -4.65
CA LEU B 45 -2.13 -0.95 -3.66
C LEU B 45 -1.08 0.09 -4.07
N ALA B 46 -0.08 -0.34 -4.85
CA ALA B 46 0.90 0.57 -5.43
C ALA B 46 0.26 1.50 -6.47
N LEU B 47 -0.87 1.11 -7.03
CA LEU B 47 -1.57 1.99 -7.96
C LEU B 47 -2.62 2.84 -7.25
N GLN B 48 -3.30 2.22 -6.30
CA GLN B 48 -4.34 2.88 -5.55
C GLN B 48 -4.18 2.53 -4.08
N PRO B 49 -3.52 3.41 -3.32
CA PRO B 49 -3.15 3.08 -1.94
C PRO B 49 -4.36 2.89 -1.04
N PHE B 50 -5.55 3.32 -1.45
CA PHE B 50 -6.74 3.08 -0.63
C PHE B 50 -7.40 1.74 -0.96
N GLY B 51 -6.84 1.04 -1.95
CA GLY B 51 -7.37 -0.25 -2.35
C GLY B 51 -8.78 -0.26 -2.92
N THR B 52 -9.08 0.69 -3.80
CA THR B 52 -10.38 0.71 -4.48
C THR B 52 -10.22 0.91 -5.97
N VAL B 53 -11.26 0.60 -6.75
CA VAL B 53 -11.20 0.84 -8.19
C VAL B 53 -12.13 2.03 -8.46
N PRO B 54 -11.78 2.86 -9.45
CA PRO B 54 -10.69 2.70 -10.41
C PRO B 54 -9.35 3.28 -10.01
N ALA B 55 -8.33 2.84 -10.74
CA ALA B 55 -7.07 3.54 -10.86
C ALA B 55 -6.90 3.72 -12.36
N VAL B 56 -6.27 4.81 -12.76
CA VAL B 56 -5.97 5.05 -14.16
C VAL B 56 -4.47 5.30 -14.33
N VAL B 57 -3.87 4.64 -15.30
CA VAL B 57 -2.48 4.90 -15.62
C VAL B 57 -2.41 5.43 -17.05
N ASP B 58 -1.86 6.64 -17.18
CA ASP B 58 -1.77 7.30 -18.47
C ASP B 58 -0.31 7.60 -18.78
N GLY B 59 0.38 6.64 -19.40
CA GLY B 59 1.81 6.72 -19.59
C GLY B 59 2.47 6.59 -18.23
N ASP B 60 3.27 7.58 -17.82
CA ASP B 60 3.92 7.56 -16.50
C ASP B 60 3.05 8.19 -15.41
N TYR B 61 1.92 8.75 -15.82
CA TYR B 61 1.04 9.48 -14.94
C TYR B 61 -0.03 8.56 -14.36
N LYS B 62 -0.25 8.69 -13.07
CA LYS B 62 -1.17 7.85 -12.35
C LYS B 62 -2.19 8.73 -11.63
N ILE B 63 -3.47 8.39 -11.74
CA ILE B 63 -4.52 9.14 -11.06
C ILE B 63 -5.64 8.20 -10.66
N PHE B 64 -6.20 8.41 -9.47
CA PHE B 64 -7.36 7.63 -9.01
C PHE B 64 -8.43 8.57 -8.46
N GLU B 65 -9.50 8.00 -7.89
CA GLU B 65 -10.77 8.69 -7.60
C GLU B 65 -11.51 8.89 -8.93
N SER B 66 -12.64 8.21 -9.08
CA SER B 66 -13.35 8.15 -10.35
C SER B 66 -13.67 9.55 -10.93
N ARG B 67 -14.12 10.47 -10.09
CA ARG B 67 -14.54 11.79 -10.58
C ARG B 67 -13.33 12.69 -10.88
N ALA B 68 -12.20 12.44 -10.22
CA ALA B 68 -10.97 13.14 -10.53
C ALA B 68 -10.49 12.69 -11.90
N VAL B 69 -10.63 11.39 -12.17
CA VAL B 69 -10.28 10.86 -13.48
C VAL B 69 -11.14 11.51 -14.58
N MET B 70 -12.42 11.70 -14.30
CA MET B 70 -13.33 12.38 -15.26
C MET B 70 -12.80 13.77 -15.60
N ARG B 71 -12.47 14.53 -14.56
CA ARG B 71 -12.01 15.90 -14.67
C ARG B 71 -10.73 15.97 -15.46
N TYR B 72 -9.79 15.08 -15.12
CA TYR B 72 -8.48 15.04 -15.80
C TYR B 72 -8.65 14.72 -17.29
N VAL B 73 -9.46 13.70 -17.60
CA VAL B 73 -9.73 13.34 -18.98
C VAL B 73 -10.46 14.48 -19.70
N ALA B 74 -11.48 15.05 -19.07
CA ALA B 74 -12.23 16.15 -19.71
C ALA B 74 -11.35 17.38 -19.94
N GLU B 75 -10.37 17.62 -19.08
CA GLU B 75 -9.48 18.77 -19.27
C GLU B 75 -8.35 18.46 -20.28
N LYS B 76 -7.71 17.30 -20.17
CA LYS B 76 -6.63 16.92 -21.11
C LYS B 76 -7.12 16.79 -22.57
N TYR B 77 -8.35 16.33 -22.76
CA TYR B 77 -8.89 16.19 -24.11
C TYR B 77 -10.04 17.18 -24.34
N ARG B 78 -9.91 18.35 -23.74
CA ARG B 78 -11.01 19.32 -23.71
C ARG B 78 -11.59 19.69 -25.08
N SER B 79 -10.73 19.87 -26.07
CA SER B 79 -11.20 20.37 -27.35
C SER B 79 -11.90 19.31 -28.19
N GLN B 80 -11.81 18.02 -27.83
CA GLN B 80 -12.41 17.02 -28.69
C GLN B 80 -13.69 16.43 -28.08
N GLY B 81 -14.67 16.12 -28.94
CA GLY B 81 -15.97 15.67 -28.43
C GLY B 81 -16.68 16.83 -27.75
N PRO B 82 -17.79 16.55 -27.04
CA PRO B 82 -18.45 17.66 -26.35
C PRO B 82 -17.57 18.19 -25.21
N ASP B 83 -17.69 19.47 -24.88
CA ASP B 83 -16.91 19.98 -23.74
C ASP B 83 -17.69 19.72 -22.48
N LEU B 84 -17.29 18.66 -21.76
CA LEU B 84 -18.02 18.19 -20.58
C LEU B 84 -17.76 19.05 -19.37
N LEU B 85 -16.93 20.08 -19.56
CA LEU B 85 -16.63 21.03 -18.49
C LEU B 85 -17.39 22.34 -18.69
N GLY B 86 -18.16 22.46 -19.76
CA GLY B 86 -18.78 23.75 -20.08
C GLY B 86 -17.74 24.66 -20.71
N LYS B 87 -18.12 25.88 -21.04
CA LYS B 87 -17.17 26.76 -21.71
C LYS B 87 -16.50 27.76 -20.75
N THR B 88 -17.28 28.35 -19.84
CA THR B 88 -16.79 29.42 -18.98
C THR B 88 -16.41 28.94 -17.57
N VAL B 89 -15.79 29.82 -16.80
CA VAL B 89 -15.44 29.49 -15.42
C VAL B 89 -16.73 29.26 -14.63
N GLU B 90 -17.77 30.06 -14.90
CA GLU B 90 -19.09 29.85 -14.26
C GLU B 90 -19.74 28.52 -14.61
N ASP B 91 -19.65 28.11 -15.87
CA ASP B 91 -20.14 26.80 -16.28
C ASP B 91 -19.41 25.72 -15.48
N ARG B 92 -18.09 25.83 -15.43
CA ARG B 92 -17.32 24.82 -14.72
C ARG B 92 -17.67 24.76 -13.23
N GLY B 93 -17.90 25.92 -12.62
CA GLY B 93 -18.35 25.95 -11.24
C GLY B 93 -19.62 25.14 -11.05
N GLN B 94 -20.57 25.26 -11.98
CA GLN B 94 -21.82 24.50 -11.85
C GLN B 94 -21.56 23.02 -12.03
N VAL B 95 -20.62 22.69 -12.92
CA VAL B 95 -20.24 21.29 -13.10
C VAL B 95 -19.62 20.75 -11.81
N GLU B 96 -18.66 21.49 -11.23
CA GLU B 96 -17.99 21.05 -9.99
C GLU B 96 -19.03 20.92 -8.88
N GLN B 97 -19.94 21.89 -8.84
CA GLN B 97 -21.01 21.89 -7.86
C GLN B 97 -21.81 20.57 -7.86
N TRP B 98 -22.33 20.18 -9.02
CA TRP B 98 -23.21 19.01 -9.08
C TRP B 98 -22.43 17.70 -9.00
N LEU B 99 -21.20 17.73 -9.46
CA LEU B 99 -20.29 16.60 -9.29
C LEU B 99 -20.04 16.34 -7.78
N ASP B 100 -19.89 17.41 -6.99
CA ASP B 100 -19.73 17.27 -5.53
C ASP B 100 -21.04 16.89 -4.85
N VAL B 101 -22.17 17.36 -5.37
CA VAL B 101 -23.44 16.87 -4.87
C VAL B 101 -23.51 15.34 -5.10
N GLU B 102 -23.07 14.86 -6.26
CA GLU B 102 -23.10 13.42 -6.53
C GLU B 102 -22.22 12.68 -5.52
N ALA B 103 -20.98 13.15 -5.34
CA ALA B 103 -20.03 12.49 -4.45
C ALA B 103 -20.48 12.48 -2.98
N THR B 104 -21.08 13.57 -2.52
CA THR B 104 -21.27 13.73 -1.07
C THR B 104 -22.70 13.53 -0.60
N THR B 105 -23.64 13.60 -1.54
CA THR B 105 -25.04 13.69 -1.16
C THR B 105 -25.91 12.63 -1.82
N TYR B 106 -25.75 12.47 -3.12
CA TYR B 106 -26.53 11.51 -3.89
C TYR B 106 -25.96 10.11 -3.74
N HIS B 107 -24.66 9.97 -3.99
CA HIS B 107 -24.04 8.65 -3.99
C HIS B 107 -24.04 7.92 -2.65
N PRO B 108 -23.74 8.62 -1.52
CA PRO B 108 -23.65 7.79 -0.31
C PRO B 108 -24.92 7.00 0.06
N PRO B 109 -26.13 7.60 0.04
CA PRO B 109 -27.26 6.71 0.37
C PRO B 109 -27.53 5.67 -0.71
N LEU B 110 -27.26 6.02 -1.96
CA LEU B 110 -27.42 5.08 -3.05
C LEU B 110 -26.46 3.91 -2.88
N LEU B 111 -25.24 4.20 -2.47
CA LEU B 111 -24.25 3.15 -2.25
C LEU B 111 -24.75 2.16 -1.20
N ASN B 112 -25.37 2.67 -0.15
CA ASN B 112 -25.93 1.80 0.89
C ASN B 112 -26.98 0.82 0.33
N LEU B 113 -27.87 1.34 -0.53
CA LEU B 113 -28.87 0.51 -1.20
C LEU B 113 -28.21 -0.55 -2.08
N THR B 114 -27.19 -0.15 -2.83
CA THR B 114 -26.45 -1.06 -3.70
C THR B 114 -25.82 -2.22 -2.91
N LEU B 115 -25.17 -1.91 -1.80
CA LEU B 115 -24.49 -2.92 -1.00
C LEU B 115 -25.46 -3.85 -0.27
N HIS B 116 -26.44 -3.28 0.42
CA HIS B 116 -27.29 -4.07 1.30
C HIS B 116 -28.41 -4.83 0.57
N ILE B 117 -28.61 -4.50 -0.69
CA ILE B 117 -29.52 -5.29 -1.51
C ILE B 117 -28.55 -6.12 -2.38
N MET B 118 -27.48 -6.56 -1.72
CA MET B 118 -26.44 -7.42 -2.27
C MET B 118 -25.95 -6.94 -3.65
N ASP B 128 -29.18 -4.89 6.34
CA ASP B 128 -29.88 -4.17 7.39
C ASP B 128 -31.23 -3.69 6.86
N GLU B 129 -32.31 -3.90 7.61
CA GLU B 129 -33.64 -3.54 7.16
C GLU B 129 -33.91 -2.05 7.37
N LYS B 130 -33.47 -1.55 8.53
CA LYS B 130 -33.62 -0.14 8.88
C LYS B 130 -32.73 0.75 8.02
N LEU B 131 -31.48 0.36 7.86
CA LEU B 131 -30.53 1.12 7.03
C LEU B 131 -31.04 1.25 5.61
N ILE B 132 -31.55 0.16 5.07
CA ILE B 132 -32.15 0.18 3.73
C ILE B 132 -33.33 1.16 3.64
N LYS B 133 -34.26 1.14 4.59
CA LYS B 133 -35.38 2.07 4.57
C LYS B 133 -34.95 3.54 4.63
N GLU B 134 -34.05 3.83 5.56
CA GLU B 134 -33.54 5.19 5.75
C GLU B 134 -32.71 5.65 4.53
N SER B 135 -31.93 4.74 3.94
CA SER B 135 -31.16 5.11 2.77
C SER B 135 -32.10 5.48 1.64
N GLU B 136 -33.20 4.73 1.51
CA GLU B 136 -34.18 5.03 0.48
C GLU B 136 -34.86 6.38 0.76
N GLU B 137 -35.24 6.63 2.01
CA GLU B 137 -35.86 7.89 2.40
C GLU B 137 -34.95 9.09 2.09
N LYS B 138 -33.68 8.95 2.45
CA LYS B 138 -32.67 9.96 2.20
C LYS B 138 -32.42 10.21 0.71
N LEU B 139 -32.29 9.13 -0.06
CA LEU B 139 -32.09 9.24 -1.49
C LEU B 139 -33.32 9.88 -2.16
N ALA B 140 -34.51 9.52 -1.67
CA ALA B 140 -35.75 10.10 -2.20
C ALA B 140 -35.76 11.61 -1.97
N GLY B 141 -35.31 12.05 -0.80
CA GLY B 141 -35.24 13.48 -0.50
C GLY B 141 -34.34 14.20 -1.49
N VAL B 142 -33.19 13.60 -1.77
CA VAL B 142 -32.25 14.12 -2.76
C VAL B 142 -32.89 14.18 -4.15
N LEU B 143 -33.60 13.12 -4.53
CA LEU B 143 -34.23 13.06 -5.85
C LEU B 143 -35.30 14.14 -5.99
N ASP B 144 -35.94 14.49 -4.88
CA ASP B 144 -36.93 15.60 -4.89
C ASP B 144 -36.29 16.94 -5.25
N VAL B 145 -35.09 17.18 -4.72
CA VAL B 145 -34.35 18.40 -5.07
C VAL B 145 -33.97 18.38 -6.55
N TYR B 146 -33.48 17.24 -7.01
CA TYR B 146 -33.15 17.08 -8.42
C TYR B 146 -34.34 17.35 -9.31
N GLU B 147 -35.51 16.85 -8.89
CA GLU B 147 -36.74 17.00 -9.66
C GLU B 147 -37.09 18.48 -9.82
N ALA B 148 -37.04 19.21 -8.71
CA ALA B 148 -37.34 20.63 -8.73
C ALA B 148 -36.28 21.34 -9.59
N HIS B 149 -35.02 20.93 -9.47
CA HIS B 149 -33.95 21.56 -10.26
C HIS B 149 -34.09 21.28 -11.77
N LEU B 150 -34.33 20.02 -12.13
CA LEU B 150 -34.35 19.65 -13.55
C LEU B 150 -35.59 20.19 -14.27
N SER B 151 -36.59 20.66 -13.51
CA SER B 151 -37.75 21.26 -14.15
CA SER B 151 -37.75 21.27 -14.14
C SER B 151 -37.39 22.64 -14.69
N LYS B 152 -36.28 23.20 -14.24
CA LYS B 152 -35.90 24.53 -14.71
C LYS B 152 -34.57 24.54 -15.45
N SER B 153 -33.89 23.40 -15.44
CA SER B 153 -32.58 23.30 -16.06
C SER B 153 -32.53 22.03 -16.88
N LYS B 154 -32.05 22.10 -18.13
CA LYS B 154 -32.07 20.92 -19.03
C LYS B 154 -31.20 19.79 -18.47
N TYR B 155 -29.98 20.12 -18.09
CA TYR B 155 -29.08 19.18 -17.41
C TYR B 155 -28.74 19.76 -16.05
N LEU B 156 -27.96 19.02 -15.25
CA LEU B 156 -27.67 19.45 -13.89
C LEU B 156 -26.95 20.78 -13.87
N ALA B 157 -25.94 20.95 -14.72
CA ALA B 157 -25.12 22.15 -14.66
C ALA B 157 -25.66 23.32 -15.52
N GLY B 158 -26.70 23.05 -16.31
CA GLY B 158 -27.26 24.07 -17.19
C GLY B 158 -27.82 23.46 -18.47
N ASP B 159 -27.65 24.15 -19.59
CA ASP B 159 -28.24 23.67 -20.85
C ASP B 159 -27.28 22.75 -21.64
N PHE B 160 -26.22 22.31 -20.99
CA PHE B 160 -25.24 21.45 -21.64
C PHE B 160 -24.99 20.21 -20.76
N VAL B 161 -24.81 19.06 -21.41
CA VAL B 161 -24.50 17.82 -20.69
C VAL B 161 -23.07 17.91 -20.14
N SER B 162 -22.84 17.37 -18.96
CA SER B 162 -21.50 17.54 -18.39
C SER B 162 -21.07 16.34 -17.55
N LEU B 163 -19.86 16.43 -16.99
CA LEU B 163 -19.38 15.40 -16.06
C LEU B 163 -20.38 15.14 -14.95
N ALA B 164 -21.05 16.20 -14.52
CA ALA B 164 -21.99 16.07 -13.41
C ALA B 164 -23.09 15.06 -13.76
N ASP B 165 -23.64 15.14 -14.98
CA ASP B 165 -24.68 14.19 -15.37
C ASP B 165 -24.13 12.77 -15.45
N LEU B 166 -23.01 12.62 -16.15
CA LEU B 166 -22.42 11.32 -16.40
C LEU B 166 -22.07 10.61 -15.09
N ALA B 167 -21.69 11.37 -14.05
CA ALA B 167 -21.27 10.76 -12.79
C ALA B 167 -22.41 9.95 -12.18
N HIS B 168 -23.64 10.29 -12.54
CA HIS B 168 -24.80 9.61 -11.98
C HIS B 168 -25.12 8.29 -12.69
N LEU B 169 -24.49 8.03 -13.82
CA LEU B 169 -24.89 6.87 -14.65
C LEU B 169 -24.67 5.51 -13.98
N PRO B 170 -23.46 5.23 -13.46
CA PRO B 170 -23.25 3.82 -13.10
C PRO B 170 -24.10 3.29 -11.96
N PHE B 171 -24.26 4.05 -10.87
CA PHE B 171 -25.00 3.52 -9.72
C PHE B 171 -26.53 3.71 -9.85
N THR B 172 -26.96 4.72 -10.61
CA THR B 172 -28.37 4.91 -10.88
C THR B 172 -28.86 3.79 -11.81
N ASP B 173 -27.97 3.35 -12.69
CA ASP B 173 -28.26 2.20 -13.54
C ASP B 173 -28.58 0.98 -12.68
N TYR B 174 -27.82 0.78 -11.60
CA TYR B 174 -28.08 -0.31 -10.66
C TYR B 174 -29.45 -0.15 -10.04
N LEU B 175 -29.72 1.09 -9.63
CA LEU B 175 -30.94 1.47 -8.95
C LEU B 175 -32.20 1.10 -9.71
N VAL B 176 -32.22 1.38 -11.00
CA VAL B 176 -33.41 1.16 -11.78
C VAL B 176 -33.40 -0.25 -12.35
N GLY B 177 -32.28 -0.96 -12.20
CA GLY B 177 -32.17 -2.32 -12.69
C GLY B 177 -32.24 -3.39 -11.60
N PRO B 178 -31.11 -4.05 -11.33
CA PRO B 178 -31.12 -5.18 -10.38
C PRO B 178 -31.60 -4.79 -8.98
N ILE B 179 -31.42 -3.54 -8.57
CA ILE B 179 -31.89 -3.11 -7.26
C ILE B 179 -33.42 -3.09 -7.19
N GLY B 180 -34.06 -2.90 -8.34
CA GLY B 180 -35.51 -2.93 -8.40
C GLY B 180 -36.18 -1.70 -7.80
N LYS B 181 -35.55 -0.54 -7.94
CA LYS B 181 -36.16 0.69 -7.44
C LYS B 181 -36.33 1.71 -8.56
N ALA B 182 -36.74 1.24 -9.74
CA ALA B 182 -36.90 2.12 -10.89
C ALA B 182 -37.91 3.22 -10.66
N TYR B 183 -38.89 2.96 -9.80
CA TYR B 183 -39.92 3.96 -9.51
C TYR B 183 -39.37 5.25 -8.92
N MET B 184 -38.33 5.09 -8.13
CA MET B 184 -37.60 6.35 -7.63
CA MET B 184 -37.56 6.26 -7.73
C MET B 184 -37.12 7.45 -8.74
N ILE B 185 -36.84 6.82 -9.88
CA ILE B 185 -36.51 7.66 -11.02
C ILE B 185 -37.80 7.92 -11.81
N LYS B 186 -38.58 6.87 -12.03
CA LYS B 186 -39.76 6.93 -12.88
C LYS B 186 -40.86 7.87 -12.38
N ASP B 187 -41.03 7.94 -11.05
CA ASP B 187 -42.12 8.71 -10.48
C ASP B 187 -41.85 10.22 -10.49
N ARG B 188 -40.66 10.61 -10.90
CA ARG B 188 -40.31 12.04 -10.98
C ARG B 188 -40.12 12.43 -12.44
N LYS B 189 -41.09 13.15 -13.01
CA LYS B 189 -41.15 13.37 -14.46
C LYS B 189 -39.85 13.94 -15.04
N HIS B 190 -39.31 14.98 -14.42
CA HIS B 190 -38.15 15.64 -15.01
C HIS B 190 -36.89 14.82 -14.79
N VAL B 191 -36.78 14.20 -13.63
CA VAL B 191 -35.70 13.27 -13.37
C VAL B 191 -35.76 12.11 -14.36
N SER B 192 -36.95 11.58 -14.58
CA SER B 192 -37.10 10.44 -15.50
C SER B 192 -36.70 10.79 -16.94
N ALA B 193 -37.11 11.98 -17.40
CA ALA B 193 -36.79 12.44 -18.75
C ALA B 193 -35.29 12.70 -18.89
N TRP B 194 -34.71 13.26 -17.82
CA TRP B 194 -33.27 13.51 -17.80
C TRP B 194 -32.52 12.18 -17.83
N TRP B 195 -32.94 11.23 -17.02
CA TRP B 195 -32.31 9.93 -17.02
C TRP B 195 -32.39 9.24 -18.39
N ASP B 196 -33.58 9.26 -19.00
CA ASP B 196 -33.80 8.65 -20.33
C ASP B 196 -32.84 9.26 -21.34
N ASP B 197 -32.62 10.55 -21.22
CA ASP B 197 -31.70 11.25 -22.12
C ASP B 197 -30.23 10.81 -21.90
N ILE B 198 -29.69 10.99 -20.70
CA ILE B 198 -28.26 10.73 -20.52
C ILE B 198 -27.93 9.23 -20.61
N SER B 199 -28.85 8.36 -20.21
CA SER B 199 -28.56 6.94 -20.24
C SER B 199 -28.78 6.36 -21.62
N SER B 200 -29.33 7.13 -22.56
CA SER B 200 -29.47 6.64 -23.94
C SER B 200 -28.36 7.25 -24.82
N ARG B 201 -27.45 8.01 -24.23
CA ARG B 201 -26.31 8.50 -25.02
C ARG B 201 -25.46 7.34 -25.49
N PRO B 202 -24.94 7.40 -26.72
CA PRO B 202 -24.18 6.25 -27.22
C PRO B 202 -22.97 5.88 -26.36
N ALA B 203 -22.31 6.84 -25.72
CA ALA B 203 -21.15 6.47 -24.90
C ALA B 203 -21.58 5.58 -23.73
N TRP B 204 -22.74 5.86 -23.14
CA TRP B 204 -23.19 5.06 -22.03
C TRP B 204 -23.65 3.68 -22.52
N LYS B 205 -24.39 3.64 -23.62
CA LYS B 205 -24.85 2.36 -24.15
C LYS B 205 -23.65 1.45 -24.39
N GLU B 206 -22.57 2.03 -24.92
CA GLU B 206 -21.36 1.28 -25.20
C GLU B 206 -20.66 0.82 -23.91
N THR B 207 -20.61 1.70 -22.91
CA THR B 207 -20.03 1.36 -21.62
C THR B 207 -20.73 0.15 -21.02
N VAL B 208 -22.07 0.16 -21.05
CA VAL B 208 -22.85 -0.94 -20.52
C VAL B 208 -22.68 -2.22 -21.34
N ALA B 209 -22.68 -2.09 -22.66
CA ALA B 209 -22.62 -3.29 -23.50
C ALA B 209 -21.31 -4.05 -23.29
N LYS B 210 -20.21 -3.33 -23.13
CA LYS B 210 -18.90 -3.97 -23.02
C LYS B 210 -18.49 -4.31 -21.59
N TYR B 211 -18.90 -3.47 -20.63
CA TYR B 211 -18.28 -3.56 -19.32
C TYR B 211 -19.23 -3.80 -18.19
N SER B 212 -20.44 -4.22 -18.51
CA SER B 212 -21.39 -4.63 -17.49
C SER B 212 -20.80 -5.84 -16.80
N PHE B 213 -20.98 -5.90 -15.49
CA PHE B 213 -20.56 -7.07 -14.75
C PHE B 213 -21.13 -8.33 -15.39
N PRO B 214 -20.28 -9.34 -15.64
CA PRO B 214 -20.67 -10.57 -16.34
C PRO B 214 -21.63 -11.46 -15.55
N ALA B 215 -22.70 -11.90 -16.20
CA ALA B 215 -23.62 -12.85 -15.59
C ALA B 215 -23.06 -14.29 -15.55
N VAL C 2 9.40 39.67 -23.23
CA VAL C 2 10.12 40.90 -23.52
C VAL C 2 11.16 41.20 -22.41
N LEU C 3 10.82 40.94 -21.14
CA LEU C 3 11.81 41.13 -20.09
C LEU C 3 13.02 40.20 -20.32
N LYS C 4 14.23 40.78 -20.34
CA LYS C 4 15.42 39.98 -20.59
C LYS C 4 16.39 39.95 -19.40
N VAL C 5 16.86 38.75 -19.05
CA VAL C 5 17.82 38.55 -17.96
C VAL C 5 19.19 38.11 -18.50
N TYR C 6 20.23 38.89 -18.22
CA TYR C 6 21.59 38.55 -18.71
C TYR C 6 22.37 37.74 -17.68
N GLY C 7 22.99 36.65 -18.14
CA GLY C 7 23.83 35.78 -17.32
C GLY C 7 23.17 34.72 -16.46
N PRO C 8 22.18 33.98 -17.01
CA PRO C 8 21.39 33.07 -16.17
C PRO C 8 22.19 31.92 -15.53
N HIS C 9 23.33 31.56 -16.11
CA HIS C 9 24.07 30.42 -15.57
C HIS C 9 24.78 30.72 -14.25
N PHE C 10 24.85 32.00 -13.88
CA PHE C 10 25.56 32.37 -12.66
C PHE C 10 24.59 32.52 -11.51
N ALA C 11 25.13 32.66 -10.31
CA ALA C 11 24.34 32.52 -9.10
C ALA C 11 23.48 33.74 -8.76
N SER C 12 24.08 34.94 -8.70
CA SER C 12 23.30 36.16 -8.39
C SER C 12 22.09 36.32 -9.32
N PRO C 13 22.28 36.10 -10.65
CA PRO C 13 21.10 36.24 -11.52
C PRO C 13 19.97 35.27 -11.15
N LYS C 14 20.30 34.16 -10.49
CA LYS C 14 19.25 33.22 -10.12
C LYS C 14 18.32 33.79 -9.03
N ARG C 15 18.75 34.84 -8.31
CA ARG C 15 17.84 35.55 -7.39
C ARG C 15 16.67 36.17 -8.17
N ALA C 16 16.98 36.77 -9.31
CA ALA C 16 15.97 37.36 -10.18
C ALA C 16 15.09 36.29 -10.85
N LEU C 17 15.73 35.26 -11.40
CA LEU C 17 15.03 34.22 -12.15
C LEU C 17 13.98 33.51 -11.30
N VAL C 18 14.35 33.14 -10.07
CA VAL C 18 13.41 32.43 -9.20
C VAL C 18 12.24 33.35 -8.86
N THR C 19 12.53 34.64 -8.72
CA THR C 19 11.47 35.61 -8.46
C THR C 19 10.55 35.72 -9.69
N LEU C 20 11.15 35.82 -10.87
CA LEU C 20 10.38 35.85 -12.12
C LEU C 20 9.51 34.58 -12.26
N ILE C 21 10.07 33.42 -11.91
CA ILE C 21 9.31 32.18 -12.03
C ILE C 21 8.20 32.10 -10.96
N GLU C 22 8.52 32.47 -9.73
CA GLU C 22 7.52 32.51 -8.66
C GLU C 22 6.33 33.40 -9.04
N LYS C 23 6.61 34.53 -9.70
CA LYS C 23 5.57 35.51 -10.03
C LYS C 23 4.85 35.19 -11.35
N GLY C 24 5.29 34.16 -12.06
CA GLY C 24 4.67 33.79 -13.32
C GLY C 24 4.91 34.82 -14.41
N VAL C 25 6.08 35.44 -14.38
CA VAL C 25 6.38 36.46 -15.38
C VAL C 25 7.12 35.82 -16.57
N ALA C 26 6.71 36.19 -17.78
CA ALA C 26 7.41 35.75 -18.98
C ALA C 26 8.74 36.47 -19.13
N PHE C 27 9.78 35.74 -19.50
CA PHE C 27 11.09 36.38 -19.70
C PHE C 27 11.96 35.55 -20.62
N GLU C 28 12.99 36.18 -21.17
CA GLU C 28 14.01 35.47 -21.92
C GLU C 28 15.33 35.63 -21.23
N THR C 29 16.27 34.74 -21.51
CA THR C 29 17.61 34.84 -20.92
C THR C 29 18.66 34.99 -22.01
N ILE C 30 19.75 35.66 -21.67
CA ILE C 30 20.86 35.89 -22.59
C ILE C 30 22.18 35.52 -21.93
N PRO C 31 22.92 34.59 -22.52
CA PRO C 31 24.15 34.17 -21.87
C PRO C 31 25.17 35.30 -21.84
N VAL C 32 26.02 35.32 -20.82
CA VAL C 32 27.14 36.23 -20.79
C VAL C 32 28.39 35.38 -20.54
N ASP C 33 29.35 35.45 -21.44
CA ASP C 33 30.56 34.64 -21.34
C ASP C 33 31.57 35.27 -20.38
N LEU C 34 31.37 35.07 -19.08
CA LEU C 34 32.25 35.67 -18.08
C LEU C 34 33.67 35.15 -18.21
N MET C 35 33.82 33.87 -18.55
CA MET C 35 35.14 33.27 -18.59
C MET C 35 35.99 33.88 -19.71
N LYS C 36 35.33 34.36 -20.78
CA LYS C 36 36.06 35.04 -21.87
C LYS C 36 36.06 36.56 -21.72
N GLY C 37 35.57 37.06 -20.58
CA GLY C 37 35.60 38.47 -20.26
C GLY C 37 34.61 39.34 -21.00
N GLU C 38 33.52 38.75 -21.48
CA GLU C 38 32.49 39.48 -22.20
C GLU C 38 31.84 40.57 -21.33
N HIS C 39 31.75 40.30 -20.04
CA HIS C 39 31.12 41.22 -19.10
C HIS C 39 31.98 42.46 -18.83
N LYS C 40 33.22 42.44 -19.32
CA LYS C 40 34.11 43.59 -19.15
C LYS C 40 34.32 44.35 -20.45
N GLN C 41 33.54 44.00 -21.48
CA GLN C 41 33.60 44.69 -22.77
C GLN C 41 32.54 45.80 -22.84
N PRO C 42 32.78 46.80 -23.70
CA PRO C 42 31.90 47.98 -23.78
C PRO C 42 30.42 47.63 -23.95
N ALA C 43 30.13 46.58 -24.71
CA ALA C 43 28.75 46.20 -24.98
C ALA C 43 27.95 45.86 -23.71
N TYR C 44 28.51 45.01 -22.85
CA TYR C 44 27.79 44.65 -21.63
C TYR C 44 27.90 45.78 -20.59
N LEU C 45 29.01 46.52 -20.63
CA LEU C 45 29.21 47.63 -19.69
C LEU C 45 28.14 48.71 -19.86
N ALA C 46 27.61 48.83 -21.07
CA ALA C 46 26.51 49.74 -21.34
C ALA C 46 25.23 49.27 -20.60
N LEU C 47 25.17 47.99 -20.24
CA LEU C 47 24.03 47.48 -19.48
C LEU C 47 24.29 47.50 -17.98
N GLN C 48 25.50 47.12 -17.61
CA GLN C 48 25.89 47.05 -16.21
C GLN C 48 27.26 47.69 -16.11
N PRO C 49 27.29 48.96 -15.68
CA PRO C 49 28.57 49.70 -15.73
C PRO C 49 29.62 49.14 -14.77
N PHE C 50 29.21 48.31 -13.82
CA PHE C 50 30.14 47.67 -12.90
C PHE C 50 30.64 46.33 -13.47
N GLY C 51 30.12 45.94 -14.63
CA GLY C 51 30.55 44.73 -15.30
C GLY C 51 30.33 43.43 -14.54
N THR C 52 29.14 43.27 -13.97
CA THR C 52 28.77 42.03 -13.28
C THR C 52 27.36 41.61 -13.71
N VAL C 53 26.99 40.37 -13.45
CA VAL C 53 25.65 39.90 -13.78
C VAL C 53 24.87 39.71 -12.46
N PRO C 54 23.53 39.92 -12.49
CA PRO C 54 22.69 40.16 -13.68
C PRO C 54 22.55 41.61 -14.09
N ALA C 55 22.09 41.77 -15.33
CA ALA C 55 21.46 42.99 -15.81
C ALA C 55 20.10 42.55 -16.35
N VAL C 56 19.10 43.42 -16.23
CA VAL C 56 17.79 43.15 -16.79
C VAL C 56 17.34 44.30 -17.68
N VAL C 57 16.86 43.94 -18.87
CA VAL C 57 16.28 44.89 -19.79
C VAL C 57 14.83 44.51 -20.03
N ASP C 58 13.94 45.45 -19.71
CA ASP C 58 12.50 45.26 -19.81
C ASP C 58 11.92 46.34 -20.71
N GLY C 59 11.90 46.04 -21.99
CA GLY C 59 11.57 47.02 -23.00
C GLY C 59 12.68 48.04 -23.03
N ASP C 60 12.34 49.31 -22.80
CA ASP C 60 13.30 50.40 -22.77
C ASP C 60 13.87 50.61 -21.37
N TYR C 61 13.36 49.85 -20.40
CA TYR C 61 13.77 50.00 -19.00
C TYR C 61 14.92 49.05 -18.65
N LYS C 62 15.92 49.58 -17.96
CA LYS C 62 17.10 48.81 -17.58
C LYS C 62 17.37 48.89 -16.09
N ILE C 63 17.64 47.74 -15.48
CA ILE C 63 17.89 47.67 -14.05
C ILE C 63 18.87 46.54 -13.72
N PHE C 64 19.79 46.79 -12.79
CA PHE C 64 20.73 45.78 -12.34
C PHE C 64 20.79 45.76 -10.80
N GLU C 65 21.70 44.94 -10.24
CA GLU C 65 21.74 44.51 -8.83
C GLU C 65 20.64 43.49 -8.58
N SER C 66 21.04 42.24 -8.28
CA SER C 66 20.11 41.10 -8.27
C SER C 66 18.90 41.33 -7.35
N ARG C 67 19.12 41.92 -6.18
CA ARG C 67 18.05 42.11 -5.23
C ARG C 67 17.16 43.31 -5.59
N ALA C 68 17.71 44.26 -6.31
CA ALA C 68 16.91 45.37 -6.81
C ALA C 68 15.93 44.84 -7.88
N VAL C 69 16.43 43.92 -8.70
CA VAL C 69 15.63 43.29 -9.75
C VAL C 69 14.49 42.48 -9.13
N MET C 70 14.79 41.76 -8.04
CA MET C 70 13.77 41.01 -7.28
C MET C 70 12.67 41.95 -6.83
N ARG C 71 13.06 43.08 -6.25
CA ARG C 71 12.12 44.07 -5.75
C ARG C 71 11.27 44.68 -6.84
N TYR C 72 11.92 45.04 -7.94
CA TYR C 72 11.24 45.63 -9.08
C TYR C 72 10.17 44.67 -9.67
N VAL C 73 10.56 43.42 -9.87
CA VAL C 73 9.65 42.40 -10.40
C VAL C 73 8.48 42.16 -9.44
N ALA C 74 8.82 42.05 -8.16
CA ALA C 74 7.85 41.75 -7.12
C ALA C 74 6.84 42.87 -6.97
N GLU C 75 7.26 44.10 -7.23
CA GLU C 75 6.34 45.23 -7.15
C GLU C 75 5.55 45.44 -8.46
N LYS C 76 6.24 45.38 -9.59
CA LYS C 76 5.58 45.59 -10.88
C LYS C 76 4.48 44.54 -11.16
N TYR C 77 4.74 43.32 -10.71
CA TYR C 77 3.85 42.20 -10.95
C TYR C 77 3.22 41.77 -9.64
N ARG C 78 2.99 42.73 -8.76
CA ARG C 78 2.62 42.43 -7.39
C ARG C 78 1.41 41.51 -7.24
N SER C 79 0.38 41.74 -8.03
CA SER C 79 -0.88 41.02 -7.88
C SER C 79 -0.82 39.58 -8.38
N GLN C 80 0.21 39.20 -9.10
CA GLN C 80 0.20 37.83 -9.63
C GLN C 80 1.20 36.94 -8.91
N GLY C 81 0.80 35.69 -8.72
CA GLY C 81 1.57 34.75 -7.91
C GLY C 81 1.49 35.18 -6.46
N PRO C 82 2.27 34.54 -5.59
CA PRO C 82 2.32 34.94 -4.17
C PRO C 82 2.90 36.34 -4.00
N ASP C 83 2.50 37.05 -2.96
CA ASP C 83 3.04 38.37 -2.71
C ASP C 83 4.31 38.26 -1.89
N LEU C 84 5.43 38.32 -2.60
CA LEU C 84 6.75 38.11 -2.01
C LEU C 84 7.23 39.37 -1.24
N LEU C 85 6.39 40.40 -1.23
CA LEU C 85 6.70 41.61 -0.47
C LEU C 85 5.92 41.69 0.84
N GLY C 86 5.08 40.70 1.12
CA GLY C 86 4.16 40.77 2.26
C GLY C 86 2.98 41.66 1.88
N LYS C 87 2.03 41.86 2.80
CA LYS C 87 0.85 42.66 2.48
C LYS C 87 0.95 44.12 2.94
N THR C 88 1.48 44.34 4.15
CA THR C 88 1.52 45.68 4.73
C THR C 88 2.88 46.35 4.63
N VAL C 89 2.93 47.63 5.00
CA VAL C 89 4.19 48.37 5.08
C VAL C 89 5.12 47.73 6.11
N GLU C 90 4.57 47.29 7.23
CA GLU C 90 5.37 46.60 8.22
C GLU C 90 5.90 45.26 7.71
N ASP C 91 5.08 44.50 6.99
CA ASP C 91 5.57 43.25 6.39
C ASP C 91 6.75 43.54 5.48
N ARG C 92 6.60 44.53 4.61
CA ARG C 92 7.65 44.86 3.66
C ARG C 92 8.93 45.29 4.38
N GLY C 93 8.77 45.99 5.50
CA GLY C 93 9.92 46.37 6.32
C GLY C 93 10.74 45.16 6.73
N GLN C 94 10.04 44.09 7.15
CA GLN C 94 10.70 42.86 7.56
C GLN C 94 11.34 42.17 6.38
N VAL C 95 10.69 42.23 5.21
CA VAL C 95 11.30 41.67 4.02
C VAL C 95 12.58 42.43 3.65
N GLU C 96 12.51 43.76 3.65
CA GLU C 96 13.68 44.59 3.36
C GLU C 96 14.81 44.33 4.36
N GLN C 97 14.43 44.16 5.62
CA GLN C 97 15.39 43.90 6.69
C GLN C 97 16.22 42.65 6.38
N TRP C 98 15.56 41.52 6.15
CA TRP C 98 16.30 40.27 5.95
C TRP C 98 16.98 40.20 4.58
N LEU C 99 16.44 40.91 3.59
CA LEU C 99 17.08 41.03 2.28
C LEU C 99 18.42 41.76 2.44
N ASP C 100 18.43 42.79 3.30
CA ASP C 100 19.69 43.49 3.59
C ASP C 100 20.62 42.67 4.49
N VAL C 101 20.06 41.89 5.42
CA VAL C 101 20.91 40.96 6.16
C VAL C 101 21.60 40.01 5.17
N GLU C 102 20.85 39.53 4.19
CA GLU C 102 21.43 38.67 3.17
C GLU C 102 22.52 39.43 2.39
N ALA C 103 22.24 40.63 1.91
CA ALA C 103 23.20 41.36 1.09
C ALA C 103 24.50 41.70 1.82
N THR C 104 24.39 42.06 3.10
CA THR C 104 25.50 42.67 3.84
C THR C 104 26.13 41.78 4.88
N THR C 105 25.46 40.70 5.28
CA THR C 105 25.89 39.93 6.44
C THR C 105 26.07 38.45 6.11
N TYR C 106 25.08 37.90 5.42
CA TYR C 106 25.11 36.50 5.06
C TYR C 106 25.97 36.29 3.81
N HIS C 107 25.66 36.98 2.72
CA HIS C 107 26.35 36.73 1.47
C HIS C 107 27.87 37.03 1.45
N PRO C 108 28.33 38.15 2.07
CA PRO C 108 29.77 38.42 1.92
C PRO C 108 30.73 37.31 2.42
N PRO C 109 30.51 36.75 3.63
CA PRO C 109 31.45 35.64 3.95
C PRO C 109 31.19 34.37 3.11
N LEU C 110 29.94 34.10 2.71
CA LEU C 110 29.64 32.95 1.88
C LEU C 110 30.29 33.07 0.49
N LEU C 111 30.30 34.29 -0.04
CA LEU C 111 30.93 34.56 -1.32
C LEU C 111 32.42 34.24 -1.29
N ASN C 112 33.08 34.56 -0.19
CA ASN C 112 34.49 34.20 -0.07
C ASN C 112 34.72 32.70 -0.17
N LEU C 113 33.83 31.92 0.45
CA LEU C 113 33.90 30.46 0.38
C LEU C 113 33.71 29.99 -1.06
N THR C 114 32.73 30.57 -1.74
CA THR C 114 32.40 30.25 -3.11
C THR C 114 33.59 30.45 -4.04
N LEU C 115 34.23 31.61 -3.90
CA LEU C 115 35.38 31.97 -4.73
C LEU C 115 36.66 31.18 -4.46
N HIS C 116 37.04 31.09 -3.19
CA HIS C 116 38.34 30.52 -2.83
C HIS C 116 38.36 28.99 -2.81
N ILE C 117 37.18 28.37 -2.81
CA ILE C 117 37.06 26.93 -2.92
C ILE C 117 36.55 26.52 -4.31
N ASP C 128 43.13 30.83 -0.24
CA ASP C 128 43.58 31.42 1.00
C ASP C 128 43.09 30.61 2.19
N GLU C 129 43.98 30.22 3.11
CA GLU C 129 43.59 29.34 4.21
C GLU C 129 42.91 30.07 5.35
N LYS C 130 43.50 31.20 5.75
CA LYS C 130 42.98 31.99 6.85
C LYS C 130 41.65 32.64 6.49
N LEU C 131 41.56 33.24 5.30
CA LEU C 131 40.32 33.87 4.84
C LEU C 131 39.18 32.85 4.85
N ILE C 132 39.48 31.64 4.39
CA ILE C 132 38.50 30.58 4.41
C ILE C 132 38.01 30.26 5.82
N LYS C 133 38.95 30.09 6.76
CA LYS C 133 38.58 29.79 8.13
C LYS C 133 37.73 30.91 8.76
N GLU C 134 38.14 32.15 8.52
CA GLU C 134 37.44 33.31 9.03
C GLU C 134 36.06 33.48 8.42
N SER C 135 35.94 33.25 7.12
CA SER C 135 34.64 33.38 6.45
C SER C 135 33.68 32.34 7.02
N GLU C 136 34.17 31.14 7.28
CA GLU C 136 33.32 30.07 7.80
C GLU C 136 32.80 30.40 9.19
N GLU C 137 33.71 30.83 10.07
CA GLU C 137 33.36 31.24 11.42
C GLU C 137 32.36 32.39 11.40
N LYS C 138 32.61 33.36 10.54
CA LYS C 138 31.71 34.49 10.42
C LYS C 138 30.34 34.03 9.92
N LEU C 139 30.34 33.22 8.87
CA LEU C 139 29.07 32.71 8.34
C LEU C 139 28.37 31.85 9.39
N ALA C 140 29.15 31.09 10.18
CA ALA C 140 28.56 30.24 11.22
C ALA C 140 27.85 31.11 12.27
N GLY C 141 28.47 32.22 12.65
CA GLY C 141 27.87 33.12 13.61
C GLY C 141 26.57 33.68 13.06
N VAL C 142 26.59 34.03 11.78
CA VAL C 142 25.36 34.48 11.13
C VAL C 142 24.27 33.41 11.18
N LEU C 143 24.64 32.17 10.88
CA LEU C 143 23.67 31.07 10.86
C LEU C 143 23.10 30.76 12.24
N ASP C 144 23.89 30.98 13.30
CA ASP C 144 23.40 30.83 14.67
C ASP C 144 22.27 31.82 14.96
N VAL C 145 22.43 33.04 14.46
CA VAL C 145 21.36 34.04 14.58
C VAL C 145 20.14 33.58 13.75
N TYR C 146 20.36 33.11 12.52
CA TYR C 146 19.22 32.57 11.70
C TYR C 146 18.51 31.46 12.45
N GLU C 147 19.30 30.60 13.09
CA GLU C 147 18.75 29.47 13.83
C GLU C 147 17.83 29.89 14.97
N ALA C 148 18.26 30.86 15.80
CA ALA C 148 17.43 31.34 16.89
C ALA C 148 16.18 32.00 16.33
N HIS C 149 16.35 32.79 15.27
CA HIS C 149 15.22 33.49 14.65
C HIS C 149 14.18 32.52 14.04
N LEU C 150 14.66 31.53 13.27
CA LEU C 150 13.75 30.60 12.57
C LEU C 150 13.09 29.62 13.52
N SER C 151 13.56 29.59 14.77
CA SER C 151 12.91 28.74 15.76
C SER C 151 11.61 29.44 16.21
N LYS C 152 11.51 30.73 15.90
CA LYS C 152 10.35 31.53 16.29
C LYS C 152 9.55 32.11 15.10
N SER C 153 10.11 32.03 13.90
CA SER C 153 9.47 32.61 12.75
C SER C 153 9.55 31.59 11.62
N LYS C 154 8.43 31.33 10.94
CA LYS C 154 8.37 30.26 9.93
C LYS C 154 9.30 30.56 8.76
N TYR C 155 9.25 31.78 8.26
CA TYR C 155 10.19 32.26 7.25
C TYR C 155 10.93 33.44 7.85
N LEU C 156 11.89 33.98 7.12
CA LEU C 156 12.71 35.07 7.66
C LEU C 156 11.86 36.29 8.02
N ALA C 157 10.97 36.70 7.11
CA ALA C 157 10.26 37.95 7.31
C ALA C 157 8.97 37.75 8.14
N GLY C 158 8.62 36.51 8.47
CA GLY C 158 7.40 36.28 9.23
C GLY C 158 6.78 34.94 8.82
N ASP C 159 5.45 34.87 8.79
CA ASP C 159 4.78 33.60 8.49
C ASP C 159 4.52 33.38 6.99
N PHE C 160 5.15 34.19 6.15
CA PHE C 160 4.96 34.10 4.69
C PHE C 160 6.31 34.04 3.99
N VAL C 161 6.40 33.28 2.91
CA VAL C 161 7.62 33.26 2.13
C VAL C 161 7.80 34.62 1.42
N SER C 162 9.04 35.07 1.28
CA SER C 162 9.27 36.38 0.69
C SER C 162 10.57 36.40 -0.09
N LEU C 163 10.86 37.55 -0.70
CA LEU C 163 12.13 37.79 -1.39
C LEU C 163 13.33 37.52 -0.49
N ALA C 164 13.18 37.78 0.80
CA ALA C 164 14.29 37.58 1.73
C ALA C 164 14.75 36.13 1.73
N ASP C 165 13.79 35.20 1.76
CA ASP C 165 14.11 33.79 1.75
C ASP C 165 14.73 33.40 0.41
N LEU C 166 14.07 33.80 -0.67
CA LEU C 166 14.49 33.43 -2.02
C LEU C 166 15.90 33.91 -2.32
N ALA C 167 16.27 35.08 -1.80
CA ALA C 167 17.59 35.65 -2.05
C ALA C 167 18.71 34.71 -1.55
N HIS C 168 18.37 33.84 -0.59
CA HIS C 168 19.39 32.92 -0.06
C HIS C 168 19.60 31.68 -0.92
N LEU C 169 18.74 31.43 -1.91
CA LEU C 169 18.79 30.13 -2.61
C LEU C 169 20.08 29.87 -3.40
N PRO C 170 20.54 30.84 -4.23
CA PRO C 170 21.61 30.44 -5.18
C PRO C 170 22.96 30.10 -4.57
N PHE C 171 23.42 30.90 -3.61
CA PHE C 171 24.74 30.66 -3.07
C PHE C 171 24.70 29.61 -1.97
N THR C 172 23.58 29.47 -1.28
CA THR C 172 23.45 28.43 -0.26
C THR C 172 23.38 27.06 -0.96
N ASP C 173 22.82 27.04 -2.17
CA ASP C 173 22.82 25.83 -2.99
C ASP C 173 24.29 25.43 -3.23
N TYR C 174 25.15 26.41 -3.50
CA TYR C 174 26.58 26.13 -3.67
C TYR C 174 27.16 25.55 -2.37
N LEU C 175 26.83 26.20 -1.26
CA LEU C 175 27.35 25.85 0.06
C LEU C 175 27.09 24.38 0.42
N VAL C 176 25.85 23.94 0.19
CA VAL C 176 25.48 22.60 0.62
C VAL C 176 25.84 21.56 -0.44
N GLY C 177 26.26 22.04 -1.59
CA GLY C 177 26.65 21.15 -2.68
C GLY C 177 28.14 21.08 -2.90
N PRO C 178 28.61 21.67 -4.01
CA PRO C 178 29.99 21.62 -4.45
C PRO C 178 30.99 22.15 -3.40
N ILE C 179 30.55 23.05 -2.53
CA ILE C 179 31.44 23.58 -1.50
C ILE C 179 31.73 22.55 -0.40
N GLY C 180 30.81 21.62 -0.21
CA GLY C 180 30.98 20.57 0.78
C GLY C 180 30.77 21.04 2.21
N LYS C 181 29.87 21.99 2.40
CA LYS C 181 29.58 22.44 3.76
C LYS C 181 28.09 22.41 4.09
N ALA C 182 27.43 21.33 3.68
CA ALA C 182 26.01 21.13 3.97
C ALA C 182 25.75 21.14 5.48
N TYR C 183 26.75 20.74 6.26
CA TYR C 183 26.63 20.65 7.71
C TYR C 183 26.31 21.99 8.36
N MET C 184 26.72 23.09 7.72
CA MET C 184 26.43 24.44 8.25
C MET C 184 24.93 24.67 8.26
N ILE C 185 24.25 24.09 7.29
CA ILE C 185 22.79 24.15 7.24
C ILE C 185 22.18 23.00 8.04
N LYS C 186 22.67 21.78 7.83
CA LYS C 186 22.07 20.57 8.39
C LYS C 186 22.17 20.51 9.92
N ASP C 187 23.28 21.00 10.47
CA ASP C 187 23.47 20.90 11.92
C ASP C 187 22.61 21.87 12.69
N ARG C 188 21.91 22.78 12.00
CA ARG C 188 21.03 23.75 12.66
C ARG C 188 19.58 23.43 12.30
N LYS C 189 18.87 22.86 13.27
CA LYS C 189 17.59 22.20 13.06
C LYS C 189 16.57 23.07 12.31
N HIS C 190 16.39 24.30 12.78
CA HIS C 190 15.37 25.16 12.20
C HIS C 190 15.83 25.73 10.86
N VAL C 191 17.12 26.03 10.74
CA VAL C 191 17.66 26.47 9.47
C VAL C 191 17.47 25.35 8.42
N SER C 192 17.76 24.13 8.85
CA SER C 192 17.70 22.97 7.96
C SER C 192 16.29 22.74 7.42
N ALA C 193 15.31 22.82 8.30
CA ALA C 193 13.91 22.64 7.92
C ALA C 193 13.48 23.79 7.00
N TRP C 194 13.96 24.98 7.29
CA TRP C 194 13.64 26.14 6.46
C TRP C 194 14.25 26.01 5.07
N TRP C 195 15.52 25.62 5.04
CA TRP C 195 16.19 25.38 3.78
C TRP C 195 15.52 24.28 2.96
N ASP C 196 15.18 23.17 3.61
CA ASP C 196 14.50 22.07 2.92
C ASP C 196 13.23 22.59 2.27
N ASP C 197 12.55 23.47 2.99
CA ASP C 197 11.29 24.03 2.50
C ASP C 197 11.54 24.93 1.30
N ILE C 198 12.34 25.97 1.42
CA ILE C 198 12.43 26.93 0.30
C ILE C 198 13.13 26.35 -0.90
N SER C 199 14.07 25.44 -0.69
CA SER C 199 14.79 24.89 -1.81
C SER C 199 14.02 23.76 -2.51
N SER C 200 12.88 23.33 -1.98
CA SER C 200 12.01 22.36 -2.67
C SER C 200 10.79 23.00 -3.34
N ARG C 201 10.69 24.34 -3.31
CA ARG C 201 9.64 25.05 -4.04
C ARG C 201 9.82 24.84 -5.54
N PRO C 202 8.72 24.60 -6.27
CA PRO C 202 8.86 24.31 -7.70
C PRO C 202 9.62 25.39 -8.51
N ALA C 203 9.46 26.66 -8.14
CA ALA C 203 10.15 27.71 -8.87
C ALA C 203 11.68 27.57 -8.76
N TRP C 204 12.16 27.14 -7.59
CA TRP C 204 13.60 26.96 -7.45
C TRP C 204 14.04 25.71 -8.23
N LYS C 205 13.27 24.62 -8.13
CA LYS C 205 13.61 23.40 -8.86
C LYS C 205 13.73 23.68 -10.36
N GLU C 206 12.83 24.51 -10.88
CA GLU C 206 12.83 24.88 -12.30
C GLU C 206 14.02 25.79 -12.64
N THR C 207 14.33 26.72 -11.74
CA THR C 207 15.47 27.59 -11.95
C THR C 207 16.73 26.75 -12.09
N VAL C 208 16.89 25.81 -11.17
CA VAL C 208 18.06 24.96 -11.17
C VAL C 208 18.06 24.02 -12.37
N ALA C 209 16.91 23.44 -12.67
CA ALA C 209 16.84 22.49 -13.78
C ALA C 209 17.20 23.18 -15.09
N LYS C 210 16.81 24.45 -15.23
CA LYS C 210 17.02 25.16 -16.49
C LYS C 210 18.32 25.93 -16.63
N TYR C 211 18.89 26.43 -15.52
CA TYR C 211 19.97 27.41 -15.64
C TYR C 211 21.26 27.08 -14.87
N SER C 212 21.49 25.81 -14.57
CA SER C 212 22.75 25.42 -13.96
C SER C 212 23.87 25.46 -15.01
N PHE C 213 25.04 25.95 -14.61
CA PHE C 213 26.22 25.97 -15.48
C PHE C 213 26.98 24.64 -15.46
N VAL D 2 30.87 -29.42 -34.04
CA VAL D 2 30.78 -28.97 -35.44
C VAL D 2 29.87 -27.74 -35.52
N LEU D 3 30.47 -26.63 -35.93
CA LEU D 3 29.72 -25.40 -36.03
C LEU D 3 28.53 -25.52 -37.00
N LYS D 4 27.35 -25.14 -36.52
CA LYS D 4 26.14 -25.20 -37.32
C LYS D 4 25.58 -23.79 -37.53
N VAL D 5 25.26 -23.48 -38.77
CA VAL D 5 24.69 -22.19 -39.16
C VAL D 5 23.25 -22.37 -39.61
N TYR D 6 22.32 -21.68 -38.96
CA TYR D 6 20.89 -21.78 -39.29
C TYR D 6 20.41 -20.76 -40.31
N GLY D 7 19.69 -21.25 -41.33
CA GLY D 7 19.08 -20.42 -42.35
C GLY D 7 19.98 -19.91 -43.47
N PRO D 8 20.84 -20.78 -44.04
CA PRO D 8 21.83 -20.32 -45.02
C PRO D 8 21.23 -19.69 -46.30
N HIS D 9 19.97 -19.97 -46.60
CA HIS D 9 19.41 -19.47 -47.86
C HIS D 9 19.16 -17.96 -47.83
N PHE D 10 19.21 -17.36 -46.64
CA PHE D 10 18.88 -15.95 -46.54
C PHE D 10 20.12 -15.09 -46.49
N ALA D 11 19.95 -13.78 -46.55
CA ALA D 11 21.07 -12.87 -46.79
C ALA D 11 21.95 -12.66 -45.54
N SER D 12 21.38 -12.29 -44.40
CA SER D 12 22.23 -12.07 -43.20
C SER D 12 23.10 -13.28 -42.84
N PRO D 13 22.56 -14.51 -42.89
CA PRO D 13 23.44 -15.64 -42.59
C PRO D 13 24.64 -15.75 -43.51
N LYS D 14 24.54 -15.20 -44.73
CA LYS D 14 25.67 -15.27 -45.64
C LYS D 14 26.86 -14.42 -45.18
N ARG D 15 26.62 -13.43 -44.32
CA ARG D 15 27.75 -12.72 -43.69
C ARG D 15 28.60 -13.71 -42.90
N ALA D 16 27.94 -14.57 -42.14
CA ALA D 16 28.63 -15.57 -41.33
C ALA D 16 29.28 -16.60 -42.25
N LEU D 17 28.52 -17.06 -43.26
CA LEU D 17 29.01 -18.11 -44.15
C LEU D 17 30.29 -17.70 -44.86
N VAL D 18 30.32 -16.49 -45.40
CA VAL D 18 31.52 -16.07 -46.14
C VAL D 18 32.69 -15.93 -45.19
N THR D 19 32.45 -15.52 -43.95
CA THR D 19 33.53 -15.41 -42.97
C THR D 19 34.05 -16.81 -42.63
N LEU D 20 33.13 -17.74 -42.39
CA LEU D 20 33.51 -19.12 -42.13
C LEU D 20 34.34 -19.71 -43.26
N ILE D 21 33.93 -19.45 -44.49
CA ILE D 21 34.63 -20.00 -45.65
C ILE D 21 36.00 -19.32 -45.82
N GLU D 22 36.06 -18.01 -45.61
CA GLU D 22 37.34 -17.29 -45.62
C GLU D 22 38.36 -17.83 -44.63
N LYS D 23 37.90 -18.24 -43.45
CA LYS D 23 38.83 -18.69 -42.41
C LYS D 23 39.11 -20.18 -42.53
N GLY D 24 38.46 -20.84 -43.48
CA GLY D 24 38.65 -22.26 -43.70
C GLY D 24 38.13 -23.10 -42.55
N VAL D 25 37.02 -22.65 -41.97
CA VAL D 25 36.40 -23.35 -40.86
C VAL D 25 35.35 -24.36 -41.34
N ALA D 26 35.39 -25.57 -40.78
CA ALA D 26 34.39 -26.58 -41.07
C ALA D 26 33.08 -26.21 -40.41
N PHE D 27 31.98 -26.41 -41.15
CA PHE D 27 30.66 -26.12 -40.60
C PHE D 27 29.55 -26.90 -41.32
N GLU D 28 28.41 -26.99 -40.65
CA GLU D 28 27.22 -27.53 -41.28
C GLU D 28 26.16 -26.44 -41.32
N THR D 29 25.21 -26.55 -42.25
CA THR D 29 24.13 -25.58 -42.32
C THR D 29 22.83 -26.30 -42.06
N ILE D 30 21.88 -25.59 -41.47
CA ILE D 30 20.57 -26.13 -41.14
C ILE D 30 19.51 -25.19 -41.69
N PRO D 31 18.66 -25.71 -42.57
CA PRO D 31 17.67 -24.81 -43.16
C PRO D 31 16.66 -24.37 -42.13
N VAL D 32 16.16 -23.15 -42.29
CA VAL D 32 15.03 -22.65 -41.53
C VAL D 32 14.04 -22.11 -42.55
N ASP D 33 12.86 -22.71 -42.57
CA ASP D 33 11.83 -22.36 -43.54
C ASP D 33 11.09 -21.12 -43.11
N LEU D 34 11.62 -19.94 -43.47
CA LEU D 34 11.00 -18.67 -43.07
C LEU D 34 9.59 -18.53 -43.64
N MET D 35 9.41 -19.00 -44.87
CA MET D 35 8.13 -18.82 -45.54
C MET D 35 7.07 -19.63 -44.80
N LYS D 36 7.48 -20.72 -44.14
CA LYS D 36 6.53 -21.53 -43.34
C LYS D 36 6.53 -21.23 -41.83
N GLY D 37 7.22 -20.18 -41.42
CA GLY D 37 7.23 -19.75 -40.04
C GLY D 37 8.04 -20.60 -39.07
N GLU D 38 8.99 -21.39 -39.59
CA GLU D 38 9.81 -22.24 -38.73
C GLU D 38 10.63 -21.39 -37.74
N HIS D 39 10.99 -20.17 -38.14
CA HIS D 39 11.76 -19.27 -37.30
C HIS D 39 10.96 -18.67 -36.18
N LYS D 40 9.63 -18.85 -36.21
CA LYS D 40 8.76 -18.30 -35.18
C LYS D 40 8.21 -19.39 -34.26
N GLN D 41 8.77 -20.60 -34.36
CA GLN D 41 8.36 -21.71 -33.50
C GLN D 41 9.35 -21.87 -32.32
N PRO D 42 8.90 -22.46 -31.19
CA PRO D 42 9.69 -22.56 -29.96
C PRO D 42 11.11 -23.12 -30.14
N ALA D 43 11.25 -24.10 -31.01
CA ALA D 43 12.55 -24.74 -31.22
C ALA D 43 13.58 -23.74 -31.71
N TYR D 44 13.24 -22.96 -32.73
CA TYR D 44 14.24 -22.03 -33.22
C TYR D 44 14.35 -20.80 -32.30
N LEU D 45 13.26 -20.43 -31.63
CA LEU D 45 13.27 -19.29 -30.73
C LEU D 45 14.23 -19.52 -29.55
N ALA D 46 14.44 -20.78 -29.19
CA ALA D 46 15.43 -21.09 -28.14
C ALA D 46 16.83 -20.74 -28.64
N LEU D 47 17.02 -20.71 -29.96
CA LEU D 47 18.33 -20.37 -30.50
C LEU D 47 18.44 -18.88 -30.78
N GLN D 48 17.37 -18.27 -31.29
CA GLN D 48 17.38 -16.84 -31.60
C GLN D 48 16.04 -16.27 -31.11
N PRO D 49 16.04 -15.63 -29.93
CA PRO D 49 14.81 -15.17 -29.27
C PRO D 49 14.10 -14.06 -30.05
N PHE D 50 14.78 -13.44 -31.00
CA PHE D 50 14.14 -12.44 -31.84
C PHE D 50 13.53 -13.07 -33.08
N GLY D 51 13.71 -14.37 -33.23
CA GLY D 51 13.14 -15.13 -34.33
C GLY D 51 13.61 -14.67 -35.71
N THR D 52 14.91 -14.46 -35.85
CA THR D 52 15.47 -14.12 -37.17
C THR D 52 16.72 -14.96 -37.40
N VAL D 53 17.18 -15.00 -38.65
CA VAL D 53 18.37 -15.76 -39.00
C VAL D 53 19.50 -14.80 -39.33
N PRO D 54 20.76 -15.16 -39.01
CA PRO D 54 21.22 -16.47 -38.53
C PRO D 54 21.27 -16.69 -37.03
N ALA D 55 21.33 -17.96 -36.66
CA ALA D 55 21.80 -18.34 -35.34
C ALA D 55 22.90 -19.34 -35.61
N VAL D 56 23.91 -19.36 -34.75
CA VAL D 56 25.00 -20.31 -34.91
C VAL D 56 25.11 -21.08 -33.62
N VAL D 57 25.21 -22.40 -33.74
CA VAL D 57 25.44 -23.23 -32.58
C VAL D 57 26.79 -23.93 -32.78
N ASP D 58 27.71 -23.68 -31.86
CA ASP D 58 29.05 -24.22 -31.92
C ASP D 58 29.31 -25.05 -30.68
N GLY D 59 28.96 -26.33 -30.72
CA GLY D 59 29.02 -27.17 -29.55
C GLY D 59 28.02 -26.67 -28.52
N ASP D 60 28.50 -26.32 -27.33
CA ASP D 60 27.61 -25.83 -26.28
C ASP D 60 27.39 -24.32 -26.38
N TYR D 61 28.13 -23.68 -27.28
CA TYR D 61 28.07 -22.24 -27.42
C TYR D 61 27.08 -21.85 -28.50
N LYS D 62 26.29 -20.83 -28.20
CA LYS D 62 25.22 -20.34 -29.06
C LYS D 62 25.43 -18.85 -29.33
N ILE D 63 25.34 -18.41 -30.58
CA ILE D 63 25.50 -16.97 -30.87
C ILE D 63 24.67 -16.54 -32.09
N PHE D 64 24.09 -15.34 -32.02
CA PHE D 64 23.35 -14.74 -33.13
C PHE D 64 23.79 -13.29 -33.37
N GLU D 65 23.09 -12.61 -34.29
CA GLU D 65 23.50 -11.33 -34.90
C GLU D 65 24.67 -11.61 -35.85
N SER D 66 24.40 -11.50 -37.14
CA SER D 66 25.32 -11.95 -38.18
C SER D 66 26.73 -11.38 -38.03
N ARG D 67 26.82 -10.10 -37.68
CA ARG D 67 28.10 -9.45 -37.60
C ARG D 67 28.81 -9.85 -36.33
N ALA D 68 28.06 -10.22 -35.31
CA ALA D 68 28.67 -10.72 -34.07
C ALA D 68 29.27 -12.09 -34.33
N VAL D 69 28.57 -12.87 -35.14
CA VAL D 69 29.09 -14.17 -35.56
C VAL D 69 30.36 -13.98 -36.35
N MET D 70 30.38 -12.98 -37.22
CA MET D 70 31.59 -12.66 -37.97
C MET D 70 32.75 -12.41 -37.00
N ARG D 71 32.51 -11.55 -36.01
CA ARG D 71 33.54 -11.19 -35.05
C ARG D 71 34.03 -12.39 -34.24
N TYR D 72 33.08 -13.20 -33.77
CA TYR D 72 33.41 -14.39 -33.02
C TYR D 72 34.27 -15.34 -33.85
N VAL D 73 33.87 -15.60 -35.09
CA VAL D 73 34.61 -16.50 -35.97
C VAL D 73 36.00 -15.98 -36.28
N ALA D 74 36.11 -14.69 -36.61
CA ALA D 74 37.41 -14.11 -36.95
C ALA D 74 38.37 -14.12 -35.75
N GLU D 75 37.82 -14.01 -34.54
CA GLU D 75 38.65 -13.98 -33.33
C GLU D 75 39.01 -15.39 -32.88
N LYS D 76 38.05 -16.28 -32.86
CA LYS D 76 38.31 -17.67 -32.48
C LYS D 76 39.31 -18.32 -33.41
N TYR D 77 39.24 -17.99 -34.70
CA TYR D 77 40.13 -18.61 -35.69
C TYR D 77 41.14 -17.63 -36.25
N ARG D 78 41.56 -16.68 -35.42
CA ARG D 78 42.37 -15.54 -35.89
C ARG D 78 43.64 -15.94 -36.63
N SER D 79 44.31 -16.98 -36.14
CA SER D 79 45.62 -17.34 -36.67
C SER D 79 45.58 -18.04 -38.03
N GLN D 80 44.40 -18.52 -38.45
CA GLN D 80 44.34 -19.23 -39.73
C GLN D 80 43.58 -18.39 -40.75
N GLY D 81 43.98 -18.49 -42.02
CA GLY D 81 43.40 -17.65 -43.06
C GLY D 81 43.84 -16.22 -42.91
N PRO D 82 43.22 -15.31 -43.68
CA PRO D 82 43.50 -13.87 -43.61
C PRO D 82 43.04 -13.27 -42.28
N ASP D 83 43.71 -12.24 -41.80
CA ASP D 83 43.26 -11.66 -40.55
C ASP D 83 42.22 -10.59 -40.87
N LEU D 84 40.96 -10.99 -40.73
CA LEU D 84 39.85 -10.14 -41.10
C LEU D 84 39.59 -9.07 -40.03
N LEU D 85 40.38 -9.12 -38.96
CA LEU D 85 40.31 -8.11 -37.90
C LEU D 85 41.48 -7.14 -37.92
N GLY D 86 42.41 -7.32 -38.86
CA GLY D 86 43.61 -6.52 -38.89
C GLY D 86 44.62 -7.01 -37.88
N LYS D 87 45.77 -6.36 -37.78
CA LYS D 87 46.81 -6.86 -36.89
C LYS D 87 46.79 -6.15 -35.54
N THR D 88 46.61 -4.83 -35.55
CA THR D 88 46.69 -4.04 -34.33
C THR D 88 45.31 -3.62 -33.79
N VAL D 89 45.30 -3.06 -32.58
CA VAL D 89 44.08 -2.54 -31.99
C VAL D 89 43.52 -1.39 -32.82
N GLU D 90 44.41 -0.54 -33.32
CA GLU D 90 43.99 0.55 -34.17
C GLU D 90 43.36 0.04 -35.47
N ASP D 91 43.95 -1.00 -36.05
CA ASP D 91 43.36 -1.67 -37.21
C ASP D 91 41.98 -2.18 -36.87
N ARG D 92 41.89 -2.85 -35.73
CA ARG D 92 40.62 -3.43 -35.33
C ARG D 92 39.58 -2.33 -35.14
N GLY D 93 40.02 -1.19 -34.61
CA GLY D 93 39.14 -0.04 -34.44
C GLY D 93 38.49 0.36 -35.76
N GLN D 94 39.27 0.37 -36.84
CA GLN D 94 38.76 0.74 -38.15
C GLN D 94 37.80 -0.29 -38.71
N VAL D 95 38.08 -1.58 -38.48
CA VAL D 95 37.16 -2.65 -38.87
C VAL D 95 35.84 -2.54 -38.14
N GLU D 96 35.90 -2.35 -36.83
CA GLU D 96 34.69 -2.18 -36.03
C GLU D 96 33.88 -0.95 -36.48
N GLN D 97 34.60 0.12 -36.81
CA GLN D 97 33.98 1.36 -37.26
C GLN D 97 33.12 1.13 -38.49
N TRP D 98 33.72 0.59 -39.55
CA TRP D 98 32.99 0.43 -40.80
C TRP D 98 31.98 -0.70 -40.72
N LEU D 99 32.23 -1.64 -39.84
CA LEU D 99 31.26 -2.67 -39.55
C LEU D 99 30.02 -2.03 -38.95
N ASP D 100 30.23 -1.05 -38.08
CA ASP D 100 29.10 -0.34 -37.50
C ASP D 100 28.40 0.60 -38.49
N VAL D 101 29.16 1.21 -39.39
CA VAL D 101 28.59 1.98 -40.48
C VAL D 101 27.69 1.08 -41.33
N GLU D 102 28.16 -0.13 -41.64
CA GLU D 102 27.35 -1.06 -42.43
C GLU D 102 26.03 -1.33 -41.71
N ALA D 103 26.10 -1.70 -40.43
CA ALA D 103 24.93 -2.08 -39.65
C ALA D 103 23.92 -0.97 -39.44
N THR D 104 24.41 0.26 -39.24
CA THR D 104 23.54 1.33 -38.78
C THR D 104 23.20 2.35 -39.84
N THR D 105 23.98 2.39 -40.91
CA THR D 105 23.91 3.49 -41.86
C THR D 105 23.70 2.97 -43.29
N TYR D 106 24.51 1.99 -43.68
CA TYR D 106 24.42 1.42 -45.02
C TYR D 106 23.27 0.42 -45.15
N HIS D 107 23.21 -0.55 -44.24
CA HIS D 107 22.23 -1.62 -44.39
C HIS D 107 20.74 -1.19 -44.26
N PRO D 108 20.39 -0.30 -43.30
CA PRO D 108 18.96 0.00 -43.14
C PRO D 108 18.22 0.57 -44.38
N PRO D 109 18.76 1.57 -45.10
CA PRO D 109 18.00 1.94 -46.29
C PRO D 109 18.05 0.86 -47.35
N LEU D 110 19.16 0.12 -47.41
CA LEU D 110 19.30 -0.94 -48.40
C LEU D 110 18.26 -2.04 -48.17
N LEU D 111 18.02 -2.36 -46.91
CA LEU D 111 17.03 -3.38 -46.57
C LEU D 111 15.64 -2.99 -47.08
N ASN D 112 15.30 -1.71 -46.98
CA ASN D 112 14.01 -1.23 -47.48
C ASN D 112 13.86 -1.52 -48.98
N LEU D 113 14.93 -1.29 -49.73
CA LEU D 113 14.97 -1.61 -51.14
C LEU D 113 14.83 -3.11 -51.40
N THR D 114 15.57 -3.91 -50.63
CA THR D 114 15.53 -5.37 -50.70
C THR D 114 14.15 -5.96 -50.41
N LEU D 115 13.48 -5.49 -49.36
CA LEU D 115 12.15 -5.98 -49.02
C LEU D 115 11.13 -5.57 -50.06
N GLU D 129 6.27 4.33 -54.11
CA GLU D 129 6.30 4.50 -52.65
C GLU D 129 7.32 5.54 -52.20
N LYS D 130 6.94 6.30 -51.18
CA LYS D 130 7.80 7.34 -50.59
C LYS D 130 8.99 6.72 -49.83
N LEU D 131 8.75 5.68 -49.03
CA LEU D 131 9.86 5.02 -48.32
C LEU D 131 10.90 4.49 -49.31
N ILE D 132 10.46 3.88 -50.41
CA ILE D 132 11.37 3.38 -51.44
C ILE D 132 12.24 4.49 -52.03
N LYS D 133 11.62 5.60 -52.43
CA LYS D 133 12.35 6.75 -52.98
C LYS D 133 13.34 7.33 -51.97
N GLU D 134 12.88 7.48 -50.73
CA GLU D 134 13.68 8.03 -49.65
C GLU D 134 14.85 7.12 -49.27
N SER D 135 14.60 5.81 -49.26
CA SER D 135 15.62 4.86 -48.92
C SER D 135 16.74 4.90 -49.95
N GLU D 136 16.37 5.04 -51.22
CA GLU D 136 17.36 5.09 -52.28
C GLU D 136 18.22 6.34 -52.11
N GLU D 137 17.58 7.46 -51.77
CA GLU D 137 18.29 8.72 -51.54
C GLU D 137 19.30 8.62 -50.40
N LYS D 138 18.90 8.03 -49.28
CA LYS D 138 19.80 7.89 -48.14
C LYS D 138 20.99 7.02 -48.52
N LEU D 139 20.71 5.89 -49.18
CA LEU D 139 21.76 4.98 -49.59
C LEU D 139 22.72 5.64 -50.57
N ALA D 140 22.17 6.44 -51.49
CA ALA D 140 23.00 7.13 -52.45
C ALA D 140 23.97 8.06 -51.72
N GLY D 141 23.46 8.74 -50.69
CA GLY D 141 24.28 9.62 -49.88
C GLY D 141 25.39 8.88 -49.17
N VAL D 142 25.06 7.72 -48.61
CA VAL D 142 26.04 6.89 -47.95
C VAL D 142 27.10 6.43 -48.95
N LEU D 143 26.66 6.02 -50.13
CA LEU D 143 27.60 5.55 -51.15
C LEU D 143 28.53 6.65 -51.63
N ASP D 144 28.07 7.90 -51.61
CA ASP D 144 28.92 9.05 -51.95
C ASP D 144 30.09 9.18 -50.98
N VAL D 145 29.83 8.91 -49.71
CA VAL D 145 30.89 8.91 -48.70
C VAL D 145 31.85 7.76 -48.97
N TYR D 146 31.32 6.58 -49.25
CA TYR D 146 32.15 5.41 -49.56
C TYR D 146 33.07 5.71 -50.74
N GLU D 147 32.51 6.38 -51.75
CA GLU D 147 33.27 6.69 -52.95
C GLU D 147 34.47 7.56 -52.61
N ALA D 148 34.24 8.60 -51.81
CA ALA D 148 35.34 9.47 -51.41
C ALA D 148 36.37 8.71 -50.60
N HIS D 149 35.89 7.87 -49.67
CA HIS D 149 36.79 7.11 -48.80
C HIS D 149 37.58 6.07 -49.55
N LEU D 150 36.92 5.31 -50.40
CA LEU D 150 37.58 4.21 -51.10
C LEU D 150 38.57 4.67 -52.16
N SER D 151 38.54 5.97 -52.48
CA SER D 151 39.52 6.53 -53.39
C SER D 151 40.84 6.77 -52.67
N LYS D 152 40.84 6.72 -51.35
CA LYS D 152 42.06 6.93 -50.56
C LYS D 152 42.44 5.69 -49.73
N SER D 153 41.55 4.72 -49.70
CA SER D 153 41.77 3.48 -48.95
C SER D 153 41.38 2.30 -49.83
N LYS D 154 42.24 1.28 -49.92
CA LYS D 154 41.98 0.17 -50.82
C LYS D 154 40.71 -0.59 -50.42
N TYR D 155 40.60 -0.88 -49.12
CA TYR D 155 39.39 -1.45 -48.54
C TYR D 155 38.84 -0.49 -47.48
N LEU D 156 37.70 -0.82 -46.87
CA LEU D 156 37.08 0.10 -45.94
C LEU D 156 37.98 0.44 -44.75
N ALA D 157 38.60 -0.57 -44.15
CA ALA D 157 39.39 -0.35 -42.93
C ALA D 157 40.87 -0.04 -43.15
N GLY D 158 41.34 -0.15 -44.40
CA GLY D 158 42.74 0.06 -44.72
C GLY D 158 43.18 -0.74 -45.93
N ASP D 159 44.42 -1.22 -45.95
CA ASP D 159 44.95 -1.93 -47.13
C ASP D 159 44.66 -3.43 -47.07
N PHE D 160 43.78 -3.80 -46.15
CA PHE D 160 43.47 -5.19 -45.92
C PHE D 160 41.97 -5.39 -45.97
N VAL D 161 41.55 -6.49 -46.59
CA VAL D 161 40.14 -6.86 -46.64
C VAL D 161 39.78 -7.28 -45.24
N SER D 162 38.57 -6.96 -44.80
CA SER D 162 38.18 -7.25 -43.44
C SER D 162 36.72 -7.61 -43.35
N LEU D 163 36.28 -7.89 -42.14
CA LEU D 163 34.87 -8.15 -41.84
C LEU D 163 33.99 -7.02 -42.35
N ALA D 164 34.50 -5.79 -42.28
CA ALA D 164 33.72 -4.63 -42.69
C ALA D 164 33.33 -4.71 -44.16
N ASP D 165 34.28 -5.11 -45.00
CA ASP D 165 34.02 -5.27 -46.43
C ASP D 165 33.07 -6.42 -46.66
N LEU D 166 33.37 -7.57 -46.05
CA LEU D 166 32.57 -8.76 -46.26
C LEU D 166 31.11 -8.56 -45.89
N ALA D 167 30.88 -7.74 -44.86
CA ALA D 167 29.52 -7.50 -44.36
C ALA D 167 28.60 -6.91 -45.44
N HIS D 168 29.18 -6.27 -46.44
CA HIS D 168 28.40 -5.65 -47.52
C HIS D 168 27.97 -6.61 -48.63
N LEU D 169 28.49 -7.83 -48.63
CA LEU D 169 28.26 -8.73 -49.77
C LEU D 169 26.80 -9.18 -49.97
N PRO D 170 26.13 -9.68 -48.92
CA PRO D 170 24.84 -10.35 -49.21
C PRO D 170 23.72 -9.46 -49.77
N PHE D 171 23.52 -8.27 -49.21
CA PHE D 171 22.43 -7.41 -49.65
C PHE D 171 22.81 -6.51 -50.85
N THR D 172 24.09 -6.17 -50.99
CA THR D 172 24.52 -5.41 -52.14
C THR D 172 24.39 -6.27 -53.39
N ASP D 173 24.55 -7.57 -53.18
CA ASP D 173 24.36 -8.57 -54.21
C ASP D 173 22.93 -8.49 -54.76
N TYR D 174 21.96 -8.30 -53.87
CA TYR D 174 20.57 -8.10 -54.26
C TYR D 174 20.44 -6.82 -55.06
N LEU D 175 21.06 -5.75 -54.54
CA LEU D 175 20.98 -4.42 -55.15
C LEU D 175 21.43 -4.43 -56.61
N VAL D 176 22.55 -5.09 -56.92
CA VAL D 176 23.07 -5.08 -58.28
C VAL D 176 22.46 -6.18 -59.16
N GLY D 177 21.71 -7.08 -58.53
CA GLY D 177 21.07 -8.17 -59.23
C GLY D 177 19.59 -7.93 -59.41
N PRO D 178 18.77 -8.70 -58.66
CA PRO D 178 17.31 -8.72 -58.75
C PRO D 178 16.64 -7.37 -58.51
N ILE D 179 17.23 -6.52 -57.67
CA ILE D 179 16.65 -5.20 -57.40
C ILE D 179 16.79 -4.30 -58.62
N GLY D 180 17.84 -4.52 -59.40
CA GLY D 180 18.03 -3.79 -60.64
C GLY D 180 18.46 -2.34 -60.45
N LYS D 181 19.25 -2.09 -59.41
CA LYS D 181 19.78 -0.75 -59.18
C LYS D 181 21.30 -0.82 -59.09
N ALA D 182 21.88 -1.62 -60.00
CA ALA D 182 23.31 -1.83 -60.05
C ALA D 182 24.08 -0.52 -60.26
N TYR D 183 23.43 0.45 -60.91
CA TYR D 183 24.06 1.74 -61.17
C TYR D 183 24.49 2.48 -59.89
N MET D 184 23.81 2.23 -58.77
CA MET D 184 24.17 2.92 -57.53
C MET D 184 25.62 2.57 -57.17
N ILE D 185 26.00 1.35 -57.50
CA ILE D 185 27.37 0.89 -57.36
C ILE D 185 28.19 1.21 -58.62
N LYS D 186 27.64 0.91 -59.79
CA LYS D 186 28.38 1.04 -61.05
C LYS D 186 28.75 2.49 -61.38
N ASP D 187 27.89 3.44 -61.01
CA ASP D 187 28.11 4.84 -61.33
C ASP D 187 29.15 5.52 -60.42
N ARG D 188 29.62 4.81 -59.40
CA ARG D 188 30.65 5.33 -58.48
C ARG D 188 31.94 4.54 -58.65
N LYS D 189 32.91 5.19 -59.29
CA LYS D 189 34.11 4.52 -59.81
C LYS D 189 34.85 3.66 -58.78
N HIS D 190 35.14 4.24 -57.62
CA HIS D 190 35.93 3.53 -56.62
C HIS D 190 35.11 2.48 -55.89
N VAL D 191 33.86 2.79 -55.61
CA VAL D 191 32.97 1.81 -55.00
C VAL D 191 32.83 0.61 -55.95
N SER D 192 32.70 0.90 -57.24
CA SER D 192 32.52 -0.16 -58.24
C SER D 192 33.74 -1.09 -58.34
N ALA D 193 34.94 -0.53 -58.33
CA ALA D 193 36.14 -1.35 -58.37
C ALA D 193 36.25 -2.16 -57.08
N TRP D 194 35.90 -1.55 -55.96
CA TRP D 194 35.94 -2.22 -54.66
C TRP D 194 34.95 -3.38 -54.62
N TRP D 195 33.73 -3.14 -55.08
CA TRP D 195 32.72 -4.19 -55.16
C TRP D 195 33.13 -5.33 -56.08
N ASP D 196 33.62 -4.99 -57.29
CA ASP D 196 34.10 -6.00 -58.23
C ASP D 196 35.15 -6.88 -57.57
N ASP D 197 35.99 -6.26 -56.74
CA ASP D 197 37.06 -6.96 -56.03
C ASP D 197 36.51 -7.93 -54.98
N ILE D 198 35.76 -7.42 -54.01
CA ILE D 198 35.35 -8.26 -52.89
C ILE D 198 34.31 -9.29 -53.32
N SER D 199 33.48 -8.95 -54.31
CA SER D 199 32.42 -9.86 -54.72
C SER D 199 32.95 -10.94 -55.66
N SER D 200 34.20 -10.83 -56.07
CA SER D 200 34.80 -11.89 -56.90
C SER D 200 35.74 -12.77 -56.09
N ARG D 201 35.81 -12.54 -54.77
CA ARG D 201 36.61 -13.41 -53.91
C ARG D 201 36.02 -14.82 -53.94
N PRO D 202 36.89 -15.84 -53.98
CA PRO D 202 36.42 -17.23 -54.08
C PRO D 202 35.46 -17.63 -52.95
N ALA D 203 35.66 -17.10 -51.75
CA ALA D 203 34.79 -17.42 -50.61
C ALA D 203 33.37 -16.95 -50.85
N TRP D 204 33.23 -15.81 -51.50
CA TRP D 204 31.91 -15.29 -51.76
C TRP D 204 31.21 -16.08 -52.88
N LYS D 205 31.98 -16.42 -53.92
CA LYS D 205 31.47 -17.21 -55.03
C LYS D 205 30.93 -18.56 -54.56
N GLU D 206 31.64 -19.16 -53.61
CA GLU D 206 31.25 -20.46 -53.06
C GLU D 206 29.98 -20.36 -52.22
N THR D 207 29.88 -19.28 -51.45
CA THR D 207 28.70 -19.00 -50.63
C THR D 207 27.44 -18.92 -51.48
N VAL D 208 27.55 -18.16 -52.55
CA VAL D 208 26.47 -17.96 -53.49
C VAL D 208 26.17 -19.25 -54.24
N ALA D 209 27.21 -19.97 -54.65
CA ALA D 209 27.00 -21.21 -55.40
C ALA D 209 26.26 -22.25 -54.57
N LYS D 210 26.56 -22.33 -53.28
CA LYS D 210 25.96 -23.38 -52.44
C LYS D 210 24.66 -22.96 -51.76
N TYR D 211 24.49 -21.67 -51.51
CA TYR D 211 23.44 -21.22 -50.60
C TYR D 211 22.51 -20.15 -51.16
N SER D 212 22.40 -20.05 -52.49
CA SER D 212 21.43 -19.13 -53.03
C SER D 212 20.04 -19.69 -52.81
N PHE D 213 19.12 -18.86 -52.32
CA PHE D 213 17.74 -19.28 -52.11
C PHE D 213 17.04 -19.58 -53.42
N VAL E 2 44.56 13.12 -23.48
CA VAL E 2 44.87 13.64 -24.81
C VAL E 2 43.87 13.04 -25.80
N LEU E 3 43.28 11.90 -25.46
CA LEU E 3 42.19 11.36 -26.26
C LEU E 3 41.09 12.42 -26.29
N LYS E 4 40.59 12.74 -27.47
CA LYS E 4 39.57 13.79 -27.57
C LYS E 4 38.22 13.25 -28.07
N VAL E 5 37.14 13.62 -27.39
CA VAL E 5 35.79 13.21 -27.79
C VAL E 5 34.93 14.39 -28.25
N TYR E 6 34.45 14.34 -29.49
CA TYR E 6 33.67 15.42 -30.04
C TYR E 6 32.17 15.25 -29.82
N GLY E 7 31.54 16.30 -29.31
CA GLY E 7 30.10 16.34 -29.09
C GLY E 7 29.56 15.69 -27.82
N PRO E 8 30.22 15.91 -26.66
CA PRO E 8 29.84 15.17 -25.46
C PRO E 8 28.41 15.39 -24.99
N HIS E 9 27.79 16.51 -25.36
CA HIS E 9 26.45 16.82 -24.85
C HIS E 9 25.34 15.98 -25.45
N PHE E 10 25.66 15.25 -26.53
CA PHE E 10 24.62 14.46 -27.20
C PHE E 10 24.66 13.02 -26.73
N ALA E 11 23.69 12.23 -27.16
CA ALA E 11 23.45 10.91 -26.60
C ALA E 11 24.46 9.84 -27.07
N SER E 12 24.64 9.68 -28.39
CA SER E 12 25.61 8.69 -28.87
C SER E 12 27.02 8.83 -28.31
N PRO E 13 27.57 10.07 -28.24
CA PRO E 13 28.91 10.23 -27.66
C PRO E 13 28.99 9.73 -26.20
N LYS E 14 27.88 9.74 -25.49
CA LYS E 14 27.90 9.29 -24.10
C LYS E 14 28.15 7.79 -24.01
N ARG E 15 27.92 7.04 -25.09
CA ARG E 15 28.32 5.62 -25.10
C ARG E 15 29.84 5.51 -24.92
N ALA E 16 30.59 6.35 -25.63
CA ALA E 16 32.03 6.37 -25.53
C ALA E 16 32.46 6.92 -24.17
N LEU E 17 31.83 8.01 -23.75
CA LEU E 17 32.21 8.67 -22.51
C LEU E 17 32.08 7.75 -21.29
N VAL E 18 30.96 7.04 -21.17
CA VAL E 18 30.79 6.19 -20.01
C VAL E 18 31.84 5.06 -20.04
N THR E 19 32.22 4.61 -21.24
CA THR E 19 33.24 3.57 -21.34
C THR E 19 34.63 4.06 -20.92
N LEU E 20 34.99 5.24 -21.38
CA LEU E 20 36.24 5.87 -20.99
C LEU E 20 36.31 6.03 -19.48
N ILE E 21 35.21 6.45 -18.87
CA ILE E 21 35.20 6.66 -17.43
C ILE E 21 35.24 5.33 -16.66
N GLU E 22 34.50 4.32 -17.14
CA GLU E 22 34.57 2.97 -16.54
C GLU E 22 36.00 2.43 -16.50
N LYS E 23 36.75 2.70 -17.56
CA LYS E 23 38.11 2.19 -17.72
C LYS E 23 39.14 3.13 -17.11
N GLY E 24 38.69 4.27 -16.60
CA GLY E 24 39.60 5.22 -15.97
C GLY E 24 40.59 5.86 -16.93
N VAL E 25 40.16 6.08 -18.16
CA VAL E 25 41.03 6.63 -19.19
C VAL E 25 40.91 8.15 -19.17
N ALA E 26 42.04 8.84 -19.27
CA ALA E 26 42.04 10.29 -19.37
C ALA E 26 41.58 10.73 -20.77
N PHE E 27 40.76 11.76 -20.82
CA PHE E 27 40.28 12.29 -22.09
C PHE E 27 39.85 13.74 -21.94
N GLU E 28 39.77 14.43 -23.08
CA GLU E 28 39.19 15.76 -23.11
C GLU E 28 37.98 15.70 -24.04
N THR E 29 37.06 16.64 -23.88
CA THR E 29 35.90 16.68 -24.75
C THR E 29 35.89 17.99 -25.52
N ILE E 30 35.34 17.93 -26.73
CA ILE E 30 35.26 19.10 -27.59
C ILE E 30 33.83 19.25 -28.11
N PRO E 31 33.20 20.41 -27.85
CA PRO E 31 31.82 20.64 -28.25
C PRO E 31 31.63 20.73 -29.76
N VAL E 32 30.49 20.27 -30.24
CA VAL E 32 30.09 20.45 -31.63
C VAL E 32 28.71 21.08 -31.64
N ASP E 33 28.60 22.25 -32.27
CA ASP E 33 27.34 22.98 -32.29
C ASP E 33 26.40 22.44 -33.36
N LEU E 34 25.70 21.34 -33.05
CA LEU E 34 24.79 20.73 -34.04
C LEU E 34 23.68 21.70 -34.43
N MET E 35 23.21 22.49 -33.46
CA MET E 35 22.10 23.40 -33.71
C MET E 35 22.50 24.50 -34.69
N LYS E 36 23.77 24.86 -34.71
CA LYS E 36 24.27 25.85 -35.67
C LYS E 36 24.91 25.18 -36.89
N GLY E 37 24.79 23.86 -36.97
CA GLY E 37 25.25 23.10 -38.13
C GLY E 37 26.75 22.90 -38.32
N GLU E 38 27.52 22.99 -37.23
CA GLU E 38 28.97 22.83 -37.28
C GLU E 38 29.38 21.44 -37.77
N HIS E 39 28.54 20.44 -37.49
CA HIS E 39 28.81 19.06 -37.86
C HIS E 39 28.66 18.80 -39.37
N LYS E 40 28.11 19.77 -40.10
CA LYS E 40 27.97 19.63 -41.54
C LYS E 40 28.96 20.51 -42.26
N GLN E 41 29.88 21.10 -41.51
CA GLN E 41 30.88 21.98 -42.10
C GLN E 41 32.15 21.18 -42.41
N PRO E 42 32.94 21.64 -43.39
CA PRO E 42 34.12 20.91 -43.88
C PRO E 42 35.09 20.47 -42.78
N ALA E 43 35.27 21.32 -41.75
CA ALA E 43 36.20 21.02 -40.68
C ALA E 43 35.81 19.74 -39.92
N TYR E 44 34.54 19.63 -39.52
CA TYR E 44 34.13 18.46 -38.77
C TYR E 44 33.96 17.26 -39.67
N LEU E 45 33.60 17.50 -40.93
CA LEU E 45 33.43 16.41 -41.88
C LEU E 45 34.75 15.67 -42.09
N ALA E 46 35.87 16.35 -41.89
CA ALA E 46 37.17 15.70 -41.96
C ALA E 46 37.38 14.68 -40.84
N LEU E 47 36.66 14.84 -39.73
CA LEU E 47 36.76 13.89 -38.62
C LEU E 47 35.72 12.80 -38.72
N GLN E 48 34.52 13.20 -39.11
CA GLN E 48 33.41 12.28 -39.25
C GLN E 48 32.70 12.59 -40.56
N PRO E 49 33.02 11.84 -41.62
CA PRO E 49 32.56 12.12 -43.00
C PRO E 49 31.04 11.99 -43.18
N PHE E 50 30.36 11.38 -42.21
CA PHE E 50 28.90 11.29 -42.25
C PHE E 50 28.28 12.49 -41.54
N GLY E 51 29.12 13.35 -40.96
CA GLY E 51 28.64 14.54 -40.30
C GLY E 51 27.76 14.22 -39.11
N THR E 52 28.18 13.27 -38.27
CA THR E 52 27.47 12.96 -37.05
C THR E 52 28.44 12.81 -35.86
N VAL E 53 27.91 12.87 -34.64
CA VAL E 53 28.73 12.71 -33.44
C VAL E 53 28.44 11.36 -32.79
N PRO E 54 29.45 10.72 -32.16
CA PRO E 54 30.79 11.25 -31.88
C PRO E 54 31.83 11.01 -32.96
N ALA E 55 32.90 11.78 -32.83
CA ALA E 55 34.17 11.47 -33.44
C ALA E 55 35.21 11.43 -32.31
N VAL E 56 36.22 10.59 -32.45
CA VAL E 56 37.28 10.53 -31.48
C VAL E 56 38.65 10.65 -32.15
N VAL E 57 39.50 11.50 -31.60
CA VAL E 57 40.88 11.61 -32.04
C VAL E 57 41.84 11.28 -30.90
N ASP E 58 42.69 10.27 -31.12
CA ASP E 58 43.60 9.81 -30.08
C ASP E 58 45.02 9.92 -30.62
N GLY E 59 45.62 11.08 -30.44
CA GLY E 59 46.89 11.38 -31.08
C GLY E 59 46.70 11.51 -32.58
N ASP E 60 47.39 10.69 -33.35
CA ASP E 60 47.27 10.71 -34.81
C ASP E 60 46.15 9.77 -35.28
N TYR E 61 45.54 9.06 -34.34
CA TYR E 61 44.51 8.07 -34.67
C TYR E 61 43.10 8.65 -34.59
N LYS E 62 42.29 8.30 -35.58
CA LYS E 62 40.93 8.83 -35.68
C LYS E 62 39.90 7.69 -35.78
N ILE E 63 38.80 7.79 -35.02
CA ILE E 63 37.78 6.76 -35.06
C ILE E 63 36.38 7.33 -34.78
N PHE E 64 35.38 6.85 -35.52
CA PHE E 64 33.99 7.27 -35.27
C PHE E 64 33.04 6.06 -35.20
N GLU E 65 31.73 6.31 -35.07
CA GLU E 65 30.72 5.31 -34.68
C GLU E 65 30.85 4.98 -33.19
N SER E 66 29.85 5.40 -32.42
CA SER E 66 29.92 5.36 -30.96
C SER E 66 30.27 3.99 -30.39
N ARG E 67 29.70 2.91 -30.95
CA ARG E 67 29.93 1.58 -30.40
C ARG E 67 31.28 1.05 -30.82
N ALA E 68 31.80 1.53 -31.96
CA ALA E 68 33.14 1.18 -32.38
C ALA E 68 34.18 1.81 -31.43
N VAL E 69 33.91 3.02 -30.99
CA VAL E 69 34.77 3.70 -30.03
C VAL E 69 34.81 2.93 -28.71
N MET E 70 33.65 2.45 -28.26
CA MET E 70 33.58 1.65 -27.06
C MET E 70 34.51 0.47 -27.14
N ARG E 71 34.42 -0.26 -28.25
CA ARG E 71 35.20 -1.45 -28.46
C ARG E 71 36.69 -1.12 -28.49
N TYR E 72 37.04 -0.04 -29.19
CA TYR E 72 38.43 0.38 -29.31
C TYR E 72 39.00 0.72 -27.93
N VAL E 73 38.27 1.53 -27.17
CA VAL E 73 38.71 1.91 -25.84
C VAL E 73 38.79 0.67 -24.94
N ALA E 74 37.78 -0.20 -25.00
CA ALA E 74 37.75 -1.38 -24.15
C ALA E 74 38.88 -2.37 -24.45
N GLU E 75 39.30 -2.43 -25.70
CA GLU E 75 40.39 -3.32 -26.09
C GLU E 75 41.76 -2.67 -25.85
N LYS E 76 41.90 -1.41 -26.20
CA LYS E 76 43.17 -0.73 -26.01
C LYS E 76 43.59 -0.68 -24.54
N TYR E 77 42.63 -0.51 -23.66
CA TYR E 77 42.89 -0.35 -22.23
C TYR E 77 42.35 -1.57 -21.49
N ARG E 78 42.41 -2.73 -22.15
CA ARG E 78 41.74 -3.91 -21.63
C ARG E 78 42.11 -4.27 -20.19
N SER E 79 43.39 -4.11 -19.85
CA SER E 79 43.86 -4.56 -18.56
C SER E 79 43.45 -3.66 -17.40
N GLN E 80 42.95 -2.45 -17.67
CA GLN E 80 42.59 -1.61 -16.53
C GLN E 80 41.07 -1.43 -16.37
N GLY E 81 40.65 -1.35 -15.11
CA GLY E 81 39.24 -1.29 -14.79
C GLY E 81 38.58 -2.63 -15.07
N PRO E 82 37.26 -2.68 -15.01
CA PRO E 82 36.56 -3.93 -15.35
C PRO E 82 36.76 -4.28 -16.83
N ASP E 83 36.79 -5.57 -17.17
CA ASP E 83 36.94 -5.95 -18.56
C ASP E 83 35.56 -6.01 -19.22
N LEU E 84 35.24 -4.94 -19.92
CA LEU E 84 33.91 -4.77 -20.47
C LEU E 84 33.69 -5.60 -21.73
N LEU E 85 34.71 -6.36 -22.11
CA LEU E 85 34.63 -7.28 -23.24
C LEU E 85 34.46 -8.71 -22.80
N GLY E 86 34.41 -8.95 -21.49
CA GLY E 86 34.44 -10.31 -20.99
C GLY E 86 35.86 -10.84 -21.03
N LYS E 87 36.08 -12.06 -20.59
CA LYS E 87 37.43 -12.59 -20.52
C LYS E 87 37.83 -13.46 -21.74
N THR E 88 36.92 -14.31 -22.20
CA THR E 88 37.22 -15.27 -23.27
C THR E 88 36.65 -14.85 -24.62
N VAL E 89 37.00 -15.58 -25.67
CA VAL E 89 36.48 -15.34 -27.01
C VAL E 89 34.96 -15.57 -27.00
N GLU E 90 34.50 -16.60 -26.30
CA GLU E 90 33.06 -16.82 -26.15
C GLU E 90 32.35 -15.72 -25.36
N ASP E 91 32.95 -15.25 -24.26
CA ASP E 91 32.38 -14.10 -23.54
C ASP E 91 32.24 -12.90 -24.49
N ARG E 92 33.32 -12.58 -25.22
CA ARG E 92 33.30 -11.45 -26.11
C ARG E 92 32.23 -11.61 -27.22
N GLY E 93 32.03 -12.83 -27.71
CA GLY E 93 30.97 -13.08 -28.66
C GLY E 93 29.62 -12.64 -28.15
N GLN E 94 29.34 -12.92 -26.88
CA GLN E 94 28.06 -12.52 -26.29
C GLN E 94 27.95 -11.01 -26.16
N VAL E 95 29.08 -10.38 -25.83
CA VAL E 95 29.10 -8.93 -25.77
C VAL E 95 28.82 -8.36 -27.16
N GLU E 96 29.52 -8.87 -28.18
CA GLU E 96 29.32 -8.38 -29.54
C GLU E 96 27.87 -8.61 -29.98
N GLN E 97 27.32 -9.74 -29.58
CA GLN E 97 25.95 -10.09 -29.88
C GLN E 97 24.97 -9.03 -29.38
N TRP E 98 25.02 -8.73 -28.10
CA TRP E 98 24.03 -7.81 -27.53
C TRP E 98 24.30 -6.35 -27.93
N LEU E 99 25.55 -6.06 -28.22
CA LEU E 99 25.93 -4.76 -28.77
C LEU E 99 25.28 -4.57 -30.15
N ASP E 100 25.26 -5.63 -30.95
CA ASP E 100 24.62 -5.56 -32.27
C ASP E 100 23.10 -5.56 -32.16
N VAL E 101 22.55 -6.26 -31.17
CA VAL E 101 21.12 -6.15 -30.89
C VAL E 101 20.75 -4.70 -30.60
N GLU E 102 21.58 -4.03 -29.80
CA GLU E 102 21.38 -2.63 -29.46
C GLU E 102 21.39 -1.76 -30.72
N ALA E 103 22.41 -1.92 -31.56
CA ALA E 103 22.57 -1.10 -32.75
C ALA E 103 21.50 -1.31 -33.82
N THR E 104 21.02 -2.54 -34.01
CA THR E 104 20.17 -2.86 -35.16
C THR E 104 18.71 -3.06 -34.75
N THR E 105 18.45 -3.28 -33.46
CA THR E 105 17.13 -3.75 -33.05
C THR E 105 16.50 -2.88 -31.96
N TYR E 106 17.27 -2.55 -30.94
CA TYR E 106 16.76 -1.74 -29.85
C TYR E 106 16.78 -0.27 -30.23
N HIS E 107 17.94 0.20 -30.68
CA HIS E 107 18.10 1.63 -30.92
C HIS E 107 17.25 2.24 -32.03
N PRO E 108 17.11 1.56 -33.20
CA PRO E 108 16.38 2.29 -34.25
C PRO E 108 14.94 2.69 -33.87
N PRO E 109 14.13 1.77 -33.28
CA PRO E 109 12.81 2.32 -32.92
C PRO E 109 12.88 3.31 -31.75
N LEU E 110 13.84 3.17 -30.83
CA LEU E 110 13.98 4.16 -29.75
C LEU E 110 14.36 5.56 -30.26
N LEU E 111 15.23 5.61 -31.26
CA LEU E 111 15.63 6.86 -31.89
C LEU E 111 14.46 7.60 -32.53
N ASN E 112 13.55 6.87 -33.17
CA ASN E 112 12.36 7.52 -33.74
C ASN E 112 11.54 8.27 -32.69
N LEU E 113 11.40 7.65 -31.51
CA LEU E 113 10.73 8.25 -30.36
C LEU E 113 11.47 9.51 -29.87
N THR E 114 12.78 9.41 -29.77
CA THR E 114 13.62 10.52 -29.33
C THR E 114 13.43 11.72 -30.23
N LEU E 115 13.42 11.47 -31.53
CA LEU E 115 13.28 12.54 -32.51
C LEU E 115 11.87 13.15 -32.51
N HIS E 116 10.85 12.28 -32.60
CA HIS E 116 9.46 12.73 -32.78
C HIS E 116 8.76 13.17 -31.49
N ILE E 117 9.35 12.88 -30.33
CA ILE E 117 8.82 13.39 -29.07
C ILE E 117 9.68 14.53 -28.53
N GLU E 129 0.69 10.18 -34.23
CA GLU E 129 1.57 9.87 -35.32
C GLU E 129 1.71 8.37 -35.40
N LYS E 130 1.54 7.84 -36.59
CA LYS E 130 1.58 6.42 -36.76
C LYS E 130 2.98 5.98 -36.48
N LEU E 131 3.95 6.79 -36.81
CA LEU E 131 5.32 6.38 -36.65
C LEU E 131 5.68 6.25 -35.19
N ILE E 132 5.16 7.14 -34.37
CA ILE E 132 5.37 7.05 -32.95
C ILE E 132 4.78 5.78 -32.40
N LYS E 133 3.55 5.49 -32.78
CA LYS E 133 2.87 4.37 -32.21
C LYS E 133 3.54 3.10 -32.69
N GLU E 134 4.04 3.13 -33.91
CA GLU E 134 4.68 1.98 -34.49
C GLU E 134 6.02 1.74 -33.84
N SER E 135 6.74 2.82 -33.60
CA SER E 135 8.05 2.70 -32.98
C SER E 135 7.90 2.17 -31.56
N GLU E 136 6.89 2.65 -30.83
CA GLU E 136 6.69 2.18 -29.45
C GLU E 136 6.34 0.67 -29.40
N GLU E 137 5.44 0.24 -30.27
CA GLU E 137 5.07 -1.17 -30.35
C GLU E 137 6.29 -2.03 -30.70
N LYS E 138 7.09 -1.56 -31.66
CA LYS E 138 8.27 -2.30 -32.05
C LYS E 138 9.26 -2.37 -30.88
N LEU E 139 9.51 -1.23 -30.22
CA LEU E 139 10.40 -1.21 -29.07
C LEU E 139 9.87 -2.07 -27.91
N ALA E 140 8.56 -2.06 -27.70
CA ALA E 140 7.96 -2.87 -26.65
C ALA E 140 8.22 -4.35 -26.94
N GLY E 141 8.11 -4.74 -28.21
CA GLY E 141 8.37 -6.12 -28.60
C GLY E 141 9.80 -6.53 -28.27
N VAL E 142 10.74 -5.65 -28.58
CA VAL E 142 12.15 -5.90 -28.25
C VAL E 142 12.36 -6.06 -26.75
N LEU E 143 11.72 -5.18 -25.97
CA LEU E 143 11.85 -5.21 -24.51
C LEU E 143 11.24 -6.46 -23.91
N ASP E 144 10.22 -7.02 -24.59
CA ASP E 144 9.66 -8.28 -24.14
C ASP E 144 10.71 -9.40 -24.25
N VAL E 145 11.50 -9.38 -25.31
CA VAL E 145 12.59 -10.35 -25.47
C VAL E 145 13.67 -10.11 -24.38
N TYR E 146 14.02 -8.84 -24.14
CA TYR E 146 14.95 -8.49 -23.06
C TYR E 146 14.43 -8.99 -21.71
N GLU E 147 13.13 -8.84 -21.49
CA GLU E 147 12.53 -9.23 -20.22
C GLU E 147 12.74 -10.71 -19.97
N ALA E 148 12.44 -11.53 -20.97
CA ALA E 148 12.64 -12.97 -20.86
C ALA E 148 14.12 -13.31 -20.70
N HIS E 149 14.98 -12.66 -21.46
CA HIS E 149 16.41 -12.95 -21.38
C HIS E 149 16.97 -12.55 -20.00
N LEU E 150 16.63 -11.35 -19.52
CA LEU E 150 17.16 -10.87 -18.23
C LEU E 150 16.60 -11.62 -17.02
N SER E 151 15.56 -12.42 -17.24
CA SER E 151 15.07 -13.22 -16.13
C SER E 151 15.98 -14.42 -15.92
N LYS E 152 16.84 -14.72 -16.89
CA LYS E 152 17.76 -15.87 -16.77
C LYS E 152 19.25 -15.45 -16.82
N SER E 153 19.52 -14.21 -17.17
CA SER E 153 20.88 -13.68 -17.27
C SER E 153 20.98 -12.34 -16.53
N LYS E 154 22.00 -12.20 -15.69
CA LYS E 154 22.13 -11.03 -14.81
C LYS E 154 22.34 -9.72 -15.60
N TYR E 155 23.25 -9.76 -16.55
CA TYR E 155 23.43 -8.67 -17.50
C TYR E 155 23.16 -9.22 -18.90
N LEU E 156 23.23 -8.39 -19.92
CA LEU E 156 22.88 -8.89 -21.27
C LEU E 156 23.79 -10.02 -21.77
N ALA E 157 25.11 -9.88 -21.60
CA ALA E 157 26.05 -10.86 -22.18
C ALA E 157 26.32 -12.04 -21.26
N GLY E 158 25.79 -11.99 -20.04
CA GLY E 158 26.00 -13.06 -19.08
C GLY E 158 25.98 -12.52 -17.67
N ASP E 159 26.82 -13.07 -16.79
CA ASP E 159 26.80 -12.65 -15.39
C ASP E 159 27.75 -11.47 -15.06
N PHE E 160 28.24 -10.80 -16.10
CA PHE E 160 29.16 -9.68 -15.99
C PHE E 160 28.69 -8.48 -16.79
N VAL E 161 28.86 -7.28 -16.25
CA VAL E 161 28.48 -6.05 -16.97
C VAL E 161 29.46 -5.87 -18.13
N SER E 162 28.99 -5.37 -19.26
CA SER E 162 29.85 -5.22 -20.42
C SER E 162 29.45 -4.01 -21.29
N LEU E 163 30.17 -3.81 -22.40
CA LEU E 163 29.83 -2.77 -23.38
C LEU E 163 28.37 -2.84 -23.85
N ALA E 164 27.83 -4.06 -23.95
CA ALA E 164 26.46 -4.26 -24.40
C ALA E 164 25.48 -3.56 -23.47
N ASP E 165 25.66 -3.72 -22.15
CA ASP E 165 24.76 -3.04 -21.23
C ASP E 165 24.94 -1.53 -21.33
N LEU E 166 26.18 -1.06 -21.27
CA LEU E 166 26.48 0.38 -21.29
C LEU E 166 25.94 1.08 -22.56
N ALA E 167 25.91 0.36 -23.67
CA ALA E 167 25.45 0.97 -24.91
C ALA E 167 23.99 1.44 -24.82
N HIS E 168 23.21 0.84 -23.91
CA HIS E 168 21.81 1.19 -23.71
C HIS E 168 21.56 2.42 -22.83
N LEU E 169 22.60 2.92 -22.17
CA LEU E 169 22.37 3.98 -21.18
C LEU E 169 21.86 5.30 -21.78
N PRO E 170 22.53 5.85 -22.81
CA PRO E 170 22.20 7.24 -23.14
C PRO E 170 20.79 7.46 -23.69
N PHE E 171 20.30 6.62 -24.60
CA PHE E 171 18.98 6.89 -25.17
C PHE E 171 17.86 6.33 -24.27
N THR E 172 18.15 5.29 -23.48
CA THR E 172 17.15 4.79 -22.53
C THR E 172 16.96 5.82 -21.43
N ASP E 173 18.01 6.58 -21.12
CA ASP E 173 17.91 7.66 -20.14
C ASP E 173 16.86 8.69 -20.60
N TYR E 174 16.86 8.99 -21.90
CA TYR E 174 15.84 9.86 -22.54
C TYR E 174 14.42 9.26 -22.43
N LEU E 175 14.33 7.97 -22.74
CA LEU E 175 13.07 7.27 -22.73
C LEU E 175 12.37 7.38 -21.38
N VAL E 176 13.10 7.14 -20.30
CA VAL E 176 12.48 7.12 -18.99
C VAL E 176 12.44 8.53 -18.39
N GLY E 177 13.13 9.45 -19.04
CA GLY E 177 13.13 10.82 -18.57
C GLY E 177 12.21 11.72 -19.40
N PRO E 178 12.79 12.64 -20.17
CA PRO E 178 12.03 13.67 -20.90
C PRO E 178 11.00 13.07 -21.85
N ILE E 179 11.26 11.88 -22.39
CA ILE E 179 10.32 11.28 -23.33
C ILE E 179 9.03 10.82 -22.62
N GLY E 180 9.11 10.56 -21.33
CA GLY E 180 7.93 10.22 -20.55
C GLY E 180 7.40 8.81 -20.80
N LYS E 181 8.30 7.87 -21.08
CA LYS E 181 7.91 6.48 -21.27
C LYS E 181 8.68 5.52 -20.36
N ALA E 182 8.90 5.93 -19.12
CA ALA E 182 9.61 5.12 -18.15
C ALA E 182 8.88 3.80 -17.91
N TYR E 183 7.57 3.79 -18.15
CA TYR E 183 6.77 2.57 -17.92
C TYR E 183 7.24 1.40 -18.79
N MET E 184 7.85 1.70 -19.94
CA MET E 184 8.35 0.66 -20.82
C MET E 184 9.44 -0.15 -20.13
N ILE E 185 10.19 0.55 -19.29
CA ILE E 185 11.22 -0.08 -18.48
C ILE E 185 10.66 -0.59 -17.16
N LYS E 186 9.88 0.25 -16.49
CA LYS E 186 9.36 -0.02 -15.15
C LYS E 186 8.39 -1.21 -15.12
N ASP E 187 7.57 -1.36 -16.16
CA ASP E 187 6.56 -2.43 -16.15
C ASP E 187 7.14 -3.82 -16.44
N ARG E 188 8.41 -3.87 -16.79
CA ARG E 188 9.06 -5.16 -17.05
C ARG E 188 10.05 -5.41 -15.93
N LYS E 189 9.67 -6.33 -15.05
CA LYS E 189 10.34 -6.53 -13.75
C LYS E 189 11.87 -6.69 -13.84
N HIS E 190 12.34 -7.57 -14.72
CA HIS E 190 13.77 -7.85 -14.81
C HIS E 190 14.51 -6.76 -15.58
N VAL E 191 13.88 -6.22 -16.62
CA VAL E 191 14.41 -5.07 -17.34
C VAL E 191 14.57 -3.89 -16.38
N SER E 192 13.56 -3.68 -15.55
CA SER E 192 13.58 -2.59 -14.58
C SER E 192 14.71 -2.71 -13.57
N ALA E 193 14.91 -3.92 -13.02
CA ALA E 193 15.98 -4.14 -12.03
C ALA E 193 17.34 -3.98 -12.70
N TRP E 194 17.43 -4.45 -13.93
CA TRP E 194 18.67 -4.33 -14.71
C TRP E 194 18.99 -2.86 -14.98
N TRP E 195 17.97 -2.12 -15.40
CA TRP E 195 18.14 -0.69 -15.65
C TRP E 195 18.58 0.08 -14.42
N ASP E 196 17.93 -0.20 -13.29
CA ASP E 196 18.28 0.41 -12.02
C ASP E 196 19.74 0.13 -11.68
N ASP E 197 20.20 -1.08 -11.98
CA ASP E 197 21.58 -1.44 -11.69
C ASP E 197 22.58 -0.64 -12.53
N ILE E 198 22.47 -0.75 -13.84
CA ILE E 198 23.50 -0.18 -14.69
C ILE E 198 23.46 1.34 -14.72
N SER E 199 22.27 1.94 -14.55
CA SER E 199 22.18 3.39 -14.59
C SER E 199 22.55 4.03 -13.25
N SER E 200 22.78 3.25 -12.20
CA SER E 200 23.27 3.80 -10.92
C SER E 200 24.77 3.53 -10.74
N ARG E 201 25.44 2.99 -11.76
CA ARG E 201 26.90 2.86 -11.73
C ARG E 201 27.55 4.24 -11.72
N PRO E 202 28.59 4.42 -10.89
CA PRO E 202 29.22 5.74 -10.72
C PRO E 202 29.69 6.32 -12.07
N ALA E 203 30.15 5.48 -12.98
CA ALA E 203 30.63 5.98 -14.26
C ALA E 203 29.50 6.65 -15.06
N TRP E 204 28.30 6.10 -14.95
CA TRP E 204 27.18 6.72 -15.67
C TRP E 204 26.70 8.01 -14.98
N LYS E 205 26.63 8.00 -13.65
CA LYS E 205 26.23 9.18 -12.89
C LYS E 205 27.16 10.35 -13.21
N GLU E 206 28.45 10.03 -13.35
CA GLU E 206 29.46 11.02 -13.66
C GLU E 206 29.29 11.52 -15.09
N THR E 207 28.98 10.61 -16.01
CA THR E 207 28.71 10.98 -17.40
C THR E 207 27.57 11.99 -17.47
N VAL E 208 26.50 11.69 -16.75
CA VAL E 208 25.32 12.56 -16.71
C VAL E 208 25.59 13.87 -15.97
N ALA E 209 26.30 13.80 -14.84
CA ALA E 209 26.59 15.03 -14.10
C ALA E 209 27.42 15.99 -14.95
N LYS E 210 28.31 15.47 -15.78
CA LYS E 210 29.23 16.31 -16.55
C LYS E 210 28.76 16.70 -17.96
N TYR E 211 27.94 15.88 -18.60
CA TYR E 211 27.70 16.08 -20.03
C TYR E 211 26.23 16.15 -20.47
N SER E 212 25.33 16.42 -19.52
CA SER E 212 23.92 16.64 -19.81
C SER E 212 23.56 17.98 -20.46
N PHE E 213 22.58 17.95 -21.36
CA PHE E 213 22.01 19.17 -21.94
C PHE E 213 23.01 19.98 -22.75
N VAL F 2 16.65 21.21 58.89
CA VAL F 2 16.52 19.91 59.55
C VAL F 2 15.34 19.14 58.95
N LEU F 3 14.37 19.87 58.40
CA LEU F 3 13.27 19.22 57.70
C LEU F 3 13.88 18.35 56.61
N LYS F 4 13.42 17.10 56.53
CA LYS F 4 13.92 16.15 55.55
C LYS F 4 12.84 15.73 54.54
N VAL F 5 13.19 15.73 53.25
CA VAL F 5 12.31 15.29 52.17
C VAL F 5 12.86 14.02 51.49
N TYR F 6 12.08 12.94 51.48
CA TYR F 6 12.53 11.70 50.87
C TYR F 6 12.08 11.58 49.40
N GLY F 7 13.04 11.23 48.53
CA GLY F 7 12.82 11.00 47.11
C GLY F 7 12.78 12.19 46.17
N PRO F 8 13.72 13.15 46.33
CA PRO F 8 13.63 14.39 45.55
C PRO F 8 13.70 14.21 44.04
N HIS F 9 14.30 13.12 43.57
CA HIS F 9 14.51 13.00 42.13
C HIS F 9 13.21 12.68 41.38
N PHE F 10 12.15 12.35 42.09
CA PHE F 10 10.90 11.99 41.45
C PHE F 10 9.94 13.18 41.40
N ALA F 11 8.85 13.01 40.67
CA ALA F 11 8.00 14.13 40.31
C ALA F 11 7.12 14.63 41.47
N SER F 12 6.33 13.75 42.09
CA SER F 12 5.50 14.21 43.21
C SER F 12 6.28 14.93 44.32
N PRO F 13 7.44 14.38 44.71
CA PRO F 13 8.17 15.13 45.75
C PRO F 13 8.49 16.56 45.33
N LYS F 14 8.58 16.83 44.03
CA LYS F 14 8.92 18.18 43.62
C LYS F 14 7.79 19.18 43.93
N ARG F 15 6.57 18.68 44.15
CA ARG F 15 5.49 19.54 44.67
C ARG F 15 5.87 20.13 46.03
N ALA F 16 6.41 19.28 46.90
CA ALA F 16 6.85 19.72 48.23
C ALA F 16 8.08 20.62 48.11
N LEU F 17 9.02 20.19 47.27
CA LEU F 17 10.29 20.88 47.12
C LEU F 17 10.12 22.32 46.65
N VAL F 18 9.27 22.52 45.64
CA VAL F 18 9.07 23.84 45.06
C VAL F 18 8.38 24.77 46.06
N THR F 19 7.49 24.21 46.87
CA THR F 19 6.80 25.00 47.90
C THR F 19 7.79 25.43 48.99
N LEU F 20 8.64 24.50 49.41
CA LEU F 20 9.69 24.80 50.42
C LEU F 20 10.59 25.92 49.92
N ILE F 21 10.96 25.88 48.64
CA ILE F 21 11.86 26.89 48.12
C ILE F 21 11.13 28.23 47.98
N GLU F 22 9.86 28.21 47.55
CA GLU F 22 9.05 29.44 47.52
C GLU F 22 9.01 30.09 48.90
N LYS F 23 8.88 29.27 49.94
CA LYS F 23 8.72 29.77 51.31
C LYS F 23 10.07 29.97 52.00
N GLY F 24 11.15 29.67 51.30
CA GLY F 24 12.49 29.92 51.84
C GLY F 24 12.82 29.07 53.05
N VAL F 25 12.35 27.83 53.06
CA VAL F 25 12.53 26.96 54.21
C VAL F 25 13.80 26.14 54.06
N ALA F 26 14.57 26.04 55.15
CA ALA F 26 15.75 25.18 55.16
C ALA F 26 15.34 23.72 55.17
N PHE F 27 15.97 22.92 54.33
CA PHE F 27 15.68 21.48 54.31
C PHE F 27 16.80 20.74 53.65
N GLU F 28 16.86 19.44 53.90
CA GLU F 28 17.78 18.58 53.14
C GLU F 28 16.95 17.51 52.48
N THR F 29 17.51 16.84 51.48
CA THR F 29 16.78 15.77 50.79
C THR F 29 17.46 14.43 50.97
N ILE F 30 16.68 13.36 50.94
CA ILE F 30 17.23 12.03 51.08
C ILE F 30 16.75 11.13 49.95
N PRO F 31 17.70 10.59 49.17
CA PRO F 31 17.33 9.78 48.02
C PRO F 31 16.66 8.48 48.42
N VAL F 32 15.75 8.00 47.58
CA VAL F 32 15.14 6.71 47.76
C VAL F 32 15.27 5.93 46.46
N ASP F 33 15.91 4.77 46.54
CA ASP F 33 16.19 3.96 45.36
C ASP F 33 14.96 3.17 44.94
N LEU F 34 14.06 3.80 44.22
CA LEU F 34 12.84 3.14 43.77
C LEU F 34 13.14 1.98 42.82
N MET F 35 14.13 2.17 41.96
CA MET F 35 14.44 1.18 40.93
C MET F 35 14.92 -0.11 41.58
N LYS F 36 15.54 0.02 42.76
CA LYS F 36 16.00 -1.13 43.52
C LYS F 36 14.99 -1.53 44.60
N GLY F 37 13.83 -0.88 44.56
CA GLY F 37 12.72 -1.22 45.44
C GLY F 37 12.86 -0.81 46.90
N GLU F 38 13.67 0.20 47.18
CA GLU F 38 13.88 0.66 48.55
C GLU F 38 12.60 1.16 49.24
N HIS F 39 11.69 1.72 48.45
CA HIS F 39 10.44 2.30 48.97
C HIS F 39 9.44 1.26 49.46
N LYS F 40 9.71 0.00 49.17
CA LYS F 40 8.88 -1.10 49.58
C LYS F 40 9.49 -1.90 50.73
N GLN F 41 10.68 -1.50 51.17
CA GLN F 41 11.32 -2.11 52.32
C GLN F 41 10.82 -1.55 53.62
N PRO F 42 11.04 -2.34 54.75
CA PRO F 42 10.38 -1.85 55.96
C PRO F 42 10.90 -0.51 56.46
N ALA F 43 12.17 -0.24 56.26
CA ALA F 43 12.72 1.01 56.76
C ALA F 43 11.93 2.21 56.22
N TYR F 44 11.66 2.21 54.93
CA TYR F 44 10.93 3.33 54.34
C TYR F 44 9.43 3.24 54.61
N LEU F 45 8.89 2.03 54.74
CA LEU F 45 7.46 1.85 54.99
C LEU F 45 7.00 2.49 56.30
N ALA F 46 7.94 2.63 57.24
CA ALA F 46 7.67 3.32 58.49
C ALA F 46 7.45 4.82 58.29
N LEU F 47 7.95 5.35 57.17
CA LEU F 47 7.77 6.77 56.86
C LEU F 47 6.54 7.01 55.99
N GLN F 48 6.34 6.14 55.00
CA GLN F 48 5.23 6.23 54.08
C GLN F 48 4.66 4.84 53.90
N PRO F 49 3.59 4.53 54.65
CA PRO F 49 3.07 3.15 54.74
C PRO F 49 2.53 2.65 53.41
N PHE F 50 2.30 3.56 52.46
CA PHE F 50 1.84 3.19 51.13
C PHE F 50 3.02 2.91 50.19
N GLY F 51 4.24 3.09 50.70
CA GLY F 51 5.44 2.81 49.94
C GLY F 51 5.62 3.67 48.70
N THR F 52 5.39 4.96 48.86
CA THR F 52 5.60 5.91 47.78
C THR F 52 6.33 7.14 48.28
N VAL F 53 6.86 7.92 47.35
CA VAL F 53 7.51 9.17 47.68
C VAL F 53 6.61 10.30 47.19
N PRO F 54 6.57 11.45 47.91
CA PRO F 54 7.47 11.79 49.02
C PRO F 54 6.99 11.39 50.39
N ALA F 55 7.94 11.39 51.32
CA ALA F 55 7.68 11.41 52.74
C ALA F 55 8.42 12.61 53.28
N VAL F 56 7.89 13.26 54.31
CA VAL F 56 8.61 14.36 54.93
C VAL F 56 8.78 14.18 56.44
N VAL F 57 9.99 14.38 56.95
CA VAL F 57 10.18 14.35 58.39
C VAL F 57 10.66 15.71 58.86
N ASP F 58 9.91 16.31 59.79
CA ASP F 58 10.26 17.62 60.30
C ASP F 58 10.47 17.47 61.81
N GLY F 59 11.69 17.10 62.18
CA GLY F 59 11.97 16.72 63.56
C GLY F 59 11.30 15.41 63.91
N ASP F 60 10.42 15.43 64.91
CA ASP F 60 9.69 14.25 65.32
C ASP F 60 8.36 14.09 64.57
N TYR F 61 8.04 15.09 63.76
CA TYR F 61 6.78 15.12 63.02
C TYR F 61 6.94 14.50 61.63
N LYS F 62 5.97 13.68 61.23
CA LYS F 62 6.03 12.99 59.94
C LYS F 62 4.80 13.25 59.09
N ILE F 63 4.99 13.54 57.82
CA ILE F 63 3.86 13.80 56.96
C ILE F 63 4.15 13.33 55.54
N PHE F 64 3.13 12.75 54.90
CA PHE F 64 3.23 12.32 53.50
C PHE F 64 2.00 12.76 52.69
N GLU F 65 1.94 12.32 51.42
CA GLU F 65 1.01 12.86 50.41
C GLU F 65 1.51 14.24 50.01
N SER F 66 1.95 14.37 48.77
CA SER F 66 2.66 15.55 48.28
C SER F 66 1.93 16.88 48.48
N ARG F 67 0.64 16.89 48.20
CA ARG F 67 -0.14 18.13 48.27
C ARG F 67 -0.45 18.49 49.71
N ALA F 68 -0.47 17.48 50.57
CA ALA F 68 -0.62 17.71 52.01
C ALA F 68 0.63 18.37 52.58
N VAL F 69 1.80 17.94 52.12
CA VAL F 69 3.06 18.56 52.52
C VAL F 69 3.08 20.03 52.08
N MET F 70 2.61 20.29 50.87
CA MET F 70 2.51 21.66 50.36
C MET F 70 1.68 22.52 51.29
N ARG F 71 0.50 22.02 51.66
CA ARG F 71 -0.41 22.76 52.53
C ARG F 71 0.19 22.99 53.90
N TYR F 72 0.82 21.94 54.45
CA TYR F 72 1.46 22.02 55.76
C TYR F 72 2.56 23.07 55.76
N VAL F 73 3.42 23.01 54.76
CA VAL F 73 4.52 23.96 54.62
C VAL F 73 3.98 25.38 54.43
N ALA F 74 2.92 25.48 53.62
CA ALA F 74 2.33 26.78 53.29
C ALA F 74 1.69 27.45 54.50
N GLU F 75 1.17 26.65 55.42
CA GLU F 75 0.55 27.18 56.64
C GLU F 75 1.55 27.48 57.74
N LYS F 76 2.45 26.54 57.99
CA LYS F 76 3.45 26.70 59.05
C LYS F 76 4.35 27.89 58.81
N TYR F 77 4.68 28.13 57.55
CA TYR F 77 5.60 29.18 57.16
C TYR F 77 4.88 30.29 56.42
N ARG F 78 3.65 30.54 56.82
CA ARG F 78 2.80 31.48 56.11
C ARG F 78 3.34 32.88 55.92
N SER F 79 4.01 33.43 56.92
CA SER F 79 4.44 34.82 56.91
C SER F 79 5.57 35.11 55.95
N GLN F 80 6.33 34.09 55.58
CA GLN F 80 7.41 34.32 54.65
C GLN F 80 7.13 33.89 53.26
N GLY F 81 7.76 34.58 52.36
CA GLY F 81 7.56 34.30 50.95
C GLY F 81 6.14 34.68 50.56
N PRO F 82 5.73 34.29 49.35
CA PRO F 82 4.38 34.57 48.86
C PRO F 82 3.36 33.78 49.66
N ASP F 83 2.16 34.30 49.83
CA ASP F 83 1.16 33.51 50.52
C ASP F 83 0.44 32.65 49.50
N LEU F 84 0.87 31.39 49.47
CA LEU F 84 0.43 30.39 48.51
C LEU F 84 -0.94 29.82 48.88
N LEU F 85 -1.51 30.29 49.98
CA LEU F 85 -2.84 29.88 50.42
C LEU F 85 -3.88 30.97 50.19
N GLY F 86 -3.44 32.10 49.64
CA GLY F 86 -4.31 33.26 49.50
C GLY F 86 -4.43 33.99 50.81
N LYS F 87 -5.19 35.09 50.81
CA LYS F 87 -5.33 35.94 51.99
C LYS F 87 -6.59 35.67 52.79
N THR F 88 -7.72 35.50 52.08
CA THR F 88 -9.00 35.32 52.75
C THR F 88 -9.44 33.86 52.76
N VAL F 89 -10.47 33.56 53.53
CA VAL F 89 -11.05 32.23 53.62
C VAL F 89 -11.59 31.77 52.26
N GLU F 90 -12.19 32.71 51.54
CA GLU F 90 -12.65 32.48 50.18
C GLU F 90 -11.49 32.21 49.20
N ASP F 91 -10.39 32.95 49.35
CA ASP F 91 -9.18 32.69 48.55
C ASP F 91 -8.68 31.26 48.73
N ARG F 92 -8.58 30.81 49.98
CA ARG F 92 -8.09 29.47 50.23
C ARG F 92 -9.00 28.43 49.59
N GLY F 93 -10.31 28.68 49.65
CA GLY F 93 -11.28 27.77 49.05
C GLY F 93 -10.97 27.54 47.59
N GLN F 94 -10.64 28.61 46.88
CA GLN F 94 -10.32 28.51 45.47
C GLN F 94 -9.01 27.75 45.28
N VAL F 95 -8.06 27.96 46.18
CA VAL F 95 -6.79 27.22 46.15
C VAL F 95 -7.02 25.72 46.38
N GLU F 96 -7.79 25.38 47.41
CA GLU F 96 -8.11 23.99 47.70
C GLU F 96 -8.90 23.36 46.52
N GLN F 97 -9.80 24.15 45.96
CA GLN F 97 -10.62 23.70 44.83
C GLN F 97 -9.74 23.24 43.68
N TRP F 98 -8.84 24.12 43.23
CA TRP F 98 -8.02 23.80 42.08
C TRP F 98 -6.93 22.78 42.39
N LEU F 99 -6.52 22.72 43.65
CA LEU F 99 -5.57 21.68 44.11
C LEU F 99 -6.20 20.28 43.99
N ASP F 100 -7.47 20.15 44.35
CA ASP F 100 -8.17 18.87 44.22
C ASP F 100 -8.50 18.53 42.78
N VAL F 101 -8.78 19.55 41.98
CA VAL F 101 -8.92 19.37 40.54
C VAL F 101 -7.63 18.71 40.02
N GLU F 102 -6.49 19.21 40.49
CA GLU F 102 -5.20 18.64 40.10
C GLU F 102 -5.08 17.17 40.53
N ALA F 103 -5.37 16.90 41.80
CA ALA F 103 -5.24 15.56 42.34
C ALA F 103 -6.19 14.52 41.70
N THR F 104 -7.42 14.94 41.41
CA THR F 104 -8.46 13.97 41.05
C THR F 104 -8.81 13.96 39.56
N THR F 105 -8.44 15.01 38.84
CA THR F 105 -8.94 15.21 37.50
C THR F 105 -7.80 15.43 36.52
N TYR F 106 -6.86 16.27 36.88
CA TYR F 106 -5.72 16.57 35.99
C TYR F 106 -4.63 15.52 36.11
N HIS F 107 -4.25 15.18 37.34
CA HIS F 107 -3.11 14.29 37.57
C HIS F 107 -3.35 12.92 36.92
N PRO F 108 -4.53 12.28 37.17
CA PRO F 108 -4.62 10.85 36.80
C PRO F 108 -4.42 10.53 35.31
N PRO F 109 -5.06 11.26 34.37
CA PRO F 109 -4.71 10.85 33.00
C PRO F 109 -3.26 11.20 32.65
N LEU F 110 -2.75 12.28 33.22
CA LEU F 110 -1.38 12.69 32.97
C LEU F 110 -0.41 11.63 33.51
N LEU F 111 -0.74 11.04 34.66
CA LEU F 111 0.07 9.98 35.23
C LEU F 111 0.13 8.79 34.29
N ASN F 112 -1.01 8.47 33.67
CA ASN F 112 -1.01 7.40 32.67
C ASN F 112 -0.09 7.69 31.49
N LEU F 113 -0.11 8.92 31.00
CA LEU F 113 0.78 9.29 29.92
C LEU F 113 2.25 9.15 30.37
N THR F 114 2.54 9.58 31.59
CA THR F 114 3.87 9.53 32.16
C THR F 114 4.49 8.14 32.28
N LEU F 115 3.74 7.19 32.80
CA LEU F 115 4.20 5.80 32.95
C LEU F 115 4.33 5.07 31.65
N HIS F 116 3.31 5.22 30.84
CA HIS F 116 3.14 4.53 29.56
C HIS F 116 3.89 5.00 28.34
N ILE F 117 4.51 6.18 28.47
CA ILE F 117 5.44 6.67 27.48
C ILE F 117 6.68 7.16 28.21
N SER F 127 3.09 -1.74 27.59
CA SER F 127 2.41 -0.45 27.52
C SER F 127 1.06 -0.58 26.83
N ASP F 128 0.14 0.33 27.12
CA ASP F 128 -1.18 0.26 26.52
C ASP F 128 -1.35 1.40 25.51
N GLU F 129 -1.71 1.05 24.29
CA GLU F 129 -1.84 2.02 23.23
C GLU F 129 -3.17 2.74 23.38
N LYS F 130 -4.18 1.98 23.76
CA LYS F 130 -5.53 2.51 23.94
C LYS F 130 -5.57 3.45 25.14
N LEU F 131 -4.98 3.01 26.25
CA LEU F 131 -4.98 3.83 27.44
C LEU F 131 -4.31 5.17 27.17
N ILE F 132 -3.21 5.15 26.45
CA ILE F 132 -2.53 6.38 26.07
C ILE F 132 -3.44 7.33 25.28
N LYS F 133 -4.14 6.82 24.28
CA LYS F 133 -5.07 7.65 23.52
C LYS F 133 -6.18 8.21 24.42
N GLU F 134 -6.74 7.36 25.27
CA GLU F 134 -7.82 7.76 26.16
C GLU F 134 -7.37 8.81 27.18
N SER F 135 -6.18 8.62 27.72
CA SER F 135 -5.65 9.56 28.70
C SER F 135 -5.39 10.90 28.03
N GLU F 136 -4.87 10.86 26.80
CA GLU F 136 -4.62 12.08 26.07
C GLU F 136 -5.91 12.83 25.81
N GLU F 137 -6.93 12.09 25.37
CA GLU F 137 -8.23 12.69 25.11
C GLU F 137 -8.81 13.31 26.38
N LYS F 138 -8.74 12.56 27.46
CA LYS F 138 -9.27 13.01 28.75
C LYS F 138 -8.52 14.25 29.26
N LEU F 139 -7.20 14.23 29.16
CA LEU F 139 -6.40 15.37 29.61
C LEU F 139 -6.71 16.61 28.76
N ALA F 140 -6.94 16.38 27.47
CA ALA F 140 -7.23 17.48 26.54
C ALA F 140 -8.52 18.19 26.95
N GLY F 141 -9.53 17.40 27.30
CA GLY F 141 -10.79 17.98 27.75
C GLY F 141 -10.59 18.82 29.00
N VAL F 142 -9.80 18.31 29.93
CA VAL F 142 -9.50 19.06 31.15
C VAL F 142 -8.77 20.37 30.81
N LEU F 143 -7.80 20.29 29.90
CA LEU F 143 -7.04 21.47 29.52
C LEU F 143 -7.91 22.51 28.81
N ASP F 144 -8.97 22.07 28.11
CA ASP F 144 -9.91 23.01 27.51
C ASP F 144 -10.63 23.83 28.59
N VAL F 145 -10.97 23.17 29.69
CA VAL F 145 -11.60 23.87 30.82
C VAL F 145 -10.62 24.89 31.43
N TYR F 146 -9.36 24.47 31.59
CA TYR F 146 -8.32 25.36 32.08
C TYR F 146 -8.21 26.58 31.17
N GLU F 147 -8.29 26.36 29.86
CA GLU F 147 -8.16 27.45 28.89
C GLU F 147 -9.24 28.50 29.09
N ALA F 148 -10.48 28.05 29.22
CA ALA F 148 -11.59 28.97 29.43
C ALA F 148 -11.44 29.70 30.77
N HIS F 149 -11.05 28.98 31.81
CA HIS F 149 -10.90 29.58 33.14
C HIS F 149 -9.79 30.62 33.20
N LEU F 150 -8.62 30.26 32.65
CA LEU F 150 -7.44 31.13 32.73
C LEU F 150 -7.58 32.35 31.83
N SER F 151 -8.59 32.34 30.96
CA SER F 151 -8.84 33.48 30.10
C SER F 151 -9.51 34.59 30.90
N LYS F 152 -10.02 34.25 32.07
CA LYS F 152 -10.69 35.21 32.94
C LYS F 152 -9.98 35.37 34.29
N SER F 153 -9.03 34.50 34.56
CA SER F 153 -8.32 34.50 35.83
C SER F 153 -6.82 34.33 35.58
N LYS F 154 -5.98 35.17 36.18
CA LYS F 154 -4.54 35.13 35.92
C LYS F 154 -3.91 33.82 36.35
N TYR F 155 -4.23 33.39 37.56
CA TYR F 155 -3.79 32.09 38.05
C TYR F 155 -5.03 31.28 38.35
N LEU F 156 -4.85 30.02 38.75
CA LEU F 156 -6.00 29.13 38.93
C LEU F 156 -6.96 29.62 39.99
N ALA F 157 -6.43 30.05 41.13
CA ALA F 157 -7.30 30.40 42.25
C ALA F 157 -7.70 31.88 42.23
N GLY F 158 -7.13 32.64 41.30
CA GLY F 158 -7.41 34.06 41.22
C GLY F 158 -6.23 34.85 40.67
N ASP F 159 -6.00 36.07 41.18
CA ASP F 159 -4.95 36.92 40.63
C ASP F 159 -3.60 36.72 41.33
N PHE F 160 -3.52 35.66 42.14
CA PHE F 160 -2.32 35.36 42.89
C PHE F 160 -1.89 33.92 42.63
N VAL F 161 -0.58 33.69 42.57
CA VAL F 161 -0.06 32.34 42.43
C VAL F 161 -0.29 31.58 43.73
N SER F 162 -0.57 30.29 43.61
CA SER F 162 -0.90 29.51 44.80
C SER F 162 -0.37 28.10 44.69
N LEU F 163 -0.58 27.31 45.76
CA LEU F 163 -0.23 25.89 45.76
C LEU F 163 -0.89 25.18 44.56
N ALA F 164 -2.08 25.63 44.17
CA ALA F 164 -2.79 24.98 43.06
C ALA F 164 -1.96 25.00 41.78
N ASP F 165 -1.35 26.14 41.48
CA ASP F 165 -0.51 26.26 40.30
C ASP F 165 0.74 25.40 40.41
N LEU F 166 1.42 25.53 41.55
CA LEU F 166 2.68 24.85 41.76
C LEU F 166 2.53 23.33 41.63
N ALA F 167 1.38 22.82 42.06
CA ALA F 167 1.14 21.39 42.02
C ALA F 167 1.15 20.85 40.59
N HIS F 168 0.93 21.72 39.61
CA HIS F 168 0.92 21.27 38.23
C HIS F 168 2.34 21.21 37.65
N LEU F 169 3.33 21.75 38.37
CA LEU F 169 4.65 21.88 37.75
C LEU F 169 5.35 20.55 37.36
N PRO F 170 5.47 19.58 38.30
CA PRO F 170 6.40 18.47 37.99
C PRO F 170 5.98 17.53 36.85
N PHE F 171 4.73 17.13 36.81
CA PHE F 171 4.30 16.16 35.82
C PHE F 171 3.97 16.84 34.49
N THR F 172 3.58 18.12 34.53
CA THR F 172 3.37 18.90 33.32
C THR F 172 4.73 19.19 32.67
N ASP F 173 5.76 19.29 33.49
CA ASP F 173 7.12 19.41 32.98
C ASP F 173 7.46 18.17 32.13
N TYR F 174 7.05 16.98 32.60
CA TYR F 174 7.24 15.75 31.82
C TYR F 174 6.43 15.86 30.50
N LEU F 175 5.19 16.33 30.62
CA LEU F 175 4.32 16.44 29.46
C LEU F 175 4.95 17.24 28.32
N VAL F 176 5.52 18.40 28.64
CA VAL F 176 6.03 19.31 27.62
C VAL F 176 7.45 18.96 27.21
N GLY F 177 8.05 18.06 27.98
CA GLY F 177 9.41 17.61 27.71
C GLY F 177 9.46 16.20 27.15
N PRO F 178 9.92 15.25 27.98
CA PRO F 178 10.15 13.85 27.58
C PRO F 178 8.93 13.12 27.01
N ILE F 179 7.72 13.44 27.47
CA ILE F 179 6.51 12.81 26.95
C ILE F 179 6.27 13.29 25.51
N GLY F 180 6.78 14.47 25.19
CA GLY F 180 6.71 14.98 23.84
C GLY F 180 5.33 15.46 23.43
N LYS F 181 4.56 15.99 24.37
CA LYS F 181 3.23 16.51 24.05
C LYS F 181 3.08 17.96 24.47
N ALA F 182 4.11 18.75 24.18
CA ALA F 182 4.10 20.17 24.51
C ALA F 182 2.93 20.90 23.84
N TYR F 183 2.47 20.39 22.69
CA TYR F 183 1.37 21.03 21.95
C TYR F 183 0.11 21.12 22.80
N MET F 184 -0.07 20.18 23.72
CA MET F 184 -1.25 20.20 24.58
C MET F 184 -1.30 21.46 25.40
N ILE F 185 -0.12 21.95 25.80
CA ILE F 185 -0.02 23.22 26.51
C ILE F 185 0.06 24.36 25.51
N LYS F 186 0.93 24.20 24.53
CA LYS F 186 1.23 25.26 23.57
C LYS F 186 0.01 25.64 22.73
N ASP F 187 -0.85 24.68 22.38
CA ASP F 187 -1.96 25.02 21.47
C ASP F 187 -3.06 25.80 22.19
N ARG F 188 -2.96 25.90 23.51
CA ARG F 188 -3.96 26.62 24.28
C ARG F 188 -3.38 27.91 24.85
N LYS F 189 -3.74 29.04 24.22
CA LYS F 189 -3.08 30.33 24.40
C LYS F 189 -2.93 30.74 25.86
N HIS F 190 -4.02 30.67 26.61
CA HIS F 190 -4.01 31.11 28.01
C HIS F 190 -3.32 30.08 28.89
N VAL F 191 -3.51 28.81 28.59
CA VAL F 191 -2.79 27.75 29.31
C VAL F 191 -1.29 27.92 29.11
N SER F 192 -0.91 28.20 27.86
CA SER F 192 0.49 28.37 27.51
C SER F 192 1.15 29.54 28.22
N ALA F 193 0.46 30.68 28.29
CA ALA F 193 0.99 31.84 28.97
C ALA F 193 1.13 31.59 30.49
N TRP F 194 0.15 30.90 31.06
CA TRP F 194 0.14 30.54 32.47
C TRP F 194 1.30 29.61 32.80
N TRP F 195 1.46 28.59 31.95
CA TRP F 195 2.54 27.65 32.10
C TRP F 195 3.91 28.33 32.01
N ASP F 196 4.08 29.19 31.00
CA ASP F 196 5.32 29.95 30.86
C ASP F 196 5.63 30.74 32.12
N ASP F 197 4.59 31.31 32.73
CA ASP F 197 4.74 32.12 33.92
C ASP F 197 5.22 31.28 35.10
N ILE F 198 4.45 30.27 35.46
CA ILE F 198 4.74 29.51 36.66
C ILE F 198 5.98 28.64 36.50
N SER F 199 6.24 28.16 35.30
CA SER F 199 7.39 27.27 35.11
C SER F 199 8.68 28.06 34.98
N SER F 200 8.59 29.39 34.93
CA SER F 200 9.79 30.21 34.90
CA SER F 200 9.79 30.21 34.90
C SER F 200 10.12 30.84 36.26
N ARG F 201 9.34 30.50 37.28
CA ARG F 201 9.56 31.04 38.64
C ARG F 201 10.89 30.51 39.18
N PRO F 202 11.66 31.38 39.88
CA PRO F 202 12.97 30.94 40.35
C PRO F 202 12.92 29.68 41.19
N ALA F 203 11.90 29.51 42.03
CA ALA F 203 11.82 28.32 42.88
C ALA F 203 11.70 27.02 42.08
N TRP F 204 10.97 27.06 40.97
CA TRP F 204 10.80 25.86 40.15
C TRP F 204 12.05 25.53 39.37
N LYS F 205 12.65 26.54 38.75
CA LYS F 205 13.90 26.33 38.05
C LYS F 205 14.98 25.83 39.01
N GLU F 206 14.97 26.34 40.24
CA GLU F 206 15.98 25.91 41.20
C GLU F 206 15.74 24.45 41.56
N THR F 207 14.48 24.09 41.70
CA THR F 207 14.10 22.72 41.94
C THR F 207 14.59 21.80 40.82
N VAL F 208 14.38 22.19 39.55
CA VAL F 208 14.81 21.32 38.46
C VAL F 208 16.34 21.27 38.41
N ALA F 209 16.99 22.42 38.63
CA ALA F 209 18.45 22.48 38.58
C ALA F 209 19.05 21.55 39.64
N LYS F 210 18.41 21.44 40.79
CA LYS F 210 18.99 20.64 41.86
C LYS F 210 18.52 19.18 41.85
N TYR F 211 17.32 18.93 41.37
CA TYR F 211 16.69 17.63 41.62
C TYR F 211 16.11 16.87 40.42
N SER F 212 16.58 17.13 39.21
CA SER F 212 16.06 16.38 38.06
C SER F 212 16.47 14.90 37.98
N PHE F 213 15.49 14.07 37.60
CA PHE F 213 15.66 12.64 37.30
C PHE F 213 17.07 12.22 36.89
N LEU G 3 3.49 -29.71 33.77
CA LEU G 3 3.18 -29.58 32.34
C LEU G 3 2.77 -28.15 31.99
N LYS G 4 3.41 -27.60 30.96
CA LYS G 4 3.17 -26.21 30.56
C LYS G 4 2.60 -26.11 29.15
N VAL G 5 1.56 -25.28 29.01
CA VAL G 5 0.91 -25.05 27.72
C VAL G 5 1.14 -23.60 27.24
N TYR G 6 1.73 -23.46 26.06
CA TYR G 6 2.03 -22.15 25.49
C TYR G 6 0.90 -21.61 24.60
N GLY G 7 0.51 -20.37 24.85
CA GLY G 7 -0.50 -19.67 24.07
C GLY G 7 -1.97 -19.96 24.34
N PRO G 8 -2.38 -20.04 25.62
CA PRO G 8 -3.74 -20.48 25.97
C PRO G 8 -4.85 -19.60 25.42
N HIS G 9 -4.54 -18.35 25.11
CA HIS G 9 -5.58 -17.42 24.65
C HIS G 9 -6.03 -17.67 23.21
N PHE G 10 -5.30 -18.50 22.48
CA PHE G 10 -5.65 -18.77 21.09
C PHE G 10 -6.45 -20.06 21.01
N ALA G 11 -7.00 -20.37 19.84
CA ALA G 11 -8.02 -21.40 19.77
C ALA G 11 -7.46 -22.83 19.84
N SER G 12 -6.52 -23.16 18.96
CA SER G 12 -5.96 -24.50 18.92
C SER G 12 -5.40 -24.96 20.28
N PRO G 13 -4.69 -24.07 21.01
CA PRO G 13 -4.28 -24.51 22.34
C PRO G 13 -5.44 -24.91 23.27
N LYS G 14 -6.64 -24.41 23.03
CA LYS G 14 -7.78 -24.74 23.88
C LYS G 14 -8.22 -26.19 23.71
N ARG G 15 -7.83 -26.82 22.60
CA ARG G 15 -8.06 -28.26 22.45
C ARG G 15 -7.32 -29.02 23.54
N ALA G 16 -6.08 -28.63 23.79
CA ALA G 16 -5.31 -29.26 24.86
C ALA G 16 -5.91 -28.91 26.21
N LEU G 17 -6.22 -27.64 26.38
CA LEU G 17 -6.68 -27.12 27.66
C LEU G 17 -7.95 -27.82 28.13
N VAL G 18 -8.92 -28.01 27.23
CA VAL G 18 -10.16 -28.65 27.60
C VAL G 18 -9.90 -30.13 27.92
N THR G 19 -8.94 -30.75 27.24
CA THR G 19 -8.59 -32.13 27.52
C THR G 19 -7.91 -32.29 28.88
N LEU G 20 -6.95 -31.42 29.17
CA LEU G 20 -6.27 -31.43 30.46
C LEU G 20 -7.27 -31.28 31.60
N ILE G 21 -8.21 -30.37 31.42
CA ILE G 21 -9.21 -30.12 32.46
C ILE G 21 -10.16 -31.31 32.56
N GLU G 22 -10.56 -31.89 31.41
CA GLU G 22 -11.40 -33.08 31.44
C GLU G 22 -10.76 -34.21 32.25
N LYS G 23 -9.44 -34.34 32.12
CA LYS G 23 -8.72 -35.41 32.80
C LYS G 23 -8.27 -35.00 34.20
N GLY G 24 -8.57 -33.77 34.61
CA GLY G 24 -8.25 -33.28 35.94
C GLY G 24 -6.76 -33.14 36.21
N VAL G 25 -6.01 -32.76 35.18
CA VAL G 25 -4.57 -32.65 35.25
C VAL G 25 -4.11 -31.24 35.65
N ALA G 26 -3.13 -31.15 36.55
CA ALA G 26 -2.54 -29.87 36.90
C ALA G 26 -1.64 -29.37 35.77
N PHE G 27 -1.73 -28.09 35.44
CA PHE G 27 -0.90 -27.51 34.41
C PHE G 27 -0.77 -26.00 34.61
N GLU G 28 0.24 -25.41 33.99
CA GLU G 28 0.37 -23.97 33.94
C GLU G 28 0.37 -23.49 32.50
N THR G 29 0.06 -22.21 32.29
CA THR G 29 0.08 -21.66 30.96
C THR G 29 1.09 -20.53 30.82
N ILE G 30 1.64 -20.39 29.62
CA ILE G 30 2.59 -19.33 29.32
C ILE G 30 2.15 -18.63 28.06
N PRO G 31 1.87 -17.32 28.15
CA PRO G 31 1.34 -16.55 27.03
C PRO G 31 2.34 -16.40 25.89
N VAL G 32 1.84 -16.32 24.66
CA VAL G 32 2.68 -16.08 23.49
C VAL G 32 2.16 -14.91 22.66
N ASP G 33 2.99 -13.89 22.50
CA ASP G 33 2.61 -12.65 21.80
C ASP G 33 2.68 -12.77 20.27
N LEU G 34 1.63 -13.35 19.66
CA LEU G 34 1.60 -13.54 18.21
C LEU G 34 1.60 -12.21 17.45
N MET G 35 0.90 -11.21 17.98
CA MET G 35 0.74 -9.93 17.29
C MET G 35 2.07 -9.19 17.18
N LYS G 36 2.97 -9.42 18.13
CA LYS G 36 4.31 -8.84 18.09
C LYS G 36 5.27 -9.86 17.49
N GLY G 37 4.72 -10.97 17.00
CA GLY G 37 5.49 -11.97 16.30
C GLY G 37 6.43 -12.82 17.14
N GLU G 38 6.12 -12.97 18.42
CA GLU G 38 6.97 -13.74 19.35
C GLU G 38 7.14 -15.18 18.91
N HIS G 39 6.12 -15.74 18.27
CA HIS G 39 6.14 -17.13 17.84
C HIS G 39 7.06 -17.41 16.66
N LYS G 40 7.57 -16.36 16.02
CA LYS G 40 8.48 -16.52 14.89
C LYS G 40 9.92 -16.16 15.28
N GLN G 41 10.14 -15.94 16.56
CA GLN G 41 11.46 -15.60 17.08
C GLN G 41 12.15 -16.89 17.58
N PRO G 42 13.50 -16.88 17.61
CA PRO G 42 14.29 -18.09 17.92
C PRO G 42 13.88 -18.85 19.20
N ALA G 43 13.51 -18.12 20.26
CA ALA G 43 13.19 -18.71 21.55
C ALA G 43 12.01 -19.69 21.50
N TYR G 44 10.91 -19.29 20.87
CA TYR G 44 9.74 -20.17 20.79
C TYR G 44 9.91 -21.24 19.72
N LEU G 45 10.69 -20.92 18.69
CA LEU G 45 10.95 -21.87 17.61
C LEU G 45 11.67 -23.11 18.13
N ALA G 46 12.45 -22.95 19.19
CA ALA G 46 13.12 -24.09 19.81
C ALA G 46 12.10 -25.04 20.41
N LEU G 47 10.91 -24.54 20.72
CA LEU G 47 9.85 -25.38 21.27
C LEU G 47 8.92 -25.91 20.18
N GLN G 48 8.57 -25.04 19.22
CA GLN G 48 7.67 -25.40 18.13
C GLN G 48 8.26 -24.90 16.82
N PRO G 49 8.96 -25.79 16.09
CA PRO G 49 9.76 -25.40 14.93
C PRO G 49 8.94 -24.82 13.78
N PHE G 50 7.64 -25.05 13.78
CA PHE G 50 6.75 -24.48 12.77
C PHE G 50 6.21 -23.12 13.17
N GLY G 51 6.57 -22.67 14.37
CA GLY G 51 6.19 -21.35 14.84
C GLY G 51 4.69 -21.14 14.97
N THR G 52 3.98 -22.11 15.55
CA THR G 52 2.56 -21.95 15.84
C THR G 52 2.26 -22.42 17.24
N VAL G 53 1.11 -22.04 17.76
CA VAL G 53 0.67 -22.47 19.08
C VAL G 53 -0.47 -23.48 18.95
N PRO G 54 -0.56 -24.47 19.86
CA PRO G 54 0.24 -24.57 21.09
C PRO G 54 1.55 -25.33 20.96
N ALA G 55 2.38 -25.15 21.98
CA ALA G 55 3.48 -26.05 22.28
C ALA G 55 3.24 -26.50 23.72
N VAL G 56 3.66 -27.72 24.06
CA VAL G 56 3.54 -28.17 25.43
C VAL G 56 4.87 -28.67 25.96
N VAL G 57 5.25 -28.21 27.16
CA VAL G 57 6.44 -28.71 27.82
C VAL G 57 6.05 -29.40 29.12
N ASP G 58 6.37 -30.68 29.22
CA ASP G 58 6.03 -31.47 30.39
C ASP G 58 7.33 -32.03 30.97
N GLY G 59 7.98 -31.24 31.82
CA GLY G 59 9.31 -31.57 32.29
C GLY G 59 10.31 -31.46 31.15
N ASP G 60 10.99 -32.56 30.85
CA ASP G 60 11.97 -32.57 29.75
C ASP G 60 11.30 -32.94 28.41
N TYR G 61 10.01 -33.30 28.47
CA TYR G 61 9.27 -33.76 27.29
C TYR G 61 8.51 -32.63 26.62
N LYS G 62 8.62 -32.55 25.30
CA LYS G 62 7.99 -31.50 24.51
C LYS G 62 7.13 -32.12 23.42
N ILE G 63 5.94 -31.58 23.25
CA ILE G 63 5.04 -32.11 22.24
C ILE G 63 4.17 -30.99 21.68
N PHE G 64 3.95 -31.01 20.38
CA PHE G 64 3.08 -30.03 19.74
C PHE G 64 2.08 -30.70 18.79
N GLU G 65 1.32 -29.87 18.07
CA GLU G 65 0.09 -30.26 17.35
C GLU G 65 -0.97 -30.54 18.38
N SER G 66 -1.97 -29.65 18.42
CA SER G 66 -2.96 -29.64 19.49
C SER G 66 -3.65 -30.99 19.71
N ARG G 67 -3.98 -31.68 18.61
CA ARG G 67 -4.72 -32.93 18.70
C ARG G 67 -3.79 -34.06 19.13
N ALA G 68 -2.50 -33.93 18.86
CA ALA G 68 -1.54 -34.89 19.37
C ALA G 68 -1.42 -34.75 20.88
N VAL G 69 -1.42 -33.50 21.33
CA VAL G 69 -1.39 -33.21 22.75
C VAL G 69 -2.63 -33.80 23.42
N MET G 70 -3.79 -33.68 22.76
CA MET G 70 -5.02 -34.30 23.26
C MET G 70 -4.81 -35.79 23.45
N ARG G 71 -4.26 -36.45 22.44
CA ARG G 71 -4.04 -37.89 22.46
C ARG G 71 -3.06 -38.30 23.55
N TYR G 72 -1.97 -37.56 23.65
CA TYR G 72 -0.97 -37.83 24.67
C TYR G 72 -1.54 -37.71 26.09
N VAL G 73 -2.27 -36.63 26.35
CA VAL G 73 -2.86 -36.40 27.66
C VAL G 73 -3.87 -37.48 28.00
N ALA G 74 -4.73 -37.81 27.03
CA ALA G 74 -5.76 -38.82 27.25
C ALA G 74 -5.18 -40.22 27.49
N GLU G 75 -4.03 -40.50 26.88
CA GLU G 75 -3.41 -41.82 27.04
C GLU G 75 -2.59 -41.89 28.34
N LYS G 76 -1.81 -40.84 28.61
CA LYS G 76 -0.98 -40.80 29.80
C LYS G 76 -1.81 -40.87 31.08
N TYR G 77 -2.97 -40.22 31.03
CA TYR G 77 -3.86 -40.09 32.19
C TYR G 77 -5.15 -40.89 31.99
N ARG G 78 -5.05 -42.00 31.27
CA ARG G 78 -6.20 -42.79 30.87
C ARG G 78 -7.01 -43.28 32.08
N SER G 79 -6.33 -43.64 33.15
CA SER G 79 -6.99 -44.28 34.29
C SER G 79 -7.85 -43.33 35.13
N GLN G 80 -7.68 -42.02 34.92
CA GLN G 80 -8.46 -41.03 35.66
C GLN G 80 -9.43 -40.26 34.76
N GLY G 81 -10.58 -39.90 35.32
CA GLY G 81 -11.57 -39.18 34.54
C GLY G 81 -12.24 -40.04 33.49
N PRO G 82 -12.98 -39.38 32.58
CA PRO G 82 -13.66 -40.04 31.46
C PRO G 82 -12.64 -40.63 30.51
N ASP G 83 -12.92 -41.77 29.90
CA ASP G 83 -11.97 -42.30 28.94
C ASP G 83 -12.32 -41.71 27.58
N LEU G 84 -11.61 -40.66 27.23
CA LEU G 84 -11.88 -39.88 26.05
C LEU G 84 -11.34 -40.58 24.80
N LEU G 85 -10.73 -41.74 25.00
CA LEU G 85 -10.20 -42.57 23.92
C LEU G 85 -11.08 -43.79 23.66
N GLY G 86 -12.16 -43.92 24.44
CA GLY G 86 -12.99 -45.11 24.38
C GLY G 86 -12.38 -46.26 25.15
N LYS G 87 -13.07 -47.39 25.18
CA LYS G 87 -12.62 -48.54 25.97
C LYS G 87 -11.87 -49.57 25.12
N THR G 88 -12.38 -49.88 23.93
CA THR G 88 -11.76 -50.92 23.11
C THR G 88 -10.94 -50.36 21.95
N VAL G 89 -10.18 -51.24 21.30
CA VAL G 89 -9.40 -50.86 20.14
C VAL G 89 -10.35 -50.36 19.03
N GLU G 90 -11.51 -51.03 18.89
CA GLU G 90 -12.52 -50.55 17.93
C GLU G 90 -13.11 -49.19 18.32
N ASP G 91 -13.41 -49.00 19.60
CA ASP G 91 -13.87 -47.70 20.10
C ASP G 91 -12.87 -46.61 19.74
N ARG G 92 -11.58 -46.85 20.04
CA ARG G 92 -10.53 -45.87 19.77
C ARG G 92 -10.39 -45.55 18.28
N GLY G 93 -10.52 -46.58 17.45
CA GLY G 93 -10.47 -46.43 16.00
C GLY G 93 -11.49 -45.41 15.54
N GLN G 94 -12.70 -45.45 16.11
CA GLN G 94 -13.74 -44.48 15.77
C GLN G 94 -13.39 -43.08 16.25
N VAL G 95 -12.75 -43.00 17.43
CA VAL G 95 -12.30 -41.70 17.94
C VAL G 95 -11.26 -41.09 17.00
N GLU G 96 -10.27 -41.90 16.59
CA GLU G 96 -9.23 -41.46 15.66
C GLU G 96 -9.84 -41.04 14.31
N GLN G 97 -10.88 -41.77 13.90
CA GLN G 97 -11.59 -41.48 12.65
C GLN G 97 -12.13 -40.05 12.62
N TRP G 98 -12.94 -39.68 13.62
CA TRP G 98 -13.57 -38.37 13.61
C TRP G 98 -12.61 -37.24 14.01
N LEU G 99 -11.57 -37.57 14.78
CA LEU G 99 -10.52 -36.60 15.08
C LEU G 99 -9.81 -36.20 13.79
N ASP G 100 -9.55 -37.18 12.94
CA ASP G 100 -8.92 -36.91 11.65
C ASP G 100 -9.89 -36.22 10.71
N VAL G 101 -11.18 -36.53 10.83
CA VAL G 101 -12.19 -35.78 10.08
C VAL G 101 -12.12 -34.31 10.49
N GLU G 102 -12.00 -34.05 11.80
CA GLU G 102 -11.92 -32.68 12.28
C GLU G 102 -10.68 -32.00 11.71
N ALA G 103 -9.53 -32.65 11.83
CA ALA G 103 -8.26 -32.06 11.39
C ALA G 103 -8.21 -31.80 9.88
N THR G 104 -8.72 -32.74 9.08
CA THR G 104 -8.45 -32.70 7.65
C THR G 104 -9.62 -32.19 6.81
N THR G 105 -10.82 -32.19 7.37
CA THR G 105 -12.02 -31.95 6.58
C THR G 105 -12.89 -30.82 7.18
N TYR G 106 -13.14 -30.87 8.48
CA TYR G 106 -13.97 -29.85 9.13
C TYR G 106 -13.19 -28.56 9.39
N HIS G 107 -12.03 -28.67 10.04
CA HIS G 107 -11.28 -27.50 10.45
C HIS G 107 -10.76 -26.60 9.33
N PRO G 108 -10.21 -27.16 8.24
CA PRO G 108 -9.61 -26.25 7.24
C PRO G 108 -10.58 -25.20 6.64
N PRO G 109 -11.80 -25.59 6.23
CA PRO G 109 -12.66 -24.50 5.74
C PRO G 109 -13.09 -23.55 6.85
N LEU G 110 -13.27 -24.06 8.07
CA LEU G 110 -13.67 -23.23 9.20
C LEU G 110 -12.58 -22.21 9.51
N LEU G 111 -11.34 -22.63 9.34
CA LEU G 111 -10.20 -21.75 9.60
C LEU G 111 -10.22 -20.55 8.70
N ASN G 112 -10.57 -20.77 7.43
CA ASN G 112 -10.69 -19.68 6.47
C ASN G 112 -11.72 -18.64 6.91
N LEU G 113 -12.85 -19.14 7.40
CA LEU G 113 -13.90 -18.29 7.94
C LEU G 113 -13.39 -17.52 9.17
N THR G 114 -12.66 -18.23 10.03
CA THR G 114 -12.07 -17.62 11.22
C THR G 114 -11.09 -16.50 10.86
N LEU G 115 -10.22 -16.74 9.90
CA LEU G 115 -9.24 -15.73 9.50
C LEU G 115 -9.91 -14.57 8.79
N ASP G 128 -11.00 -11.70 0.65
CA ASP G 128 -11.21 -12.76 -0.33
C ASP G 128 -12.62 -13.37 -0.15
N GLU G 129 -13.63 -12.77 -0.77
CA GLU G 129 -14.99 -13.25 -0.54
C GLU G 129 -15.31 -14.51 -1.35
N LYS G 130 -14.44 -14.86 -2.29
CA LYS G 130 -14.63 -16.09 -3.05
C LYS G 130 -14.29 -17.28 -2.15
N LEU G 131 -13.14 -17.20 -1.50
CA LEU G 131 -12.71 -18.22 -0.57
C LEU G 131 -13.73 -18.35 0.55
N ILE G 132 -14.26 -17.22 1.01
CA ILE G 132 -15.29 -17.23 2.05
C ILE G 132 -16.53 -18.03 1.61
N LYS G 133 -17.05 -17.75 0.42
CA LYS G 133 -18.21 -18.48 -0.10
C LYS G 133 -17.92 -19.97 -0.25
N GLU G 134 -16.76 -20.30 -0.80
CA GLU G 134 -16.38 -21.71 -0.99
C GLU G 134 -16.22 -22.42 0.35
N SER G 135 -15.64 -21.74 1.33
CA SER G 135 -15.43 -22.32 2.64
C SER G 135 -16.74 -22.64 3.34
N GLU G 136 -17.70 -21.71 3.23
CA GLU G 136 -18.99 -21.94 3.89
C GLU G 136 -19.72 -23.12 3.28
N GLU G 137 -19.72 -23.19 1.95
CA GLU G 137 -20.35 -24.29 1.24
C GLU G 137 -19.68 -25.61 1.61
N LYS G 138 -18.36 -25.59 1.64
CA LYS G 138 -17.62 -26.80 1.97
C LYS G 138 -17.93 -27.22 3.41
N LEU G 139 -17.91 -26.26 4.34
CA LEU G 139 -18.22 -26.58 5.74
C LEU G 139 -19.68 -27.04 5.90
N ALA G 140 -20.60 -26.43 5.16
CA ALA G 140 -21.99 -26.84 5.26
C ALA G 140 -22.15 -28.30 4.82
N GLY G 141 -21.45 -28.65 3.74
CA GLY G 141 -21.49 -30.01 3.22
C GLY G 141 -21.03 -31.01 4.26
N VAL G 142 -19.96 -30.65 4.97
CA VAL G 142 -19.47 -31.44 6.07
C VAL G 142 -20.49 -31.53 7.20
N LEU G 143 -21.10 -30.40 7.55
CA LEU G 143 -22.09 -30.39 8.62
C LEU G 143 -23.33 -31.21 8.30
N ASP G 144 -23.68 -31.29 7.02
CA ASP G 144 -24.79 -32.13 6.59
C ASP G 144 -24.47 -33.59 6.90
N VAL G 145 -23.23 -33.96 6.65
CA VAL G 145 -22.77 -35.31 6.98
C VAL G 145 -22.84 -35.53 8.49
N TYR G 146 -22.39 -34.54 9.24
CA TYR G 146 -22.47 -34.60 10.71
C TYR G 146 -23.92 -34.77 11.16
N GLU G 147 -24.83 -34.05 10.51
CA GLU G 147 -26.24 -34.04 10.90
C GLU G 147 -26.83 -35.43 10.82
N ALA G 148 -26.61 -36.09 9.70
CA ALA G 148 -27.08 -37.45 9.49
C ALA G 148 -26.42 -38.45 10.47
N HIS G 149 -25.13 -38.28 10.72
CA HIS G 149 -24.43 -39.18 11.62
C HIS G 149 -24.92 -39.03 13.06
N LEU G 150 -25.02 -37.79 13.52
CA LEU G 150 -25.39 -37.53 14.90
C LEU G 150 -26.86 -37.85 15.17
N SER G 151 -27.64 -38.08 14.12
CA SER G 151 -29.04 -38.42 14.30
C SER G 151 -29.24 -39.86 14.79
N LYS G 152 -28.19 -40.67 14.68
CA LYS G 152 -28.23 -42.05 15.15
C LYS G 152 -27.11 -42.35 16.19
N SER G 153 -26.24 -41.38 16.44
CA SER G 153 -25.12 -41.51 17.37
C SER G 153 -25.06 -40.31 18.32
N LYS G 154 -24.94 -40.55 19.61
CA LYS G 154 -25.00 -39.44 20.56
C LYS G 154 -23.81 -38.50 20.37
N TYR G 155 -22.61 -39.07 20.30
CA TYR G 155 -21.42 -38.29 20.02
C TYR G 155 -20.80 -38.85 18.74
N LEU G 156 -19.72 -38.23 18.25
CA LEU G 156 -19.14 -38.64 16.98
C LEU G 156 -18.66 -40.10 17.00
N ALA G 157 -17.99 -40.50 18.07
CA ALA G 157 -17.40 -41.84 18.07
C ALA G 157 -18.36 -42.91 18.59
N GLY G 158 -19.52 -42.49 19.09
CA GLY G 158 -20.47 -43.45 19.64
C GLY G 158 -21.30 -42.86 20.76
N ASP G 159 -21.57 -43.64 21.80
CA ASP G 159 -22.39 -43.17 22.90
C ASP G 159 -21.57 -42.52 24.01
N PHE G 160 -20.31 -42.23 23.73
CA PHE G 160 -19.41 -41.62 24.72
C PHE G 160 -18.74 -40.37 24.15
N VAL G 161 -18.59 -39.34 24.98
CA VAL G 161 -17.89 -38.15 24.52
C VAL G 161 -16.42 -38.54 24.39
N SER G 162 -15.72 -37.96 23.41
CA SER G 162 -14.33 -38.32 23.17
C SER G 162 -13.52 -37.11 22.70
N LEU G 163 -12.24 -37.33 22.42
CA LEU G 163 -11.38 -36.30 21.85
C LEU G 163 -12.00 -35.70 20.57
N ALA G 164 -12.64 -36.55 19.77
CA ALA G 164 -13.21 -36.11 18.50
C ALA G 164 -14.23 -34.99 18.71
N ASP G 165 -15.10 -35.15 19.69
CA ASP G 165 -16.06 -34.11 20.00
C ASP G 165 -15.35 -32.86 20.52
N LEU G 166 -14.47 -33.05 21.50
CA LEU G 166 -13.80 -31.94 22.17
C LEU G 166 -12.99 -31.10 21.20
N ALA G 167 -12.43 -31.72 20.17
CA ALA G 167 -11.62 -30.99 19.19
C ALA G 167 -12.40 -29.91 18.43
N HIS G 168 -13.73 -30.07 18.34
CA HIS G 168 -14.55 -29.11 17.59
C HIS G 168 -14.87 -27.86 18.39
N LEU G 169 -14.57 -27.86 19.68
CA LEU G 169 -14.99 -26.78 20.57
C LEU G 169 -14.38 -25.40 20.24
N PRO G 170 -13.05 -25.32 20.09
CA PRO G 170 -12.53 -23.94 20.08
C PRO G 170 -12.95 -23.09 18.88
N PHE G 171 -12.90 -23.66 17.68
CA PHE G 171 -13.18 -22.88 16.48
C PHE G 171 -14.67 -22.81 16.18
N THR G 172 -15.43 -23.81 16.61
CA THR G 172 -16.88 -23.74 16.44
C THR G 172 -17.48 -22.67 17.34
N ASP G 173 -16.82 -22.42 18.47
CA ASP G 173 -17.21 -21.35 19.36
C ASP G 173 -17.10 -20.01 18.61
N TYR G 174 -16.05 -19.89 17.79
CA TYR G 174 -15.88 -18.72 16.92
C TYR G 174 -17.02 -18.62 15.92
N LEU G 175 -17.36 -19.76 15.29
CA LEU G 175 -18.40 -19.86 14.26
C LEU G 175 -19.75 -19.35 14.73
N VAL G 176 -20.17 -19.77 15.91
CA VAL G 176 -21.48 -19.42 16.45
C VAL G 176 -21.43 -18.10 17.22
N GLY G 177 -20.22 -17.59 17.40
CA GLY G 177 -20.01 -16.32 18.10
C GLY G 177 -19.65 -15.20 17.15
N PRO G 178 -18.39 -14.76 17.19
CA PRO G 178 -17.87 -13.60 16.44
C PRO G 178 -18.02 -13.70 14.90
N ILE G 179 -17.97 -14.90 14.34
CA ILE G 179 -18.11 -15.06 12.90
C ILE G 179 -19.54 -14.74 12.45
N GLY G 180 -20.50 -14.91 13.35
CA GLY G 180 -21.88 -14.57 13.08
C GLY G 180 -22.56 -15.53 12.13
N LYS G 181 -22.16 -16.80 12.20
CA LYS G 181 -22.78 -17.84 11.38
C LYS G 181 -23.31 -18.98 12.23
N ALA G 182 -23.93 -18.63 13.35
CA ALA G 182 -24.49 -19.61 14.28
C ALA G 182 -25.53 -20.49 13.60
N TYR G 183 -26.18 -19.93 12.58
CA TYR G 183 -27.23 -20.66 11.86
C TYR G 183 -26.71 -21.96 11.24
N MET G 184 -25.42 -22.02 10.92
CA MET G 184 -24.85 -23.23 10.32
C MET G 184 -24.98 -24.38 11.30
N ILE G 185 -24.88 -24.08 12.58
CA ILE G 185 -25.09 -25.08 13.61
C ILE G 185 -26.57 -25.16 13.98
N LYS G 186 -27.19 -24.00 14.19
CA LYS G 186 -28.56 -23.94 14.70
C LYS G 186 -29.58 -24.57 13.74
N ASP G 187 -29.34 -24.47 12.43
CA ASP G 187 -30.31 -24.97 11.44
C ASP G 187 -30.29 -26.49 11.25
N ARG G 188 -29.34 -27.16 11.88
CA ARG G 188 -29.25 -28.61 11.81
C ARG G 188 -29.54 -29.19 13.19
N LYS G 189 -30.72 -29.78 13.34
CA LYS G 189 -31.26 -30.15 14.65
C LYS G 189 -30.31 -30.97 15.51
N HIS G 190 -29.72 -32.02 14.95
CA HIS G 190 -28.89 -32.92 15.73
C HIS G 190 -27.51 -32.34 16.03
N VAL G 191 -26.93 -31.65 15.05
CA VAL G 191 -25.67 -30.95 15.27
C VAL G 191 -25.84 -29.88 16.35
N SER G 192 -26.95 -29.15 16.29
CA SER G 192 -27.24 -28.08 17.24
C SER G 192 -27.38 -28.64 18.66
N ALA G 193 -28.06 -29.78 18.76
CA ALA G 193 -28.25 -30.44 20.04
C ALA G 193 -26.91 -30.96 20.58
N TRP G 194 -26.10 -31.49 19.68
CA TRP G 194 -24.77 -32.00 20.02
C TRP G 194 -23.87 -30.84 20.48
N TRP G 195 -23.90 -29.74 19.74
CA TRP G 195 -23.13 -28.56 20.13
C TRP G 195 -23.55 -28.01 21.50
N ASP G 196 -24.85 -27.89 21.71
CA ASP G 196 -25.37 -27.45 23.00
C ASP G 196 -24.84 -28.34 24.11
N ASP G 197 -24.76 -29.63 23.83
CA ASP G 197 -24.26 -30.58 24.83
C ASP G 197 -22.78 -30.36 25.14
N ILE G 198 -21.93 -30.47 24.12
CA ILE G 198 -20.50 -30.48 24.37
C ILE G 198 -19.97 -29.11 24.80
N SER G 199 -20.57 -28.03 24.31
CA SER G 199 -20.10 -26.70 24.65
C SER G 199 -20.63 -26.23 26.01
N SER G 200 -21.53 -27.01 26.60
CA SER G 200 -22.02 -26.69 27.94
C SER G 200 -21.37 -27.58 29.01
N ARG G 201 -20.41 -28.41 28.61
CA ARG G 201 -19.65 -29.20 29.58
C ARG G 201 -18.84 -28.27 30.48
N PRO G 202 -18.75 -28.61 31.77
CA PRO G 202 -18.05 -27.71 32.69
C PRO G 202 -16.60 -27.43 32.25
N ALA G 203 -15.92 -28.43 31.69
CA ALA G 203 -14.51 -28.28 31.32
C ALA G 203 -14.34 -27.19 30.27
N TRP G 204 -15.29 -27.10 29.34
CA TRP G 204 -15.26 -26.08 28.32
C TRP G 204 -15.65 -24.72 28.87
N LYS G 205 -16.68 -24.72 29.73
CA LYS G 205 -17.13 -23.48 30.35
C LYS G 205 -15.97 -22.84 31.09
N GLU G 206 -15.18 -23.68 31.75
CA GLU G 206 -14.00 -23.24 32.49
C GLU G 206 -12.86 -22.79 31.57
N THR G 207 -12.66 -23.52 30.48
CA THR G 207 -11.65 -23.16 29.48
C THR G 207 -11.89 -21.76 28.91
N VAL G 208 -13.14 -21.45 28.60
CA VAL G 208 -13.49 -20.14 28.08
C VAL G 208 -13.33 -19.04 29.16
N ALA G 209 -13.79 -19.33 30.38
CA ALA G 209 -13.74 -18.37 31.49
C ALA G 209 -12.33 -17.95 31.85
N LYS G 210 -11.40 -18.90 31.75
CA LYS G 210 -10.03 -18.65 32.17
C LYS G 210 -9.12 -18.17 31.04
N TYR G 211 -9.39 -18.59 29.81
CA TYR G 211 -8.40 -18.42 28.74
C TYR G 211 -8.93 -17.77 27.47
N SER G 212 -9.98 -16.97 27.60
CA SER G 212 -10.50 -16.22 26.45
C SER G 212 -9.58 -15.06 26.04
N VAL H 2 -12.33 -61.31 7.25
CA VAL H 2 -11.12 -60.83 6.58
C VAL H 2 -11.21 -59.34 6.22
N LEU H 3 -10.28 -58.57 6.78
CA LEU H 3 -10.24 -57.12 6.57
C LEU H 3 -10.19 -56.73 5.07
N LYS H 4 -11.03 -55.77 4.69
CA LYS H 4 -11.17 -55.30 3.30
C LYS H 4 -10.77 -53.83 3.15
N VAL H 5 -9.96 -53.50 2.15
CA VAL H 5 -9.57 -52.11 1.90
C VAL H 5 -10.11 -51.56 0.57
N TYR H 6 -10.86 -50.48 0.63
CA TYR H 6 -11.46 -49.91 -0.58
C TYR H 6 -10.56 -48.85 -1.21
N GLY H 7 -10.36 -48.98 -2.52
CA GLY H 7 -9.60 -48.03 -3.31
C GLY H 7 -8.06 -48.12 -3.28
N PRO H 8 -7.49 -49.35 -3.35
CA PRO H 8 -6.04 -49.47 -3.15
C PRO H 8 -5.17 -48.71 -4.17
N HIS H 9 -5.70 -48.43 -5.36
CA HIS H 9 -4.87 -47.79 -6.39
C HIS H 9 -4.56 -46.32 -6.12
N PHE H 10 -5.23 -45.72 -5.14
CA PHE H 10 -5.00 -44.31 -4.85
C PHE H 10 -4.05 -44.12 -3.64
N ALA H 11 -3.67 -42.88 -3.41
CA ALA H 11 -2.54 -42.61 -2.52
C ALA H 11 -2.85 -42.77 -1.05
N SER H 12 -3.89 -42.10 -0.56
CA SER H 12 -4.27 -42.20 0.84
C SER H 12 -4.50 -43.64 1.31
N PRO H 13 -5.19 -44.46 0.48
CA PRO H 13 -5.37 -45.85 0.92
C PRO H 13 -4.05 -46.57 1.12
N LYS H 14 -3.01 -46.15 0.42
CA LYS H 14 -1.71 -46.80 0.56
C LYS H 14 -1.08 -46.56 1.91
N ARG H 15 -1.54 -45.51 2.62
CA ARG H 15 -1.12 -45.32 4.01
C ARG H 15 -1.55 -46.53 4.84
N ALA H 16 -2.79 -46.97 4.61
CA ALA H 16 -3.31 -48.14 5.31
C ALA H 16 -2.61 -49.41 4.83
N LEU H 17 -2.44 -49.54 3.52
CA LEU H 17 -1.87 -50.75 2.94
C LEU H 17 -0.45 -51.01 3.45
N VAL H 18 0.38 -49.98 3.48
CA VAL H 18 1.75 -50.23 3.93
C VAL H 18 1.76 -50.58 5.43
N THR H 19 0.83 -50.02 6.19
CA THR H 19 0.74 -50.33 7.60
C THR H 19 0.31 -51.78 7.84
N LEU H 20 -0.70 -52.21 7.09
CA LEU H 20 -1.16 -53.60 7.14
C LEU H 20 -0.04 -54.56 6.79
N ILE H 21 0.74 -54.23 5.76
CA ILE H 21 1.80 -55.12 5.32
C ILE H 21 2.95 -55.16 6.33
N GLU H 22 3.30 -54.01 6.89
CA GLU H 22 4.29 -53.95 7.96
C GLU H 22 3.91 -54.87 9.12
N LYS H 23 2.62 -54.94 9.43
CA LYS H 23 2.18 -55.73 10.57
C LYS H 23 1.88 -57.17 10.19
N GLY H 24 2.02 -57.50 8.91
CA GLY H 24 1.78 -58.86 8.46
C GLY H 24 0.32 -59.28 8.58
N VAL H 25 -0.58 -58.34 8.34
CA VAL H 25 -2.01 -58.60 8.47
C VAL H 25 -2.63 -59.05 7.16
N ALA H 26 -3.47 -60.09 7.21
CA ALA H 26 -4.19 -60.53 6.01
C ALA H 26 -5.31 -59.58 5.66
N PHE H 27 -5.43 -59.25 4.38
CA PHE H 27 -6.50 -58.39 3.90
C PHE H 27 -6.79 -58.63 2.42
N GLU H 28 -7.97 -58.20 2.00
CA GLU H 28 -8.33 -58.21 0.59
C GLU H 28 -8.58 -56.76 0.22
N THR H 29 -8.51 -56.46 -1.07
CA THR H 29 -8.79 -55.11 -1.52
C THR H 29 -9.96 -55.10 -2.47
N ILE H 30 -10.64 -53.97 -2.51
CA ILE H 30 -11.80 -53.77 -3.36
C ILE H 30 -11.63 -52.47 -4.14
N PRO H 31 -11.64 -52.56 -5.47
CA PRO H 31 -11.42 -51.34 -6.26
C PRO H 31 -12.57 -50.33 -6.14
N VAL H 32 -12.24 -49.05 -6.26
CA VAL H 32 -13.25 -48.00 -6.33
C VAL H 32 -12.92 -47.12 -7.53
N ASP H 33 -13.87 -47.05 -8.47
CA ASP H 33 -13.70 -46.34 -9.72
C ASP H 33 -13.95 -44.82 -9.58
N LEU H 34 -12.94 -44.11 -9.09
CA LEU H 34 -13.07 -42.68 -8.87
C LEU H 34 -13.32 -41.95 -10.20
N MET H 35 -12.68 -42.40 -11.28
CA MET H 35 -12.79 -41.71 -12.56
C MET H 35 -14.20 -41.76 -13.12
N LYS H 36 -14.93 -42.84 -12.79
CA LYS H 36 -16.34 -42.98 -13.18
C LYS H 36 -17.29 -42.53 -12.07
N GLY H 37 -16.72 -41.97 -10.99
CA GLY H 37 -17.50 -41.40 -9.91
C GLY H 37 -18.16 -42.39 -8.96
N GLU H 38 -17.66 -43.62 -8.91
CA GLU H 38 -18.24 -44.65 -8.05
C GLU H 38 -18.22 -44.26 -6.56
N HIS H 39 -17.23 -43.48 -6.16
CA HIS H 39 -17.09 -43.07 -4.77
C HIS H 39 -18.16 -42.05 -4.32
N LYS H 40 -18.92 -41.52 -5.27
CA LYS H 40 -19.98 -40.56 -4.95
C LYS H 40 -21.38 -41.17 -5.10
N GLN H 41 -21.45 -42.48 -5.34
CA GLN H 41 -22.74 -43.17 -5.50
C GLN H 41 -23.12 -43.78 -4.15
N PRO H 42 -24.43 -44.02 -3.92
CA PRO H 42 -24.88 -44.47 -2.59
C PRO H 42 -24.13 -45.68 -1.98
N ALA H 43 -23.72 -46.65 -2.79
CA ALA H 43 -23.07 -47.84 -2.25
C ALA H 43 -21.76 -47.50 -1.50
N TYR H 44 -20.89 -46.71 -2.10
CA TYR H 44 -19.64 -46.41 -1.42
C TYR H 44 -19.89 -45.32 -0.37
N LEU H 45 -20.84 -44.44 -0.63
CA LEU H 45 -21.15 -43.38 0.34
C LEU H 45 -21.63 -43.96 1.67
N ALA H 46 -22.22 -45.15 1.66
CA ALA H 46 -22.60 -45.80 2.90
C ALA H 46 -21.40 -46.22 3.73
N LEU H 47 -20.26 -46.41 3.06
CA LEU H 47 -19.04 -46.81 3.78
C LEU H 47 -18.21 -45.59 4.19
N GLN H 48 -18.14 -44.59 3.32
CA GLN H 48 -17.40 -43.35 3.57
C GLN H 48 -18.29 -42.19 3.14
N PRO H 49 -19.00 -41.58 4.11
CA PRO H 49 -20.04 -40.58 3.83
C PRO H 49 -19.48 -39.31 3.20
N PHE H 50 -18.16 -39.13 3.26
CA PHE H 50 -17.54 -37.98 2.61
C PHE H 50 -17.17 -38.29 1.16
N GLY H 51 -17.38 -39.54 0.77
CA GLY H 51 -17.11 -39.97 -0.59
C GLY H 51 -15.66 -39.86 -1.01
N THR H 52 -14.75 -40.31 -0.13
CA THR H 52 -13.34 -40.39 -0.48
C THR H 52 -12.79 -41.76 -0.05
N VAL H 53 -11.64 -42.16 -0.62
CA VAL H 53 -10.98 -43.44 -0.28
C VAL H 53 -9.75 -43.15 0.58
N PRO H 54 -9.41 -44.08 1.50
CA PRO H 54 -9.98 -45.41 1.68
C PRO H 54 -11.17 -45.47 2.64
N ALA H 55 -11.87 -46.59 2.57
CA ALA H 55 -12.75 -47.05 3.65
C ALA H 55 -12.28 -48.45 3.99
N VAL H 56 -12.46 -48.87 5.25
CA VAL H 56 -12.10 -50.22 5.63
C VAL H 56 -13.27 -50.96 6.27
N VAL H 57 -13.48 -52.20 5.86
CA VAL H 57 -14.46 -53.06 6.52
C VAL H 57 -13.77 -54.30 7.08
N ASP H 58 -13.92 -54.50 8.39
CA ASP H 58 -13.31 -55.63 9.08
C ASP H 58 -14.38 -56.44 9.84
N GLY H 59 -15.00 -57.40 9.18
CA GLY H 59 -16.10 -58.10 9.83
C GLY H 59 -17.29 -57.19 10.04
N ASP H 60 -17.63 -57.00 11.31
CA ASP H 60 -18.74 -56.14 11.71
C ASP H 60 -18.30 -54.69 11.82
N TYR H 61 -16.98 -54.49 11.76
CA TYR H 61 -16.40 -53.18 12.01
C TYR H 61 -16.09 -52.42 10.74
N LYS H 62 -16.37 -51.12 10.77
CA LYS H 62 -16.12 -50.24 9.63
C LYS H 62 -15.31 -49.04 10.10
N ILE H 63 -14.30 -48.63 9.33
CA ILE H 63 -13.53 -47.45 9.69
C ILE H 63 -13.00 -46.71 8.45
N PHE H 64 -12.99 -45.38 8.49
CA PHE H 64 -12.37 -44.59 7.41
C PHE H 64 -11.44 -43.51 7.98
N GLU H 65 -10.91 -42.66 7.09
CA GLU H 65 -9.76 -41.78 7.31
C GLU H 65 -8.47 -42.58 7.38
N SER H 66 -7.63 -42.39 6.36
CA SER H 66 -6.46 -43.22 6.15
C SER H 66 -5.55 -43.32 7.39
N ARG H 67 -5.32 -42.21 8.09
CA ARG H 67 -4.40 -42.25 9.22
C ARG H 67 -5.06 -42.88 10.45
N ALA H 68 -6.38 -42.82 10.52
CA ALA H 68 -7.09 -43.50 11.60
C ALA H 68 -7.00 -45.01 11.39
N VAL H 69 -7.09 -45.44 10.14
CA VAL H 69 -6.95 -46.85 9.79
C VAL H 69 -5.55 -47.35 10.22
N MET H 70 -4.55 -46.52 9.97
CA MET H 70 -3.20 -46.85 10.38
C MET H 70 -3.16 -47.13 11.88
N ARG H 71 -3.73 -46.20 12.63
CA ARG H 71 -3.69 -46.29 14.08
C ARG H 71 -4.43 -47.53 14.57
N TYR H 72 -5.58 -47.80 13.98
CA TYR H 72 -6.37 -48.97 14.35
C TYR H 72 -5.62 -50.29 14.08
N VAL H 73 -5.04 -50.43 12.90
CA VAL H 73 -4.32 -51.64 12.53
C VAL H 73 -3.11 -51.86 13.43
N ALA H 74 -2.34 -50.81 13.66
CA ALA H 74 -1.14 -50.89 14.49
C ALA H 74 -1.48 -51.24 15.93
N GLU H 75 -2.65 -50.82 16.40
CA GLU H 75 -3.07 -51.13 17.77
C GLU H 75 -3.70 -52.54 17.87
N LYS H 76 -4.56 -52.89 16.91
CA LYS H 76 -5.17 -54.22 16.89
C LYS H 76 -4.13 -55.34 16.77
N TYR H 77 -3.10 -55.07 15.98
CA TYR H 77 -2.06 -56.05 15.71
C TYR H 77 -0.69 -55.63 16.31
N ARG H 78 -0.74 -54.92 17.43
CA ARG H 78 0.48 -54.33 18.02
C ARG H 78 1.60 -55.34 18.32
N SER H 79 1.23 -56.51 18.80
CA SER H 79 2.24 -57.48 19.28
C SER H 79 3.00 -58.19 18.16
N GLN H 80 2.52 -58.07 16.92
CA GLN H 80 3.21 -58.71 15.80
C GLN H 80 3.85 -57.64 14.91
N GLY H 81 4.98 -57.97 14.30
CA GLY H 81 5.70 -57.01 13.48
C GLY H 81 6.32 -55.90 14.30
N PRO H 82 6.82 -54.86 13.62
CA PRO H 82 7.40 -53.70 14.30
C PRO H 82 6.32 -52.94 15.07
N ASP H 83 6.70 -52.28 16.17
CA ASP H 83 5.73 -51.50 16.90
C ASP H 83 5.74 -50.10 16.32
N LEU H 84 4.78 -49.83 15.44
CA LEU H 84 4.76 -48.58 14.70
C LEU H 84 4.21 -47.45 15.56
N LEU H 85 3.85 -47.76 16.79
CA LEU H 85 3.33 -46.76 17.72
C LEU H 85 4.35 -46.37 18.78
N GLY H 86 5.53 -46.98 18.73
CA GLY H 86 6.53 -46.80 19.77
C GLY H 86 6.20 -47.66 20.99
N LYS H 87 7.04 -47.60 22.02
CA LYS H 87 6.85 -48.45 23.19
C LYS H 87 6.13 -47.72 24.32
N THR H 88 6.49 -46.46 24.54
CA THR H 88 5.95 -45.70 25.66
C THR H 88 4.88 -44.68 25.26
N VAL H 89 4.21 -44.11 26.25
CA VAL H 89 3.23 -43.04 26.01
C VAL H 89 3.92 -41.82 25.41
N GLU H 90 5.11 -41.53 25.91
CA GLU H 90 5.90 -40.43 25.36
C GLU H 90 6.24 -40.69 23.90
N ASP H 91 6.62 -41.92 23.58
CA ASP H 91 6.87 -42.33 22.19
C ASP H 91 5.66 -42.11 21.31
N ARG H 92 4.51 -42.56 21.78
CA ARG H 92 3.31 -42.43 20.99
C ARG H 92 2.95 -40.96 20.75
N GLY H 93 3.19 -40.13 21.77
CA GLY H 93 2.95 -38.71 21.65
C GLY H 93 3.66 -38.11 20.45
N GLN H 94 4.91 -38.50 20.25
CA GLN H 94 5.71 -38.03 19.11
C GLN H 94 5.20 -38.59 17.79
N VAL H 95 4.75 -39.84 17.79
CA VAL H 95 4.17 -40.42 16.60
C VAL H 95 2.92 -39.67 16.18
N GLU H 96 2.03 -39.45 17.15
CA GLU H 96 0.80 -38.71 16.90
C GLU H 96 1.12 -37.29 16.43
N GLN H 97 2.15 -36.70 17.02
CA GLN H 97 2.60 -35.36 16.68
C GLN H 97 2.91 -35.24 15.21
N TRP H 98 3.81 -36.09 14.73
CA TRP H 98 4.25 -36.00 13.34
C TRP H 98 3.19 -36.50 12.36
N LEU H 99 2.31 -37.37 12.82
CA LEU H 99 1.16 -37.77 12.03
C LEU H 99 0.26 -36.57 11.76
N ASP H 100 0.09 -35.73 12.78
CA ASP H 100 -0.73 -34.55 12.63
C ASP H 100 -0.02 -33.47 11.82
N VAL H 101 1.29 -33.37 11.98
CA VAL H 101 2.09 -32.50 11.12
C VAL H 101 1.90 -32.90 9.66
N GLU H 102 1.92 -34.20 9.40
CA GLU H 102 1.70 -34.70 8.06
C GLU H 102 0.32 -34.29 7.53
N ALA H 103 -0.72 -34.54 8.31
CA ALA H 103 -2.09 -34.28 7.88
C ALA H 103 -2.44 -32.81 7.67
N THR H 104 -1.93 -31.94 8.54
CA THR H 104 -2.40 -30.56 8.60
C THR H 104 -1.40 -29.57 8.02
N THR H 105 -0.16 -30.00 7.84
CA THR H 105 0.92 -29.08 7.53
C THR H 105 1.70 -29.53 6.29
N TYR H 106 2.03 -30.81 6.22
CA TYR H 106 2.82 -31.32 5.10
C TYR H 106 1.98 -31.62 3.86
N HIS H 107 0.92 -32.40 4.05
CA HIS H 107 0.13 -32.88 2.93
C HIS H 107 -0.64 -31.78 2.14
N PRO H 108 -1.28 -30.81 2.83
CA PRO H 108 -2.09 -29.84 2.06
C PRO H 108 -1.31 -29.03 1.00
N PRO H 109 -0.12 -28.49 1.34
CA PRO H 109 0.59 -27.84 0.22
C PRO H 109 1.10 -28.86 -0.82
N LEU H 110 1.46 -30.07 -0.38
CA LEU H 110 1.91 -31.09 -1.34
C LEU H 110 0.77 -31.48 -2.29
N LEU H 111 -0.43 -31.62 -1.75
CA LEU H 111 -1.60 -31.96 -2.54
C LEU H 111 -1.93 -30.88 -3.57
N ASN H 112 -1.87 -29.63 -3.12
CA ASN H 112 -2.12 -28.48 -3.97
C ASN H 112 -1.12 -28.45 -5.11
N LEU H 113 0.13 -28.72 -4.80
CA LEU H 113 1.19 -28.76 -5.81
C LEU H 113 0.93 -29.84 -6.86
N THR H 114 0.59 -31.03 -6.40
CA THR H 114 0.32 -32.13 -7.31
C THR H 114 -0.87 -31.82 -8.25
N LEU H 115 -1.96 -31.23 -7.74
CA LEU H 115 -3.12 -30.92 -8.58
C LEU H 115 -2.74 -29.90 -9.61
N HIS H 116 -1.99 -28.89 -9.19
CA HIS H 116 -1.69 -27.78 -10.08
C HIS H 116 -0.66 -28.20 -11.13
N ILE H 117 -0.07 -29.37 -10.92
CA ILE H 117 0.86 -29.93 -11.91
C ILE H 117 0.24 -30.99 -12.82
N MET H 118 -0.58 -31.89 -12.29
CA MET H 118 -1.22 -32.87 -13.17
C MET H 118 -2.24 -32.20 -14.08
N PHE H 119 -2.76 -31.05 -13.67
CA PHE H 119 -3.60 -30.25 -14.55
C PHE H 119 -2.82 -29.05 -15.08
N LEU H 131 1.80 -19.24 -9.44
CA LEU H 131 0.82 -19.93 -8.60
C LEU H 131 1.33 -21.30 -8.16
N ILE H 132 1.90 -22.05 -9.11
CA ILE H 132 2.54 -23.32 -8.81
C ILE H 132 3.68 -23.06 -7.84
N LYS H 133 4.44 -22.01 -8.13
CA LYS H 133 5.58 -21.59 -7.32
C LYS H 133 5.20 -21.26 -5.87
N GLU H 134 4.07 -20.59 -5.66
CA GLU H 134 3.66 -20.23 -4.31
C GLU H 134 3.42 -21.49 -3.49
N SER H 135 2.79 -22.49 -4.11
CA SER H 135 2.53 -23.76 -3.44
C SER H 135 3.84 -24.48 -3.14
N GLU H 136 4.76 -24.42 -4.08
CA GLU H 136 6.04 -25.07 -3.95
C GLU H 136 6.84 -24.46 -2.79
N GLU H 137 6.80 -23.13 -2.69
CA GLU H 137 7.50 -22.40 -1.62
C GLU H 137 7.02 -22.83 -0.24
N LYS H 138 5.71 -22.99 -0.07
CA LYS H 138 5.16 -23.42 1.21
C LYS H 138 5.67 -24.82 1.59
N LEU H 139 5.62 -25.76 0.63
CA LEU H 139 6.11 -27.11 0.88
C LEU H 139 7.61 -27.09 1.17
N ALA H 140 8.34 -26.23 0.48
CA ALA H 140 9.79 -26.13 0.71
C ALA H 140 10.05 -25.69 2.15
N GLY H 141 9.26 -24.75 2.65
CA GLY H 141 9.37 -24.27 4.02
C GLY H 141 9.14 -25.37 5.04
N VAL H 142 8.13 -26.20 4.81
CA VAL H 142 7.85 -27.36 5.66
C VAL H 142 9.04 -28.32 5.63
N LEU H 143 9.58 -28.54 4.43
CA LEU H 143 10.71 -29.44 4.27
C LEU H 143 11.97 -28.91 4.95
N ASP H 144 12.08 -27.59 5.04
CA ASP H 144 13.17 -26.96 5.77
C ASP H 144 13.10 -27.30 7.27
N VAL H 145 11.89 -27.32 7.81
CA VAL H 145 11.69 -27.71 9.21
C VAL H 145 12.05 -29.19 9.43
N TYR H 146 11.56 -30.04 8.53
CA TYR H 146 11.89 -31.46 8.55
C TYR H 146 13.39 -31.67 8.45
N GLU H 147 14.05 -30.91 7.57
CA GLU H 147 15.49 -31.05 7.37
C GLU H 147 16.25 -30.77 8.66
N ALA H 148 15.90 -29.69 9.35
CA ALA H 148 16.55 -29.34 10.61
C ALA H 148 16.28 -30.42 11.67
N HIS H 149 15.04 -30.90 11.72
CA HIS H 149 14.65 -31.93 12.69
C HIS H 149 15.31 -33.29 12.46
N LEU H 150 15.29 -33.75 11.21
CA LEU H 150 15.84 -35.06 10.87
C LEU H 150 17.35 -35.08 10.96
N SER H 151 17.96 -33.91 11.08
CA SER H 151 19.40 -33.86 11.25
C SER H 151 19.79 -34.23 12.68
N LYS H 152 18.80 -34.23 13.57
CA LYS H 152 19.04 -34.59 14.97
C LYS H 152 18.22 -35.82 15.39
N SER H 153 17.31 -36.26 14.53
CA SER H 153 16.46 -37.41 14.83
C SER H 153 16.44 -38.36 13.64
N LYS H 154 16.67 -39.65 13.91
CA LYS H 154 16.81 -40.63 12.83
C LYS H 154 15.52 -40.75 12.02
N TYR H 155 14.40 -40.89 12.72
CA TYR H 155 13.08 -40.88 12.11
C TYR H 155 12.30 -39.71 12.70
N LEU H 156 11.09 -39.47 12.21
CA LEU H 156 10.33 -38.31 12.66
C LEU H 156 10.05 -38.35 14.16
N ALA H 157 9.62 -39.49 14.66
CA ALA H 157 9.18 -39.57 16.06
C ALA H 157 10.33 -39.92 17.00
N GLY H 158 11.51 -40.24 16.47
CA GLY H 158 12.63 -40.65 17.30
C GLY H 158 13.59 -41.62 16.62
N ASP H 159 14.09 -42.59 17.39
CA ASP H 159 15.07 -43.56 16.88
C ASP H 159 14.41 -44.80 16.29
N PHE H 160 13.09 -44.74 16.13
CA PHE H 160 12.31 -45.87 15.62
C PHE H 160 11.38 -45.42 14.50
N VAL H 161 11.22 -46.26 13.49
CA VAL H 161 10.28 -45.98 12.40
C VAL H 161 8.84 -46.16 12.91
N SER H 162 7.93 -45.30 12.48
CA SER H 162 6.55 -45.35 12.99
C SER H 162 5.54 -44.96 11.92
N LEU H 163 4.27 -44.97 12.31
CA LEU H 163 3.18 -44.54 11.42
C LEU H 163 3.42 -43.15 10.83
N ALA H 164 4.04 -42.29 11.64
CA ALA H 164 4.30 -40.91 11.23
C ALA H 164 5.13 -40.89 9.97
N ASP H 165 6.18 -41.72 9.94
CA ASP H 165 7.04 -41.82 8.77
C ASP H 165 6.23 -42.39 7.58
N LEU H 166 5.54 -43.50 7.82
CA LEU H 166 4.80 -44.21 6.78
C LEU H 166 3.73 -43.35 6.10
N ALA H 167 3.10 -42.46 6.86
CA ALA H 167 2.05 -41.58 6.34
C ALA H 167 2.59 -40.70 5.20
N HIS H 168 3.90 -40.47 5.20
CA HIS H 168 4.53 -39.66 4.17
C HIS H 168 4.82 -40.41 2.87
N LEU H 169 4.69 -41.73 2.85
CA LEU H 169 5.12 -42.48 1.66
C LEU H 169 4.28 -42.22 0.38
N PRO H 170 2.94 -42.33 0.45
CA PRO H 170 2.22 -42.34 -0.84
C PRO H 170 2.29 -41.05 -1.66
N PHE H 171 2.14 -39.89 -1.03
CA PHE H 171 2.12 -38.65 -1.79
C PHE H 171 3.53 -38.12 -2.05
N THR H 172 4.48 -38.43 -1.17
CA THR H 172 5.86 -38.03 -1.42
C THR H 172 6.40 -38.83 -2.60
N ASP H 173 5.94 -40.07 -2.73
CA ASP H 173 6.33 -40.91 -3.85
C ASP H 173 5.88 -40.28 -5.18
N TYR H 174 4.65 -39.79 -5.21
CA TYR H 174 4.16 -39.06 -6.37
C TYR H 174 4.98 -37.79 -6.60
N LEU H 175 5.27 -37.05 -5.53
CA LEU H 175 6.06 -35.82 -5.62
C LEU H 175 7.42 -36.04 -6.30
N VAL H 176 8.11 -37.09 -5.89
CA VAL H 176 9.46 -37.34 -6.41
C VAL H 176 9.45 -38.14 -7.70
N GLY H 177 8.28 -38.64 -8.10
CA GLY H 177 8.17 -39.42 -9.32
C GLY H 177 7.58 -38.61 -10.47
N PRO H 178 6.34 -38.93 -10.86
CA PRO H 178 5.65 -38.32 -12.01
C PRO H 178 5.49 -36.80 -11.88
N ILE H 179 5.39 -36.30 -10.67
CA ILE H 179 5.22 -34.87 -10.46
C ILE H 179 6.52 -34.15 -10.85
N GLY H 180 7.65 -34.84 -10.74
CA GLY H 180 8.93 -34.29 -11.14
C GLY H 180 9.52 -33.25 -10.22
N LYS H 181 9.33 -33.41 -8.91
CA LYS H 181 9.93 -32.48 -7.96
C LYS H 181 10.83 -33.21 -6.96
N ALA H 182 11.58 -34.19 -7.46
CA ALA H 182 12.47 -34.97 -6.61
C ALA H 182 13.54 -34.10 -5.91
N TYR H 183 13.92 -32.99 -6.55
CA TYR H 183 14.93 -32.12 -5.96
C TYR H 183 14.47 -31.54 -4.62
N MET H 184 13.15 -31.40 -4.43
CA MET H 184 12.66 -30.87 -3.15
C MET H 184 13.05 -31.80 -2.00
N ILE H 185 13.11 -33.09 -2.28
CA ILE H 185 13.61 -34.07 -1.32
C ILE H 185 15.13 -34.25 -1.45
N LYS H 186 15.60 -34.38 -2.69
CA LYS H 186 17.00 -34.73 -2.95
C LYS H 186 17.97 -33.67 -2.42
N ASP H 187 17.56 -32.39 -2.51
CA ASP H 187 18.43 -31.26 -2.14
C ASP H 187 18.57 -31.04 -0.64
N ARG H 188 17.82 -31.78 0.15
CA ARG H 188 17.90 -31.68 1.61
C ARG H 188 18.51 -32.95 2.17
N LYS H 189 19.77 -32.84 2.59
CA LYS H 189 20.63 -33.99 2.88
C LYS H 189 19.97 -34.97 3.83
N HIS H 190 19.44 -34.46 4.93
CA HIS H 190 18.86 -35.31 5.95
C HIS H 190 17.46 -35.81 5.58
N VAL H 191 16.65 -34.95 4.94
CA VAL H 191 15.35 -35.37 4.42
C VAL H 191 15.53 -36.49 3.41
N SER H 192 16.52 -36.31 2.53
CA SER H 192 16.83 -37.27 1.48
C SER H 192 17.27 -38.62 2.02
N ALA H 193 18.12 -38.59 3.04
CA ALA H 193 18.60 -39.83 3.65
C ALA H 193 17.44 -40.55 4.34
N TRP H 194 16.58 -39.78 4.98
CA TRP H 194 15.39 -40.32 5.62
C TRP H 194 14.43 -40.91 4.59
N TRP H 195 14.20 -40.17 3.50
CA TRP H 195 13.37 -40.66 2.41
C TRP H 195 13.91 -41.95 1.80
N ASP H 196 15.22 -41.99 1.56
CA ASP H 196 15.86 -43.19 1.04
C ASP H 196 15.56 -44.40 1.91
N ASP H 197 15.58 -44.17 3.23
CA ASP H 197 15.36 -45.22 4.21
C ASP H 197 13.92 -45.75 4.20
N ILE H 198 12.95 -44.88 4.44
CA ILE H 198 11.59 -45.37 4.60
C ILE H 198 11.02 -45.89 3.27
N SER H 199 11.44 -45.28 2.15
CA SER H 199 10.91 -45.67 0.84
C SER H 199 11.59 -46.91 0.26
N SER H 200 12.64 -47.42 0.92
CA SER H 200 13.23 -48.66 0.46
C SER H 200 12.83 -49.84 1.35
N ARG H 201 11.97 -49.59 2.33
CA ARG H 201 11.46 -50.67 3.17
C ARG H 201 10.65 -51.65 2.33
N PRO H 202 10.81 -52.95 2.60
CA PRO H 202 10.09 -53.95 1.78
C PRO H 202 8.57 -53.76 1.76
N ALA H 203 7.97 -53.34 2.88
CA ALA H 203 6.51 -53.17 2.90
C ALA H 203 6.06 -52.10 1.93
N TRP H 204 6.85 -51.04 1.81
CA TRP H 204 6.48 -49.98 0.89
C TRP H 204 6.70 -50.44 -0.52
N LYS H 205 7.80 -51.15 -0.75
CA LYS H 205 8.10 -51.70 -2.07
C LYS H 205 6.99 -52.65 -2.54
N GLU H 206 6.46 -53.46 -1.61
CA GLU H 206 5.37 -54.37 -1.94
C GLU H 206 4.05 -53.63 -2.22
N THR H 207 3.77 -52.60 -1.43
CA THR H 207 2.58 -51.76 -1.62
C THR H 207 2.57 -51.17 -3.04
N VAL H 208 3.71 -50.63 -3.46
CA VAL H 208 3.83 -50.05 -4.78
C VAL H 208 3.76 -51.13 -5.87
N ALA H 209 4.43 -52.26 -5.63
CA ALA H 209 4.41 -53.33 -6.62
C ALA H 209 3.00 -53.87 -6.86
N LYS H 210 2.20 -54.01 -5.80
CA LYS H 210 0.89 -54.65 -5.92
C LYS H 210 -0.30 -53.72 -6.19
N TYR H 211 -0.24 -52.46 -5.75
CA TYR H 211 -1.47 -51.65 -5.76
C TYR H 211 -1.31 -50.32 -6.50
N SER H 212 -0.32 -50.27 -7.38
CA SER H 212 -0.18 -49.19 -8.34
C SER H 212 -1.07 -49.46 -9.57
N PHE H 213 -1.66 -48.42 -10.14
CA PHE H 213 -2.39 -48.58 -11.39
C PHE H 213 -1.43 -48.88 -12.55
N VAL I 2 -33.37 -19.92 -16.76
CA VAL I 2 -32.43 -19.22 -17.64
C VAL I 2 -31.29 -20.14 -18.05
N LEU I 3 -30.91 -20.03 -19.31
CA LEU I 3 -29.81 -20.79 -19.86
C LEU I 3 -28.49 -20.51 -19.13
N LYS I 4 -27.79 -21.59 -18.78
CA LYS I 4 -26.51 -21.50 -18.08
C LYS I 4 -25.36 -22.09 -18.89
N VAL I 5 -24.25 -21.36 -18.98
CA VAL I 5 -23.07 -21.82 -19.70
C VAL I 5 -21.91 -22.10 -18.74
N TYR I 6 -21.38 -23.31 -18.76
CA TYR I 6 -20.27 -23.70 -17.88
C TYR I 6 -18.90 -23.47 -18.54
N GLY I 7 -18.01 -22.83 -17.80
CA GLY I 7 -16.64 -22.59 -18.22
C GLY I 7 -16.40 -21.42 -19.17
N PRO I 8 -17.03 -20.25 -18.93
CA PRO I 8 -16.97 -19.13 -19.88
C PRO I 8 -15.56 -18.58 -20.15
N HIS I 9 -14.63 -18.79 -19.22
CA HIS I 9 -13.30 -18.24 -19.37
C HIS I 9 -12.44 -18.98 -20.40
N PHE I 10 -12.91 -20.14 -20.84
CA PHE I 10 -12.13 -20.91 -21.80
C PHE I 10 -12.65 -20.66 -23.21
N ALA I 11 -11.93 -21.16 -24.20
CA ALA I 11 -12.15 -20.73 -25.58
C ALA I 11 -13.40 -21.36 -26.24
N SER I 12 -13.53 -22.68 -26.20
CA SER I 12 -14.70 -23.35 -26.81
C SER I 12 -16.03 -22.82 -26.29
N PRO I 13 -16.16 -22.59 -24.97
CA PRO I 13 -17.43 -22.00 -24.50
C PRO I 13 -17.77 -20.65 -25.12
N LYS I 14 -16.77 -19.89 -25.58
CA LYS I 14 -17.05 -18.58 -26.19
C LYS I 14 -17.75 -18.70 -27.56
N ARG I 15 -17.65 -19.86 -28.20
CA ARG I 15 -18.46 -20.10 -29.41
C ARG I 15 -19.93 -20.00 -29.06
N ALA I 16 -20.31 -20.61 -27.95
CA ALA I 16 -21.68 -20.55 -27.49
C ALA I 16 -22.04 -19.12 -26.99
N LEU I 17 -21.14 -18.51 -26.23
CA LEU I 17 -21.43 -17.20 -25.65
C LEU I 17 -21.67 -16.13 -26.73
N VAL I 18 -20.82 -16.12 -27.75
CA VAL I 18 -20.96 -15.10 -28.79
C VAL I 18 -22.27 -15.32 -29.58
N THR I 19 -22.69 -16.57 -29.73
CA THR I 19 -23.94 -16.90 -30.40
C THR I 19 -25.12 -16.42 -29.56
N LEU I 20 -25.05 -16.70 -28.26
CA LEU I 20 -26.07 -16.23 -27.32
C LEU I 20 -26.19 -14.71 -27.37
N ILE I 21 -25.06 -14.03 -27.39
CA ILE I 21 -25.07 -12.58 -27.40
C ILE I 21 -25.56 -12.08 -28.76
N GLU I 22 -25.12 -12.69 -29.85
CA GLU I 22 -25.65 -12.32 -31.17
C GLU I 22 -27.16 -12.46 -31.24
N LYS I 23 -27.72 -13.51 -30.62
CA LYS I 23 -29.17 -13.74 -30.73
C LYS I 23 -29.93 -12.98 -29.65
N GLY I 24 -29.20 -12.29 -28.78
CA GLY I 24 -29.83 -11.53 -27.71
C GLY I 24 -30.54 -12.42 -26.71
N VAL I 25 -29.98 -13.59 -26.43
CA VAL I 25 -30.57 -14.50 -25.47
C VAL I 25 -29.99 -14.30 -24.07
N ALA I 26 -30.86 -14.27 -23.07
CA ALA I 26 -30.40 -14.13 -21.68
C ALA I 26 -29.71 -15.41 -21.20
N PHE I 27 -28.61 -15.25 -20.46
CA PHE I 27 -27.88 -16.39 -19.91
C PHE I 27 -27.08 -16.01 -18.66
N GLU I 28 -26.72 -17.03 -17.91
CA GLU I 28 -25.78 -16.89 -16.80
C GLU I 28 -24.61 -17.80 -17.11
N THR I 29 -23.46 -17.52 -16.51
CA THR I 29 -22.31 -18.40 -16.68
C THR I 29 -21.88 -18.94 -15.34
N ILE I 30 -21.27 -20.13 -15.35
CA ILE I 30 -20.80 -20.73 -14.12
C ILE I 30 -19.36 -21.17 -14.31
N PRO I 31 -18.44 -20.65 -13.47
CA PRO I 31 -17.03 -21.04 -13.68
C PRO I 31 -16.77 -22.52 -13.38
N VAL I 32 -15.80 -23.08 -14.09
CA VAL I 32 -15.35 -24.44 -13.82
C VAL I 32 -13.84 -24.35 -13.67
N ASP I 33 -13.34 -24.75 -12.52
CA ASP I 33 -11.90 -24.64 -12.22
C ASP I 33 -11.10 -25.78 -12.85
N LEU I 34 -10.74 -25.62 -14.13
CA LEU I 34 -9.99 -26.65 -14.85
C LEU I 34 -8.59 -26.88 -14.25
N MET I 35 -7.94 -25.81 -13.79
CA MET I 35 -6.57 -25.93 -13.28
C MET I 35 -6.51 -26.76 -12.00
N LYS I 36 -7.61 -26.78 -11.26
CA LYS I 36 -7.73 -27.63 -10.08
C LYS I 36 -8.51 -28.93 -10.41
N GLY I 37 -8.79 -29.16 -11.69
CA GLY I 37 -9.42 -30.41 -12.13
C GLY I 37 -10.91 -30.57 -11.78
N GLU I 38 -11.61 -29.46 -11.57
CA GLU I 38 -13.01 -29.53 -11.21
C GLU I 38 -13.84 -30.24 -12.29
N HIS I 39 -13.38 -30.12 -13.53
CA HIS I 39 -14.08 -30.70 -14.67
C HIS I 39 -13.95 -32.22 -14.75
N LYS I 40 -13.07 -32.82 -13.95
CA LYS I 40 -12.90 -34.28 -13.95
C LYS I 40 -13.56 -34.93 -12.72
N GLN I 41 -14.31 -34.13 -11.96
CA GLN I 41 -14.98 -34.62 -10.76
C GLN I 41 -16.42 -35.02 -11.11
N PRO I 42 -17.02 -35.94 -10.35
CA PRO I 42 -18.36 -36.49 -10.65
C PRO I 42 -19.44 -35.43 -10.89
N ALA I 43 -19.38 -34.34 -10.14
CA ALA I 43 -20.39 -33.29 -10.24
C ALA I 43 -20.45 -32.70 -11.65
N TYR I 44 -19.30 -32.37 -12.22
CA TYR I 44 -19.32 -31.76 -13.55
C TYR I 44 -19.50 -32.82 -14.63
N LEU I 45 -19.00 -34.03 -14.36
CA LEU I 45 -19.12 -35.13 -15.31
C LEU I 45 -20.59 -35.49 -15.57
N ALA I 46 -21.47 -35.24 -14.60
CA ALA I 46 -22.91 -35.45 -14.79
C ALA I 46 -23.49 -34.47 -15.81
N LEU I 47 -22.79 -33.36 -16.03
CA LEU I 47 -23.23 -32.38 -17.03
C LEU I 47 -22.58 -32.65 -18.38
N GLN I 48 -21.31 -33.01 -18.34
CA GLN I 48 -20.50 -33.25 -19.51
C GLN I 48 -19.67 -34.52 -19.28
N PRO I 49 -20.14 -35.66 -19.79
CA PRO I 49 -19.53 -36.94 -19.43
C PRO I 49 -18.09 -37.08 -19.93
N PHE I 50 -17.70 -36.24 -20.88
CA PHE I 50 -16.32 -36.24 -21.35
C PHE I 50 -15.43 -35.32 -20.51
N GLY I 51 -16.01 -34.62 -19.54
CA GLY I 51 -15.19 -33.76 -18.69
C GLY I 51 -14.47 -32.64 -19.44
N THR I 52 -15.20 -31.97 -20.33
CA THR I 52 -14.68 -30.79 -21.04
C THR I 52 -15.71 -29.68 -20.99
N VAL I 53 -15.30 -28.45 -21.26
CA VAL I 53 -16.25 -27.34 -21.29
C VAL I 53 -16.42 -26.90 -22.74
N PRO I 54 -17.61 -26.40 -23.10
CA PRO I 54 -18.75 -26.05 -22.25
C PRO I 54 -19.72 -27.17 -22.03
N ALA I 55 -20.55 -26.99 -21.02
CA ALA I 55 -21.81 -27.72 -20.90
C ALA I 55 -22.85 -26.63 -20.77
N VAL I 56 -24.05 -26.86 -21.30
CA VAL I 56 -25.12 -25.89 -21.17
C VAL I 56 -26.36 -26.57 -20.58
N VAL I 57 -26.95 -25.93 -19.58
CA VAL I 57 -28.21 -26.39 -19.01
C VAL I 57 -29.25 -25.32 -19.27
N ASP I 58 -30.31 -25.69 -19.96
CA ASP I 58 -31.38 -24.73 -20.28
C ASP I 58 -32.65 -25.29 -19.65
N GLY I 59 -32.87 -24.98 -18.37
CA GLY I 59 -33.94 -25.59 -17.60
C GLY I 59 -33.63 -27.05 -17.37
N ASP I 60 -34.50 -27.93 -17.85
CA ASP I 60 -34.29 -29.36 -17.69
C ASP I 60 -33.48 -29.94 -18.84
N TYR I 61 -33.24 -29.10 -19.85
CA TYR I 61 -32.56 -29.55 -21.07
C TYR I 61 -31.06 -29.35 -20.96
N LYS I 62 -30.31 -30.35 -21.37
CA LYS I 62 -28.85 -30.31 -21.23
C LYS I 62 -28.20 -30.58 -22.57
N ILE I 63 -27.19 -29.79 -22.91
CA ILE I 63 -26.51 -29.99 -24.18
C ILE I 63 -25.05 -29.57 -24.12
N PHE I 64 -24.19 -30.36 -24.74
CA PHE I 64 -22.77 -29.99 -24.81
C PHE I 64 -22.26 -30.12 -26.24
N GLU I 65 -20.95 -29.93 -26.40
CA GLU I 65 -20.27 -29.70 -27.69
C GLU I 65 -20.59 -28.27 -28.15
N SER I 66 -19.55 -27.43 -28.12
CA SER I 66 -19.73 -26.00 -28.34
C SER I 66 -20.49 -25.69 -29.64
N ARG I 67 -20.19 -26.39 -30.74
CA ARG I 67 -20.86 -26.04 -31.99
C ARG I 67 -22.28 -26.56 -32.03
N ALA I 68 -22.53 -27.62 -31.28
CA ALA I 68 -23.91 -28.13 -31.17
C ALA I 68 -24.76 -27.12 -30.43
N VAL I 69 -24.18 -26.55 -29.40
CA VAL I 69 -24.83 -25.52 -28.62
C VAL I 69 -25.17 -24.33 -29.49
N MET I 70 -24.23 -23.95 -30.36
CA MET I 70 -24.44 -22.84 -31.30
C MET I 70 -25.70 -23.13 -32.13
N ARG I 71 -25.74 -24.34 -32.70
CA ARG I 71 -26.84 -24.78 -33.56
C ARG I 71 -28.15 -24.81 -32.81
N TYR I 72 -28.12 -25.33 -31.58
CA TYR I 72 -29.33 -25.37 -30.75
C TYR I 72 -29.84 -23.95 -30.48
N VAL I 73 -28.94 -23.05 -30.06
CA VAL I 73 -29.36 -21.68 -29.77
C VAL I 73 -29.87 -20.98 -31.04
N ALA I 74 -29.16 -21.12 -32.16
CA ALA I 74 -29.55 -20.47 -33.41
C ALA I 74 -30.89 -20.99 -33.94
N GLU I 75 -31.21 -22.25 -33.68
CA GLU I 75 -32.48 -22.81 -34.16
C GLU I 75 -33.62 -22.44 -33.22
N LYS I 76 -33.39 -22.58 -31.91
CA LYS I 76 -34.42 -22.26 -30.93
C LYS I 76 -34.88 -20.79 -30.97
N TYR I 77 -33.94 -19.88 -31.22
CA TYR I 77 -34.22 -18.45 -31.24
C TYR I 77 -34.07 -17.94 -32.66
N ARG I 78 -34.43 -18.77 -33.63
CA ARG I 78 -34.19 -18.47 -35.04
C ARG I 78 -34.78 -17.12 -35.48
N SER I 79 -35.96 -16.79 -34.99
CA SER I 79 -36.69 -15.61 -35.46
C SER I 79 -36.18 -14.26 -34.93
N GLN I 80 -35.34 -14.26 -33.91
CA GLN I 80 -34.83 -13.02 -33.33
C GLN I 80 -33.35 -12.88 -33.66
N GLY I 81 -32.87 -11.64 -33.80
CA GLY I 81 -31.47 -11.40 -34.16
C GLY I 81 -31.16 -11.76 -35.60
N PRO I 82 -29.86 -11.79 -35.95
CA PRO I 82 -29.47 -12.21 -37.28
C PRO I 82 -29.78 -13.70 -37.48
N ASP I 83 -30.07 -14.14 -38.70
CA ASP I 83 -30.28 -15.57 -38.86
C ASP I 83 -28.94 -16.22 -39.15
N LEU I 84 -28.35 -16.78 -38.12
CA LEU I 84 -27.01 -17.34 -38.19
C LEU I 84 -26.97 -18.72 -38.85
N LEU I 85 -28.14 -19.22 -39.24
CA LEU I 85 -28.28 -20.47 -39.98
C LEU I 85 -28.64 -20.22 -41.44
N GLY I 86 -28.76 -18.95 -41.81
CA GLY I 86 -29.25 -18.62 -43.15
C GLY I 86 -30.75 -18.80 -43.25
N LYS I 87 -31.31 -18.54 -44.42
CA LYS I 87 -32.76 -18.58 -44.58
C LYS I 87 -33.28 -19.90 -45.17
N THR I 88 -32.57 -20.44 -46.16
CA THR I 88 -33.04 -21.63 -46.86
C THR I 88 -32.28 -22.90 -46.43
N VAL I 89 -32.79 -24.06 -46.86
CA VAL I 89 -32.15 -25.33 -46.61
C VAL I 89 -30.78 -25.33 -47.25
N GLU I 90 -30.67 -24.75 -48.45
CA GLU I 90 -29.40 -24.64 -49.13
CA GLU I 90 -29.38 -24.69 -49.11
C GLU I 90 -28.42 -23.79 -48.31
N ASP I 91 -28.91 -22.65 -47.78
CA ASP I 91 -28.07 -21.78 -46.95
C ASP I 91 -27.54 -22.53 -45.75
N ARG I 92 -28.44 -23.22 -45.05
CA ARG I 92 -28.07 -23.94 -43.85
C ARG I 92 -27.00 -24.99 -44.18
N GLY I 93 -27.14 -25.62 -45.35
CA GLY I 93 -26.16 -26.57 -45.82
C GLY I 93 -24.76 -25.98 -45.88
N GLN I 94 -24.63 -24.76 -46.40
CA GLN I 94 -23.33 -24.09 -46.49
C GLN I 94 -22.82 -23.75 -45.11
N VAL I 95 -23.73 -23.35 -44.23
CA VAL I 95 -23.37 -23.10 -42.85
C VAL I 95 -22.87 -24.39 -42.18
N GLU I 96 -23.62 -25.49 -42.32
CA GLU I 96 -23.20 -26.74 -41.69
C GLU I 96 -21.85 -27.18 -42.27
N GLN I 97 -21.67 -26.99 -43.56
CA GLN I 97 -20.41 -27.30 -44.23
C GLN I 97 -19.20 -26.60 -43.60
N TRP I 98 -19.24 -25.28 -43.47
CA TRP I 98 -18.06 -24.55 -42.99
C TRP I 98 -17.86 -24.71 -41.47
N LEU I 99 -18.95 -24.94 -40.76
CA LEU I 99 -18.92 -25.27 -39.36
C LEU I 99 -18.16 -26.59 -39.16
N ASP I 100 -18.43 -27.54 -40.03
CA ASP I 100 -17.69 -28.82 -39.97
C ASP I 100 -16.25 -28.66 -40.44
N VAL I 101 -16.03 -27.79 -41.42
CA VAL I 101 -14.65 -27.43 -41.75
C VAL I 101 -13.91 -26.91 -40.50
N GLU I 102 -14.54 -26.02 -39.73
CA GLU I 102 -13.90 -25.50 -38.50
C GLU I 102 -13.62 -26.66 -37.56
N ALA I 103 -14.63 -27.51 -37.34
CA ALA I 103 -14.53 -28.61 -36.38
C ALA I 103 -13.47 -29.64 -36.74
N THR I 104 -13.35 -29.96 -38.02
CA THR I 104 -12.54 -31.12 -38.43
C THR I 104 -11.24 -30.77 -39.11
N THR I 105 -11.12 -29.54 -39.59
CA THR I 105 -10.03 -29.24 -40.50
C THR I 105 -9.20 -28.05 -40.03
N TYR I 106 -9.89 -27.00 -39.65
CA TYR I 106 -9.25 -25.79 -39.16
C TYR I 106 -8.85 -25.94 -37.71
N HIS I 107 -9.80 -26.34 -36.87
CA HIS I 107 -9.51 -26.32 -35.45
C HIS I 107 -8.41 -27.30 -34.98
N PRO I 108 -8.43 -28.55 -35.47
CA PRO I 108 -7.45 -29.49 -34.87
C PRO I 108 -5.98 -29.09 -35.02
N PRO I 109 -5.52 -28.66 -36.21
CA PRO I 109 -4.13 -28.21 -36.19
C PRO I 109 -3.92 -26.93 -35.38
N LEU I 110 -4.92 -26.06 -35.29
CA LEU I 110 -4.75 -24.86 -34.48
C LEU I 110 -4.61 -25.20 -33.00
N LEU I 111 -5.39 -26.16 -32.54
CA LEU I 111 -5.33 -26.61 -31.15
C LEU I 111 -3.95 -27.20 -30.84
N ASN I 112 -3.42 -27.99 -31.77
CA ASN I 112 -2.07 -28.51 -31.57
C ASN I 112 -1.01 -27.43 -31.44
N LEU I 113 -1.02 -26.39 -32.29
CA LEU I 113 -0.09 -25.28 -32.08
C LEU I 113 -0.31 -24.60 -30.77
N THR I 114 -1.57 -24.35 -30.47
CA THR I 114 -1.95 -23.70 -29.24
C THR I 114 -1.42 -24.43 -28.02
N LEU I 115 -1.61 -25.75 -27.99
CA LEU I 115 -1.17 -26.52 -26.84
C LEU I 115 0.34 -26.62 -26.76
N HIS I 116 0.98 -26.96 -27.87
CA HIS I 116 2.40 -27.26 -27.86
C HIS I 116 3.35 -26.05 -27.85
N ILE I 117 2.79 -24.86 -28.01
CA ILE I 117 3.57 -23.63 -27.86
C ILE I 117 3.36 -23.17 -26.41
N MET I 118 2.28 -23.65 -25.81
CA MET I 118 2.03 -23.44 -24.40
C MET I 118 2.96 -24.34 -23.60
N PHE I 119 3.51 -25.35 -24.27
CA PHE I 119 4.47 -26.24 -23.61
C PHE I 119 5.90 -25.75 -23.85
N ALA I 120 6.18 -24.56 -23.32
CA ALA I 120 7.52 -23.98 -23.24
C ALA I 120 7.46 -22.73 -22.35
N SER I 127 7.51 -30.37 -25.22
CA SER I 127 6.73 -30.11 -26.44
C SER I 127 7.27 -30.92 -27.61
N ASP I 128 6.42 -31.09 -28.62
CA ASP I 128 6.73 -31.87 -29.80
C ASP I 128 7.01 -30.91 -30.95
N GLU I 129 8.28 -30.73 -31.31
CA GLU I 129 8.57 -29.70 -32.30
C GLU I 129 8.22 -30.16 -33.72
N LYS I 130 8.13 -31.47 -33.93
CA LYS I 130 7.72 -31.98 -35.22
C LYS I 130 6.22 -31.68 -35.40
N LEU I 131 5.45 -31.96 -34.36
CA LEU I 131 4.01 -31.72 -34.37
C LEU I 131 3.68 -30.25 -34.59
N ILE I 132 4.41 -29.37 -33.90
CA ILE I 132 4.25 -27.92 -34.06
C ILE I 132 4.47 -27.46 -35.50
N LYS I 133 5.56 -27.90 -36.13
CA LYS I 133 5.85 -27.53 -37.52
C LYS I 133 4.74 -28.03 -38.44
N GLU I 134 4.31 -29.28 -38.22
CA GLU I 134 3.25 -29.86 -39.03
C GLU I 134 1.93 -29.13 -38.84
N SER I 135 1.62 -28.79 -37.60
CA SER I 135 0.36 -28.13 -37.29
C SER I 135 0.28 -26.75 -37.94
N GLU I 136 1.37 -25.98 -37.89
CA GLU I 136 1.34 -24.66 -38.50
C GLU I 136 1.17 -24.77 -40.02
N GLU I 137 1.92 -25.66 -40.65
CA GLU I 137 1.78 -25.85 -42.09
C GLU I 137 0.39 -26.33 -42.51
N LYS I 138 -0.18 -27.27 -41.76
CA LYS I 138 -1.51 -27.74 -42.09
C LYS I 138 -2.48 -26.56 -41.97
N LEU I 139 -2.37 -25.81 -40.88
CA LEU I 139 -3.26 -24.66 -40.67
C LEU I 139 -3.10 -23.61 -41.76
N ALA I 140 -1.86 -23.36 -42.14
CA ALA I 140 -1.55 -22.40 -43.18
C ALA I 140 -2.17 -22.84 -44.50
N GLY I 141 -2.11 -24.14 -44.75
CA GLY I 141 -2.73 -24.74 -45.93
C GLY I 141 -4.23 -24.50 -45.90
N VAL I 142 -4.85 -24.69 -44.74
CA VAL I 142 -6.27 -24.42 -44.60
C VAL I 142 -6.58 -22.93 -44.85
N LEU I 143 -5.76 -22.05 -44.28
CA LEU I 143 -5.96 -20.61 -44.45
C LEU I 143 -5.81 -20.20 -45.92
N ASP I 144 -4.97 -20.91 -46.67
CA ASP I 144 -4.86 -20.65 -48.12
C ASP I 144 -6.17 -20.94 -48.85
N VAL I 145 -6.85 -22.01 -48.45
CA VAL I 145 -8.15 -22.33 -49.03
C VAL I 145 -9.17 -21.25 -48.66
N TYR I 146 -9.18 -20.87 -47.39
CA TYR I 146 -10.06 -19.80 -46.92
C TYR I 146 -9.82 -18.54 -47.72
N GLU I 147 -8.56 -18.24 -47.99
CA GLU I 147 -8.18 -17.03 -48.71
C GLU I 147 -8.77 -16.99 -50.11
N ALA I 148 -8.65 -18.10 -50.83
CA ALA I 148 -9.22 -18.21 -52.16
C ALA I 148 -10.74 -18.09 -52.09
N HIS I 149 -11.34 -18.75 -51.12
CA HIS I 149 -12.81 -18.78 -50.96
C HIS I 149 -13.36 -17.40 -50.63
N LEU I 150 -12.74 -16.73 -49.68
CA LEU I 150 -13.22 -15.44 -49.20
C LEU I 150 -12.99 -14.32 -50.21
N SER I 151 -12.20 -14.59 -51.24
CA SER I 151 -11.97 -13.61 -52.26
C SER I 151 -13.18 -13.57 -53.20
N LYS I 152 -14.03 -14.60 -53.14
CA LYS I 152 -15.24 -14.65 -53.96
C LYS I 152 -16.52 -14.71 -53.11
N SER I 153 -16.38 -14.84 -51.80
CA SER I 153 -17.52 -14.92 -50.90
C SER I 153 -17.28 -14.02 -49.69
N LYS I 154 -18.25 -13.20 -49.32
CA LYS I 154 -18.05 -12.23 -48.24
C LYS I 154 -17.78 -12.89 -46.89
N TYR I 155 -18.61 -13.87 -46.55
CA TYR I 155 -18.43 -14.71 -45.37
C TYR I 155 -18.29 -16.16 -45.82
N LEU I 156 -18.04 -17.09 -44.91
CA LEU I 156 -17.78 -18.47 -45.30
C LEU I 156 -18.98 -19.12 -46.03
N ALA I 157 -20.18 -18.95 -45.49
CA ALA I 157 -21.36 -19.63 -46.01
C ALA I 157 -22.08 -18.84 -47.11
N GLY I 158 -21.60 -17.62 -47.38
CA GLY I 158 -22.22 -16.77 -48.38
C GLY I 158 -22.07 -15.29 -48.07
N ASP I 159 -23.11 -14.52 -48.41
CA ASP I 159 -23.06 -13.07 -48.22
C ASP I 159 -23.60 -12.66 -46.84
N PHE I 160 -23.78 -13.64 -45.97
CA PHE I 160 -24.32 -13.40 -44.63
C PHE I 160 -23.40 -14.02 -43.57
N VAL I 161 -23.26 -13.35 -42.43
CA VAL I 161 -22.47 -13.91 -41.34
C VAL I 161 -23.22 -15.10 -40.71
N SER I 162 -22.51 -16.12 -40.28
CA SER I 162 -23.22 -17.29 -39.76
C SER I 162 -22.46 -17.94 -38.62
N LEU I 163 -23.02 -19.03 -38.07
CA LEU I 163 -22.33 -19.81 -37.06
C LEU I 163 -20.94 -20.24 -37.52
N ALA I 164 -20.80 -20.49 -38.82
CA ALA I 164 -19.52 -20.95 -39.34
C ALA I 164 -18.44 -19.91 -39.05
N ASP I 165 -18.73 -18.63 -39.30
CA ASP I 165 -17.77 -17.57 -39.00
C ASP I 165 -17.52 -17.45 -37.50
N LEU I 166 -18.60 -17.39 -36.71
CA LEU I 166 -18.46 -17.14 -35.28
C LEU I 166 -17.62 -18.22 -34.63
N ALA I 167 -17.72 -19.44 -35.14
CA ALA I 167 -17.00 -20.58 -34.60
C ALA I 167 -15.48 -20.39 -34.66
N HIS I 168 -15.00 -19.55 -35.57
CA HIS I 168 -13.55 -19.31 -35.68
C HIS I 168 -13.01 -18.28 -34.68
N LEU I 169 -13.89 -17.58 -33.98
CA LEU I 169 -13.47 -16.43 -33.16
C LEU I 169 -12.56 -16.77 -31.95
N PRO I 170 -12.96 -17.73 -31.09
CA PRO I 170 -12.20 -17.85 -29.83
C PRO I 170 -10.75 -18.33 -30.01
N PHE I 171 -10.50 -19.33 -30.85
CA PHE I 171 -9.13 -19.83 -30.94
C PHE I 171 -8.29 -19.01 -31.92
N THR I 172 -8.92 -18.40 -32.91
CA THR I 172 -8.15 -17.53 -33.82
C THR I 172 -7.71 -16.29 -33.06
N ASP I 173 -8.55 -15.84 -32.14
CA ASP I 173 -8.20 -14.70 -31.28
C ASP I 173 -6.96 -15.00 -30.44
N TYR I 174 -6.93 -16.22 -29.93
CA TYR I 174 -5.79 -16.74 -29.19
C TYR I 174 -4.56 -16.76 -30.10
N LEU I 175 -4.74 -17.28 -31.32
CA LEU I 175 -3.67 -17.37 -32.32
C LEU I 175 -2.98 -16.05 -32.62
N VAL I 176 -3.78 -15.01 -32.86
CA VAL I 176 -3.23 -13.73 -33.29
C VAL I 176 -2.88 -12.84 -32.11
N GLY I 177 -3.22 -13.31 -30.91
CA GLY I 177 -2.90 -12.56 -29.70
C GLY I 177 -1.73 -13.18 -28.97
N PRO I 178 -2.00 -13.79 -27.81
CA PRO I 178 -0.95 -14.34 -26.93
C PRO I 178 -0.07 -15.40 -27.62
N ILE I 179 -0.61 -16.17 -28.57
CA ILE I 179 0.22 -17.14 -29.29
C ILE I 179 1.23 -16.43 -30.21
N GLY I 180 0.90 -15.22 -30.64
CA GLY I 180 1.82 -14.42 -31.44
C GLY I 180 2.01 -14.84 -32.89
N LYS I 181 0.94 -15.31 -33.52
CA LYS I 181 1.01 -15.66 -34.94
C LYS I 181 -0.02 -14.86 -35.75
N ALA I 182 -0.12 -13.56 -35.46
CA ALA I 182 -1.05 -12.71 -36.18
C ALA I 182 -0.75 -12.73 -37.68
N TYR I 183 0.50 -12.96 -38.06
CA TYR I 183 0.89 -12.98 -39.46
C TYR I 183 0.11 -14.04 -40.27
N MET I 184 -0.33 -15.13 -39.62
CA MET I 184 -1.09 -16.16 -40.33
C MET I 184 -2.41 -15.63 -40.87
N ILE I 185 -3.01 -14.71 -40.13
CA ILE I 185 -4.21 -14.03 -40.56
C ILE I 185 -3.83 -12.80 -41.41
N LYS I 186 -2.85 -12.02 -40.92
CA LYS I 186 -2.47 -10.74 -41.52
C LYS I 186 -1.90 -10.84 -42.93
N ASP I 187 -1.14 -11.90 -43.21
CA ASP I 187 -0.49 -12.06 -44.52
C ASP I 187 -1.47 -12.48 -45.60
N ARG I 188 -2.69 -12.80 -45.21
CA ARG I 188 -3.71 -13.20 -46.17
C ARG I 188 -4.81 -12.14 -46.27
N LYS I 189 -4.76 -11.38 -47.35
CA LYS I 189 -5.54 -10.15 -47.48
C LYS I 189 -7.03 -10.35 -47.24
N HIS I 190 -7.63 -11.34 -47.90
CA HIS I 190 -9.07 -11.50 -47.79
C HIS I 190 -9.43 -12.10 -46.45
N VAL I 191 -8.62 -13.04 -45.98
CA VAL I 191 -8.82 -13.59 -44.64
C VAL I 191 -8.71 -12.50 -43.59
N SER I 192 -7.74 -11.60 -43.76
CA SER I 192 -7.50 -10.53 -42.80
C SER I 192 -8.69 -9.58 -42.70
N ALA I 193 -9.26 -9.22 -43.84
CA ALA I 193 -10.43 -8.35 -43.88
C ALA I 193 -11.64 -9.05 -43.25
N TRP I 194 -11.76 -10.35 -43.50
CA TRP I 194 -12.85 -11.12 -42.93
C TRP I 194 -12.69 -11.17 -41.41
N TRP I 195 -11.46 -11.44 -40.95
CA TRP I 195 -11.16 -11.46 -39.52
C TRP I 195 -11.43 -10.12 -38.88
N ASP I 196 -10.94 -9.05 -39.51
CA ASP I 196 -11.20 -7.69 -39.00
C ASP I 196 -12.70 -7.45 -38.85
N ASP I 197 -13.46 -7.94 -39.82
CA ASP I 197 -14.90 -7.76 -39.82
C ASP I 197 -15.53 -8.54 -38.66
N ILE I 198 -15.37 -9.86 -38.61
CA ILE I 198 -16.10 -10.62 -37.60
C ILE I 198 -15.57 -10.38 -36.17
N SER I 199 -14.27 -10.13 -36.01
CA SER I 199 -13.72 -9.98 -34.67
C SER I 199 -14.02 -8.59 -34.10
N SER I 200 -14.60 -7.70 -34.91
CA SER I 200 -14.98 -6.39 -34.42
CA SER I 200 -14.98 -6.39 -34.42
C SER I 200 -16.49 -6.30 -34.17
N ARG I 201 -17.21 -7.38 -34.41
CA ARG I 201 -18.65 -7.36 -34.16
C ARG I 201 -18.86 -7.13 -32.67
N PRO I 202 -19.86 -6.32 -32.31
CA PRO I 202 -20.08 -5.99 -30.90
C PRO I 202 -20.28 -7.22 -30.02
N ALA I 203 -20.91 -8.26 -30.55
CA ALA I 203 -21.13 -9.45 -29.74
C ALA I 203 -19.80 -10.08 -29.32
N TRP I 204 -18.80 -10.06 -30.20
CA TRP I 204 -17.52 -10.65 -29.86
C TRP I 204 -16.74 -9.76 -28.87
N LYS I 205 -16.78 -8.44 -29.09
CA LYS I 205 -16.13 -7.49 -28.21
C LYS I 205 -16.70 -7.62 -26.80
N GLU I 206 -18.00 -7.83 -26.71
CA GLU I 206 -18.63 -8.02 -25.42
C GLU I 206 -18.21 -9.34 -24.79
N THR I 207 -18.16 -10.40 -25.60
CA THR I 207 -17.71 -11.68 -25.07
C THR I 207 -16.31 -11.59 -24.49
N VAL I 208 -15.38 -10.98 -25.24
CA VAL I 208 -14.01 -10.88 -24.78
C VAL I 208 -13.88 -9.97 -23.55
N ALA I 209 -14.59 -8.85 -23.57
CA ALA I 209 -14.53 -7.89 -22.45
C ALA I 209 -15.06 -8.55 -21.18
N LYS I 210 -16.04 -9.43 -21.32
CA LYS I 210 -16.65 -10.03 -20.14
C LYS I 210 -15.99 -11.32 -19.66
N TYR I 211 -15.45 -12.12 -20.58
CA TYR I 211 -15.07 -13.48 -20.20
C TYR I 211 -13.65 -13.92 -20.55
N SER I 212 -12.76 -12.96 -20.73
CA SER I 212 -11.33 -13.25 -20.92
C SER I 212 -10.63 -13.57 -19.60
N PHE I 213 -9.70 -14.52 -19.68
CA PHE I 213 -8.77 -14.88 -18.58
C PHE I 213 -8.49 -13.76 -17.58
N VAL J 2 -27.47 32.73 51.62
CA VAL J 2 -27.57 31.36 52.11
C VAL J 2 -26.94 30.37 51.13
N LEU J 3 -25.91 29.67 51.60
CA LEU J 3 -25.20 28.67 50.80
C LEU J 3 -26.12 27.56 50.26
N LYS J 4 -25.98 27.27 48.97
CA LYS J 4 -26.78 26.26 48.29
C LYS J 4 -25.90 25.13 47.79
N VAL J 5 -26.33 23.89 48.01
CA VAL J 5 -25.58 22.71 47.57
C VAL J 5 -26.27 21.95 46.42
N TYR J 6 -25.56 21.79 45.31
CA TYR J 6 -26.11 21.13 44.14
C TYR J 6 -25.83 19.62 44.12
N GLY J 7 -26.88 18.85 43.83
CA GLY J 7 -26.77 17.40 43.67
C GLY J 7 -26.73 16.52 44.92
N PRO J 8 -27.58 16.83 45.93
CA PRO J 8 -27.47 16.13 47.22
C PRO J 8 -27.70 14.61 47.15
N HIS J 9 -28.41 14.15 46.13
CA HIS J 9 -28.80 12.74 46.08
C HIS J 9 -27.62 11.81 45.76
N PHE J 10 -26.51 12.38 45.32
CA PHE J 10 -25.35 11.58 44.95
C PHE J 10 -24.30 11.53 46.06
N ALA J 11 -23.27 10.72 45.87
CA ALA J 11 -22.33 10.39 46.94
C ALA J 11 -21.30 11.50 47.23
N SER J 12 -20.58 11.99 46.22
CA SER J 12 -19.59 13.04 46.47
C SER J 12 -20.17 14.27 47.17
N PRO J 13 -21.36 14.74 46.74
CA PRO J 13 -21.95 15.86 47.49
C PRO J 13 -22.18 15.56 48.98
N LYS J 14 -22.29 14.28 49.35
CA LYS J 14 -22.51 13.95 50.76
C LYS J 14 -21.31 14.25 51.65
N ARG J 15 -20.11 14.37 51.08
CA ARG J 15 -18.95 14.83 51.84
C ARG J 15 -19.21 16.23 52.36
N ALA J 16 -19.77 17.08 51.49
CA ALA J 16 -20.10 18.45 51.85
C ALA J 16 -21.28 18.50 52.82
N LEU J 17 -22.32 17.72 52.50
CA LEU J 17 -23.54 17.75 53.29
C LEU J 17 -23.26 17.34 54.73
N VAL J 18 -22.48 16.26 54.91
CA VAL J 18 -22.19 15.80 56.27
C VAL J 18 -21.29 16.81 57.01
N THR J 19 -20.41 17.49 56.27
CA THR J 19 -19.55 18.51 56.87
C THR J 19 -20.39 19.71 57.31
N LEU J 20 -21.30 20.16 56.45
CA LEU J 20 -22.21 21.25 56.80
C LEU J 20 -23.05 20.90 58.03
N ILE J 21 -23.55 19.67 58.09
CA ILE J 21 -24.41 19.27 59.21
C ILE J 21 -23.61 19.14 60.51
N GLU J 22 -22.40 18.62 60.43
CA GLU J 22 -21.51 18.56 61.59
C GLU J 22 -21.30 19.94 62.21
N LYS J 23 -21.14 20.95 61.34
CA LYS J 23 -20.85 22.31 61.78
C LYS J 23 -22.11 23.10 62.06
N GLY J 24 -23.28 22.49 61.84
CA GLY J 24 -24.54 23.15 62.12
C GLY J 24 -24.82 24.34 61.21
N VAL J 25 -24.42 24.24 59.96
CA VAL J 25 -24.59 25.34 59.01
C VAL J 25 -25.90 25.24 58.24
N ALA J 26 -26.61 26.36 58.12
CA ALA J 26 -27.83 26.44 57.32
C ALA J 26 -27.55 26.41 55.82
N PHE J 27 -28.35 25.63 55.08
CA PHE J 27 -28.22 25.53 53.63
C PHE J 27 -29.51 25.03 52.97
N GLU J 28 -29.65 25.27 51.68
CA GLU J 28 -30.72 24.65 50.90
C GLU J 28 -30.04 23.84 49.80
N THR J 29 -30.71 22.83 49.26
CA THR J 29 -30.12 22.02 48.20
C THR J 29 -30.92 22.12 46.91
N ILE J 30 -30.23 21.96 45.79
CA ILE J 30 -30.87 22.03 44.49
C ILE J 30 -30.51 20.79 43.69
N PRO J 31 -31.53 20.04 43.27
CA PRO J 31 -31.32 18.79 42.53
C PRO J 31 -30.66 19.04 41.19
N VAL J 32 -29.93 18.04 40.72
CA VAL J 32 -29.35 18.10 39.39
C VAL J 32 -29.73 16.84 38.63
N ASP J 33 -30.36 17.02 37.48
CA ASP J 33 -30.90 15.93 36.69
C ASP J 33 -29.76 15.22 35.94
N LEU J 34 -29.00 14.37 36.63
CA LEU J 34 -27.87 13.68 36.00
C LEU J 34 -28.32 12.69 34.93
N MET J 35 -29.41 11.98 35.19
CA MET J 35 -29.85 10.94 34.28
C MET J 35 -30.29 11.57 32.95
N LYS J 36 -30.77 12.80 33.02
CA LYS J 36 -31.16 13.56 31.84
C LYS J 36 -30.04 14.49 31.38
N GLY J 37 -28.87 14.36 31.99
CA GLY J 37 -27.70 15.11 31.57
C GLY J 37 -27.68 16.60 31.90
N GLU J 38 -28.42 17.01 32.93
CA GLU J 38 -28.50 18.42 33.30
C GLU J 38 -27.14 19.00 33.66
N HIS J 39 -26.27 18.15 34.17
CA HIS J 39 -24.93 18.57 34.58
C HIS J 39 -24.03 18.88 33.39
N LYS J 40 -24.44 18.48 32.19
CA LYS J 40 -23.64 18.73 30.99
C LYS J 40 -24.22 19.84 30.09
N GLN J 41 -25.28 20.48 30.56
CA GLN J 41 -25.91 21.57 29.82
C GLN J 41 -25.32 22.89 30.32
N PRO J 42 -25.34 23.95 29.49
CA PRO J 42 -24.67 25.22 29.81
C PRO J 42 -24.97 25.78 31.20
N ALA J 43 -26.21 25.64 31.67
CA ALA J 43 -26.62 26.22 32.94
C ALA J 43 -25.81 25.68 34.12
N TYR J 44 -25.64 24.37 34.21
CA TYR J 44 -24.89 23.85 35.33
C TYR J 44 -23.39 24.01 35.13
N LEU J 45 -22.95 23.96 33.87
CA LEU J 45 -21.53 24.13 33.54
C LEU J 45 -21.00 25.48 33.98
N ALA J 46 -21.89 26.47 34.06
CA ALA J 46 -21.51 27.78 34.57
C ALA J 46 -21.17 27.70 36.07
N LEU J 47 -21.72 26.70 36.76
CA LEU J 47 -21.45 26.51 38.19
C LEU J 47 -20.30 25.55 38.46
N GLN J 48 -20.24 24.48 37.67
CA GLN J 48 -19.19 23.47 37.78
C GLN J 48 -18.71 23.14 36.39
N PRO J 49 -17.60 23.76 35.98
CA PRO J 49 -17.15 23.67 34.59
C PRO J 49 -16.75 22.26 34.12
N PHE J 50 -16.51 21.33 35.04
CA PHE J 50 -16.20 19.94 34.66
C PHE J 50 -17.45 19.08 34.56
N GLY J 51 -18.61 19.68 34.86
CA GLY J 51 -19.89 18.99 34.77
C GLY J 51 -20.06 17.82 35.72
N THR J 52 -19.70 18.03 36.99
CA THR J 52 -19.92 17.03 38.02
C THR J 52 -20.51 17.68 39.27
N VAL J 53 -21.09 16.86 40.15
CA VAL J 53 -21.65 17.33 41.40
C VAL J 53 -20.79 16.88 42.59
N PRO J 54 -20.68 17.71 43.64
CA PRO J 54 -21.44 18.93 43.93
C PRO J 54 -20.83 20.22 43.40
N ALA J 55 -21.67 21.24 43.37
CA ALA J 55 -21.22 22.62 43.30
C ALA J 55 -21.86 23.32 44.48
N VAL J 56 -21.19 24.32 45.02
CA VAL J 56 -21.78 25.08 46.11
C VAL J 56 -21.80 26.55 45.77
N VAL J 57 -22.95 27.19 45.97
CA VAL J 57 -23.04 28.63 45.81
C VAL J 57 -23.43 29.23 47.14
N ASP J 58 -22.56 30.11 47.63
CA ASP J 58 -22.72 30.76 48.93
C ASP J 58 -22.75 32.27 48.79
N GLY J 59 -23.94 32.83 48.58
CA GLY J 59 -24.05 34.23 48.24
C GLY J 59 -23.45 34.44 46.86
N ASP J 60 -22.42 35.29 46.78
CA ASP J 60 -21.74 35.54 45.51
C ASP J 60 -20.59 34.56 45.31
N TYR J 61 -20.32 33.75 46.33
CA TYR J 61 -19.18 32.85 46.30
C TYR J 61 -19.55 31.47 45.78
N LYS J 62 -18.71 30.94 44.87
CA LYS J 62 -18.96 29.63 44.25
C LYS J 62 -17.75 28.74 44.42
N ILE J 63 -17.99 27.48 44.77
CA ILE J 63 -16.89 26.54 44.98
C ILE J 63 -17.30 25.10 44.61
N PHE J 64 -16.38 24.36 44.00
CA PHE J 64 -16.63 22.97 43.67
C PHE J 64 -15.45 22.08 44.06
N GLU J 65 -15.53 20.79 43.70
CA GLU J 65 -14.66 19.73 44.24
C GLU J 65 -15.07 19.49 45.69
N SER J 66 -15.63 18.30 45.94
CA SER J 66 -16.27 18.00 47.23
C SER J 66 -15.39 18.22 48.47
N ARG J 67 -14.13 17.83 48.41
CA ARG J 67 -13.25 17.91 49.59
C ARG J 67 -12.77 19.34 49.83
N ALA J 68 -12.72 20.14 48.77
CA ALA J 68 -12.42 21.55 48.90
C ALA J 68 -13.59 22.25 49.61
N VAL J 69 -14.80 21.79 49.30
CA VAL J 69 -15.98 22.33 49.98
C VAL J 69 -15.92 22.04 51.48
N MET J 70 -15.50 20.83 51.84
CA MET J 70 -15.34 20.43 53.24
C MET J 70 -14.39 21.38 53.96
N ARG J 71 -13.23 21.60 53.34
CA ARG J 71 -12.21 22.44 53.91
C ARG J 71 -12.71 23.87 54.07
N TYR J 72 -13.37 24.35 53.02
CA TYR J 72 -13.93 25.70 53.01
C TYR J 72 -14.94 25.86 54.12
N VAL J 73 -15.85 24.91 54.23
CA VAL J 73 -16.86 24.94 55.29
C VAL J 73 -16.20 24.86 56.65
N ALA J 74 -15.21 23.97 56.81
CA ALA J 74 -14.53 23.80 58.08
C ALA J 74 -13.73 25.04 58.48
N GLU J 75 -13.20 25.76 57.50
CA GLU J 75 -12.41 26.96 57.78
C GLU J 75 -13.29 28.18 58.02
N LYS J 76 -14.29 28.36 57.16
CA LYS J 76 -15.21 29.49 57.30
C LYS J 76 -15.96 29.41 58.62
N TYR J 77 -16.30 28.18 59.04
CA TYR J 77 -17.09 28.02 60.26
C TYR J 77 -16.28 27.37 61.37
N ARG J 78 -14.97 27.64 61.36
CA ARG J 78 -14.03 27.02 62.28
C ARG J 78 -14.38 27.24 63.74
N SER J 79 -14.84 28.45 64.04
CA SER J 79 -15.08 28.84 65.43
C SER J 79 -16.34 28.23 66.04
N GLN J 80 -17.24 27.69 65.21
CA GLN J 80 -18.46 27.06 65.73
C GLN J 80 -18.44 25.55 65.48
N GLY J 81 -19.04 24.79 66.37
CA GLY J 81 -19.05 23.33 66.26
C GLY J 81 -17.69 22.69 66.51
N PRO J 82 -17.57 21.38 66.22
CA PRO J 82 -16.29 20.69 66.36
C PRO J 82 -15.28 21.18 65.33
N ASP J 83 -14.01 21.21 65.69
CA ASP J 83 -13.01 21.66 64.73
C ASP J 83 -12.53 20.47 63.89
N LEU J 84 -13.10 20.37 62.69
CA LEU J 84 -12.83 19.24 61.82
C LEU J 84 -11.48 19.41 61.13
N LEU J 85 -10.78 20.50 61.44
CA LEU J 85 -9.43 20.73 60.92
C LEU J 85 -8.36 20.51 61.99
N GLY J 86 -8.76 20.13 63.21
CA GLY J 86 -7.83 20.01 64.31
C GLY J 86 -7.47 21.35 64.92
N LYS J 87 -6.59 21.34 65.92
CA LYS J 87 -6.23 22.56 66.63
C LYS J 87 -4.95 23.18 66.09
N THR J 88 -3.94 22.36 65.81
CA THR J 88 -2.65 22.87 65.42
C THR J 88 -2.38 22.77 63.92
N VAL J 89 -1.30 23.42 63.49
CA VAL J 89 -0.84 23.33 62.12
C VAL J 89 -0.40 21.91 61.81
N GLU J 90 0.25 21.27 62.77
CA GLU J 90 0.64 19.86 62.60
C GLU J 90 -0.59 18.95 62.50
N ASP J 91 -1.59 19.19 63.35
CA ASP J 91 -2.86 18.45 63.26
C ASP J 91 -3.49 18.62 61.88
N ARG J 92 -3.56 19.86 61.39
CA ARG J 92 -4.17 20.11 60.09
C ARG J 92 -3.40 19.35 59.02
N GLY J 93 -2.07 19.27 59.19
CA GLY J 93 -1.24 18.51 58.28
C GLY J 93 -1.64 17.05 58.15
N GLN J 94 -1.96 16.40 59.27
CA GLN J 94 -2.39 15.02 59.25
C GLN J 94 -3.79 14.87 58.63
N VAL J 95 -4.66 15.83 58.92
CA VAL J 95 -5.98 15.85 58.32
C VAL J 95 -5.87 15.98 56.81
N GLU J 96 -5.06 16.94 56.36
CA GLU J 96 -4.86 17.14 54.94
C GLU J 96 -4.29 15.89 54.30
N GLN J 97 -3.40 15.23 55.03
CA GLN J 97 -2.73 14.00 54.57
C GLN J 97 -3.70 12.88 54.20
N TRP J 98 -4.56 12.51 55.15
CA TRP J 98 -5.47 11.39 54.93
C TRP J 98 -6.60 11.79 53.99
N LEU J 99 -6.89 13.08 53.93
CA LEU J 99 -7.84 13.62 52.97
C LEU J 99 -7.32 13.38 51.54
N ASP J 100 -6.03 13.55 51.33
CA ASP J 100 -5.46 13.27 50.02
C ASP J 100 -5.36 11.77 49.75
N VAL J 101 -5.08 11.00 50.80
CA VAL J 101 -5.10 9.54 50.70
C VAL J 101 -6.48 9.12 50.21
N GLU J 102 -7.51 9.75 50.79
CA GLU J 102 -8.86 9.44 50.39
C GLU J 102 -9.02 9.75 48.90
N ALA J 103 -8.63 10.95 48.51
CA ALA J 103 -8.80 11.42 47.14
C ALA J 103 -8.00 10.63 46.12
N THR J 104 -6.78 10.23 46.46
CA THR J 104 -5.85 9.69 45.46
C THR J 104 -5.65 8.17 45.55
N THR J 105 -5.99 7.58 46.68
CA THR J 105 -5.58 6.20 46.94
C THR J 105 -6.75 5.31 47.29
N TYR J 106 -7.61 5.79 48.19
CA TYR J 106 -8.78 5.03 48.61
C TYR J 106 -9.95 5.11 47.62
N HIS J 107 -10.36 6.32 47.28
CA HIS J 107 -11.55 6.48 46.46
C HIS J 107 -11.45 5.94 45.03
N PRO J 108 -10.30 6.14 44.34
CA PRO J 108 -10.30 5.66 42.95
C PRO J 108 -10.57 4.16 42.76
N PRO J 109 -9.94 3.26 43.55
CA PRO J 109 -10.34 1.86 43.34
C PRO J 109 -11.75 1.56 43.83
N LEU J 110 -12.20 2.25 44.89
CA LEU J 110 -13.56 2.07 45.38
C LEU J 110 -14.58 2.52 44.34
N LEU J 111 -14.25 3.60 43.65
CA LEU J 111 -15.12 4.15 42.61
C LEU J 111 -15.34 3.14 41.48
N ASN J 112 -14.28 2.40 41.14
CA ASN J 112 -14.38 1.38 40.11
C ASN J 112 -15.43 0.34 40.44
N LEU J 113 -15.44 -0.11 41.69
CA LEU J 113 -16.42 -1.09 42.10
C LEU J 113 -17.82 -0.50 41.99
N THR J 114 -17.99 0.72 42.49
CA THR J 114 -19.25 1.43 42.39
C THR J 114 -19.63 1.69 40.92
N LYS J 133 -12.28 -7.34 39.81
CA LYS J 133 -11.45 -8.16 40.68
C LYS J 133 -10.17 -7.43 41.05
N GLU J 134 -9.56 -6.79 40.06
CA GLU J 134 -8.32 -6.06 40.28
C GLU J 134 -8.58 -4.87 41.20
N SER J 135 -9.73 -4.23 41.03
CA SER J 135 -10.11 -3.09 41.86
C SER J 135 -10.30 -3.52 43.30
N GLU J 136 -10.92 -4.68 43.49
CA GLU J 136 -11.15 -5.19 44.84
C GLU J 136 -9.82 -5.49 45.49
N GLU J 137 -8.92 -6.12 44.73
CA GLU J 137 -7.58 -6.43 45.20
C GLU J 137 -6.79 -5.15 45.56
N LYS J 138 -6.87 -4.15 44.68
CA LYS J 138 -6.17 -2.88 44.91
C LYS J 138 -6.73 -2.18 46.14
N LEU J 139 -8.06 -2.11 46.24
CA LEU J 139 -8.73 -1.49 47.39
C LEU J 139 -8.44 -2.28 48.67
N ALA J 140 -8.32 -3.60 48.54
CA ALA J 140 -8.00 -4.46 49.67
C ALA J 140 -6.64 -4.07 50.26
N GLY J 141 -5.69 -3.78 49.38
CA GLY J 141 -4.36 -3.35 49.79
C GLY J 141 -4.42 -2.07 50.60
N VAL J 142 -5.26 -1.13 50.14
CA VAL J 142 -5.47 0.12 50.84
C VAL J 142 -6.05 -0.08 52.23
N LEU J 143 -7.06 -0.94 52.35
CA LEU J 143 -7.68 -1.19 53.65
C LEU J 143 -6.72 -1.87 54.64
N ASP J 144 -5.78 -2.65 54.12
CA ASP J 144 -4.77 -3.30 54.96
C ASP J 144 -3.87 -2.27 55.65
N VAL J 145 -3.52 -1.21 54.94
CA VAL J 145 -2.74 -0.13 55.52
C VAL J 145 -3.58 0.62 56.55
N TYR J 146 -4.83 0.91 56.20
CA TYR J 146 -5.74 1.56 57.14
C TYR J 146 -5.82 0.75 58.43
N GLU J 147 -5.91 -0.57 58.30
CA GLU J 147 -6.05 -1.46 59.45
C GLU J 147 -4.85 -1.33 60.38
N ALA J 148 -3.65 -1.38 59.80
CA ALA J 148 -2.45 -1.24 60.58
C ALA J 148 -2.39 0.12 61.26
N HIS J 149 -2.78 1.16 60.51
CA HIS J 149 -2.73 2.51 61.05
C HIS J 149 -3.77 2.70 62.16
N LEU J 150 -4.99 2.23 61.92
CA LEU J 150 -6.10 2.40 62.86
C LEU J 150 -5.94 1.55 64.12
N SER J 151 -4.98 0.64 64.08
CA SER J 151 -4.64 -0.16 65.26
C SER J 151 -3.80 0.68 66.22
N LYS J 152 -3.29 1.81 65.73
CA LYS J 152 -2.47 2.71 66.53
C LYS J 152 -3.08 4.11 66.68
N SER J 153 -4.15 4.37 65.92
CA SER J 153 -4.80 5.68 65.93
C SER J 153 -6.32 5.55 65.95
N LYS J 154 -6.99 6.32 66.81
CA LYS J 154 -8.45 6.23 66.95
C LYS J 154 -9.16 6.66 65.67
N TYR J 155 -8.72 7.81 65.15
CA TYR J 155 -9.20 8.31 63.87
C TYR J 155 -8.02 8.42 62.92
N LEU J 156 -8.28 8.79 61.67
CA LEU J 156 -7.24 8.80 60.66
C LEU J 156 -6.14 9.78 61.02
N ALA J 157 -6.54 10.99 61.41
CA ALA J 157 -5.57 12.06 61.66
C ALA J 157 -5.08 12.08 63.11
N GLY J 158 -5.65 11.24 63.96
CA GLY J 158 -5.25 11.24 65.36
C GLY J 158 -6.35 10.88 66.35
N ASP J 159 -6.35 11.52 67.51
CA ASP J 159 -7.32 11.21 68.57
C ASP J 159 -8.60 12.02 68.41
N PHE J 160 -8.73 12.70 67.27
CA PHE J 160 -9.88 13.56 67.00
C PHE J 160 -10.48 13.26 65.62
N VAL J 161 -11.81 13.29 65.51
CA VAL J 161 -12.45 13.13 64.20
C VAL J 161 -12.22 14.37 63.33
N SER J 162 -12.06 14.18 62.03
CA SER J 162 -11.77 15.30 61.15
C SER J 162 -12.38 15.12 59.78
N LEU J 163 -12.14 16.07 58.90
CA LEU J 163 -12.60 15.98 57.52
C LEU J 163 -12.16 14.68 56.85
N ALA J 164 -10.98 14.20 57.22
CA ALA J 164 -10.44 12.98 56.61
C ALA J 164 -11.34 11.77 56.81
N ASP J 165 -11.87 11.59 58.02
CA ASP J 165 -12.75 10.46 58.28
C ASP J 165 -14.05 10.59 57.52
N LEU J 166 -14.68 11.76 57.65
CA LEU J 166 -16.00 12.02 57.06
C LEU J 166 -15.98 11.84 55.55
N ALA J 167 -14.84 12.14 54.93
CA ALA J 167 -14.70 12.03 53.48
C ALA J 167 -14.92 10.59 52.97
N HIS J 168 -14.70 9.61 53.84
CA HIS J 168 -14.85 8.20 53.49
C HIS J 168 -16.30 7.72 53.55
N LEU J 169 -17.20 8.54 54.09
CA LEU J 169 -18.57 8.08 54.36
C LEU J 169 -19.44 7.73 53.12
N PRO J 170 -19.50 8.62 52.11
CA PRO J 170 -20.53 8.38 51.10
C PRO J 170 -20.30 7.13 50.26
N PHE J 171 -19.06 6.89 49.83
CA PHE J 171 -18.80 5.75 48.95
C PHE J 171 -18.57 4.45 49.72
N THR J 172 -18.07 4.55 50.95
CA THR J 172 -17.93 3.36 51.78
C THR J 172 -19.31 2.86 52.16
N ASP J 173 -20.26 3.78 52.25
CA ASP J 173 -21.66 3.42 52.49
C ASP J 173 -22.18 2.51 51.38
N TYR J 174 -21.82 2.80 50.13
CA TYR J 174 -22.18 1.94 49.01
C TYR J 174 -21.54 0.57 49.16
N LEU J 175 -20.25 0.58 49.52
CA LEU J 175 -19.45 -0.64 49.65
C LEU J 175 -20.07 -1.68 50.57
N VAL J 176 -20.50 -1.24 51.74
CA VAL J 176 -21.02 -2.16 52.74
C VAL J 176 -22.52 -2.42 52.52
N GLY J 177 -23.13 -1.65 51.62
CA GLY J 177 -24.54 -1.81 51.32
C GLY J 177 -24.83 -2.48 50.00
N PRO J 178 -25.36 -1.70 49.03
CA PRO J 178 -25.81 -2.16 47.72
C PRO J 178 -24.72 -2.83 46.90
N ILE J 179 -23.47 -2.42 47.07
CA ILE J 179 -22.38 -3.03 46.34
C ILE J 179 -22.15 -4.45 46.87
N GLY J 180 -22.50 -4.66 48.13
CA GLY J 180 -22.44 -5.99 48.72
C GLY J 180 -21.05 -6.51 49.00
N LYS J 181 -20.14 -5.61 49.38
CA LYS J 181 -18.78 -6.02 49.74
C LYS J 181 -18.47 -5.56 51.17
N ALA J 182 -19.45 -5.73 52.05
CA ALA J 182 -19.33 -5.35 53.45
C ALA J 182 -18.19 -6.08 54.15
N TYR J 183 -17.86 -7.27 53.68
CA TYR J 183 -16.81 -8.08 54.31
C TYR J 183 -15.45 -7.38 54.30
N MET J 184 -15.21 -6.51 53.31
CA MET J 184 -13.94 -5.80 53.22
C MET J 184 -13.68 -4.90 54.44
N ILE J 185 -14.74 -4.33 54.98
CA ILE J 185 -14.64 -3.52 56.19
C ILE J 185 -14.76 -4.39 57.44
N LYS J 186 -15.74 -5.28 57.43
CA LYS J 186 -16.06 -6.10 58.61
C LYS J 186 -14.91 -7.04 58.99
N ASP J 187 -14.21 -7.59 58.00
CA ASP J 187 -13.17 -8.58 58.27
C ASP J 187 -11.89 -7.96 58.81
N ARG J 188 -11.86 -6.63 58.86
CA ARG J 188 -10.72 -5.92 59.44
C ARG J 188 -11.17 -5.23 60.72
N LYS J 189 -10.75 -5.80 61.85
CA LYS J 189 -11.30 -5.45 63.16
C LYS J 189 -11.29 -3.95 63.46
N HIS J 190 -10.15 -3.32 63.23
CA HIS J 190 -10.00 -1.92 63.58
C HIS J 190 -10.69 -0.98 62.59
N VAL J 191 -10.64 -1.33 61.30
CA VAL J 191 -11.35 -0.56 60.29
C VAL J 191 -12.85 -0.56 60.55
N SER J 192 -13.39 -1.73 60.87
CA SER J 192 -14.82 -1.87 61.10
C SER J 192 -15.26 -1.04 62.31
N ALA J 193 -14.49 -1.10 63.39
CA ALA J 193 -14.80 -0.32 64.59
C ALA J 193 -14.71 1.17 64.29
N TRP J 194 -13.73 1.54 63.47
CA TRP J 194 -13.58 2.91 63.03
C TRP J 194 -14.78 3.31 62.16
N TRP J 195 -15.13 2.42 61.24
CA TRP J 195 -16.31 2.63 60.40
C TRP J 195 -17.59 2.69 61.22
N ASP J 196 -17.74 1.75 62.15
CA ASP J 196 -18.90 1.71 63.03
C ASP J 196 -19.06 3.03 63.78
N ASP J 197 -17.93 3.61 64.18
CA ASP J 197 -17.92 4.86 64.93
C ASP J 197 -18.40 6.04 64.09
N ILE J 198 -17.72 6.29 62.97
CA ILE J 198 -17.97 7.48 62.16
C ILE J 198 -19.32 7.41 61.45
N SER J 199 -19.75 6.20 61.10
CA SER J 199 -21.01 6.01 60.39
C SER J 199 -22.20 6.01 61.36
N SER J 200 -21.93 6.06 62.65
CA SER J 200 -22.99 6.14 63.67
C SER J 200 -23.16 7.56 64.20
N ARG J 201 -22.40 8.50 63.64
CA ARG J 201 -22.55 9.90 64.00
C ARG J 201 -23.89 10.44 63.51
N PRO J 202 -24.56 11.26 64.34
CA PRO J 202 -25.89 11.81 64.01
C PRO J 202 -25.88 12.57 62.69
N ALA J 203 -24.76 13.25 62.39
CA ALA J 203 -24.66 14.04 61.16
C ALA J 203 -24.73 13.18 59.90
N TRP J 204 -24.11 12.00 59.95
CA TRP J 204 -24.13 11.11 58.79
C TRP J 204 -25.52 10.49 58.68
N LYS J 205 -26.09 10.13 59.83
CA LYS J 205 -27.43 9.56 59.88
C LYS J 205 -28.45 10.52 59.27
N GLU J 206 -28.28 11.81 59.51
CA GLU J 206 -29.17 12.81 58.95
C GLU J 206 -28.99 12.99 57.43
N THR J 207 -27.73 13.01 56.97
CA THR J 207 -27.46 13.15 55.54
C THR J 207 -28.09 12.03 54.72
N VAL J 208 -27.90 10.79 55.16
CA VAL J 208 -28.45 9.65 54.45
C VAL J 208 -29.97 9.65 54.53
N ALA J 209 -30.52 9.97 55.69
CA ALA J 209 -31.97 10.01 55.89
C ALA J 209 -32.63 11.06 55.00
N LYS J 210 -31.97 12.19 54.83
CA LYS J 210 -32.58 13.32 54.13
C LYS J 210 -32.32 13.30 52.63
N TYR J 211 -31.19 12.74 52.21
CA TYR J 211 -30.75 12.91 50.84
C TYR J 211 -30.42 11.62 50.09
N SER J 212 -30.94 10.50 50.56
CA SER J 212 -30.83 9.24 49.81
C SER J 212 -31.83 9.19 48.66
#